data_7XVF
#
_entry.id   7XVF
#
_cell.length_a   1.00
_cell.length_b   1.00
_cell.length_c   1.00
_cell.angle_alpha   90.00
_cell.angle_beta   90.00
_cell.angle_gamma   90.00
#
_symmetry.space_group_name_H-M   'P 1'
#
loop_
_entity.id
_entity.type
_entity.pdbx_description
1 polymer 'Sodium channel protein type 9 subunit alpha'
2 polymer 'Sodium channel subunit beta-1'
3 polymer 'Sodium channel subunit beta-2'
4 branched 2-acetamido-2-deoxy-beta-D-glucopyranose-(1-4)-2-acetamido-2-deoxy-beta-D-glucopyranose
5 non-polymer 2-acetamido-2-deoxy-beta-D-glucopyranose
6 non-polymer 'CHOLESTEROL HEMISUCCINATE'
7 non-polymer CHOLESTEROL
8 non-polymer 1-O-OCTADECYL-SN-GLYCERO-3-PHOSPHOCHOLINE
9 non-polymer '(2S,3R,4E)-2-(acetylamino)-3-hydroxyoctadec-4-en-1-yl dihydrogen phosphate'
10 non-polymer 1,2-DIOLEOYL-SN-GLYCERO-3-PHOSPHOCHOLINE
11 non-polymer O-[(R)-{[(2R)-2,3-bis(octadecanoyloxy)propyl]oxy}(hydroxy)phosphoryl]-L-serine
#
loop_
_entity_poly.entity_id
_entity_poly.type
_entity_poly.pdbx_seq_one_letter_code
_entity_poly.pdbx_strand_id
1 'polypeptide(L)'
;EKGGGARGGSGGGSWSHPQFEKGFDYKDDDDKGTMAMLPPPGPQSFVHFTKQSLALIEQRIAERKSKEPKEEKKDDDEEA
PKPSSDLEAGKQLPFIYGDIPPGMVSEPLEDLDPYYADKKTFIVLNKGKTIFRFNATPALYMLSPFSPLRRISIKILVHS
LFSMLIMCTILTNCIFMTMNNPPDWTKNVKYTFTGIYTFESLVKILARGFCVGEFTFLRDPWNWLDFVVIVFAYLTEFVN
LGNVSALRTFRVLRALKTISVIPGLKTIVGALIQSVKKLSDVMILTVFCLSVFALIGLQLFMGNLKHKCFRNSLENNETL
ESIMNTLESEEDFRKYFYYLEGSKDALLCGFSTDSGQCPEGYTCVKIGRNPDYGYTSFDTFSWAFLALFRLMTQDYWENL
YQQTLRAAGKTYMIFFVVVIFLGSFYLINLILAVVAMAYEEQNQANIEEAKQKELEFQQMLDRLKKEQEEAEAIAAAAAE
YTSIRRSRIMGLSESSSETSKLSSKSAKERRNRRKKKNQKKLSSGEEKGDAEKLSKSESEDSIRRKSFHLGVEGHRRAHE
KRLSTPNQSPLSIRGSLFSARRSSRTSLFSFKGRGRDIGSETEFADDEHSIFGDNESRRGSLFVPHRPQERRSSNISQAS
RSPPMLPVNGKMHSAVDCNGVVSLVDGRSALMLPNGQLLPEVIIDKATSDDSGTTNQIHKKRRCSSYLLSEDMLNDPNLR
QRAMSRASILTNTVEELEESRQKCPPWWYRFAHKFLIWNCSPYWIKFKKCIYFIVMDPFVDLAITICIVLNTLFMAMEHH
PMTEEFKNVLAIRNLVFTGIFAAEMVLKLIAMDPYEYFQVGWNIFDSLIVTLSLVELFLADVEGLSVLRSFRLLRVFKLA
KSWPTLNMLIKIIGNSVGAFGNLMLVLFIIVFIFAVVGMQLFGKSYKECVCKINDDCTLPRWHMNDFFHSFLIVFRVLCG
EWIETMWDCMEVAGQAMCLIFYMMVFFIGNLVVLNLFLALLLSSFSSDNLTAIEEDPDANNLQIAVTRIKKGINYVKQTL
REFILKAFSKKPKISREIRQAEDLNTKKENYISNHTLAEMSKGHNFLKEKDKISGFGSSVDKHLMEDSDGQSFIHNPSLT
VTVPIAPGESDLENMNAEELSSDSDSEYSKVRLNRSSSSECSTVDNPLPGEGEEAEAEPMNSDEPEACFTDGCVWRFSCC
QVNIESGKGKIWWNIRKTCYKIVEHSWFESFIVLMILLSSGALAFEDIYIERKKTIKIILEYADKIFTYIFILEMLLKWI
AYGYKTYFTNAWCWLDFLIVDVSLVTLVANTLGYSDLGPIKSLRTLRALRPLRALSRFEGMRVVVNALIGAIPSIMNVLL
VCLIFWLIFSIMGVNLFAGKFYECINTTDGSRFPASQVPNRSECFALMNVSQNVRWKNLKVNFDNVGLGYLSLLQVATFK
GWTIIMYAAVDSVNVDKQPKYEYSLYMYIYFIFFIIFGSFFTLNLFICVIIDNFNQQKKKLGGQDIFMTEEQKKYYNAMK
KLGSKKPQKPIPRPGNKIQGCIFDLVTNQAFDISIMVLICLNMVTMMVEKEGQSQHMTEVLYWINVVFIILFTGECVLKL
ISLRHYYFTVGWNIFDFVVVIISIVGMFLADLIETYFVSPTLFRVIRLARIGRILRLVKGAKGIRTLLFALMMSLPALFN
IGLLLFLVMFIYAIFGMSNFAYVKKEDGINDMFNFETFGNSMICLFQITTSAGWDGLLAPILNSKPPDCDPKKVHPGSSV
EGDCGNPSVGIFYFVSYIIISFLVVVNMYIAVILENFSVATEESTEPLSEDDFEMFYEVWEKFDPDATQFIEFSKLSDFA
AALDPPLLIAKPNKVQLIAMDLPMVSGDRIHCLDILFAFTKRVLGESGEMDSLRSQMEERFMSANPSKVSYEPITTTLKR
KQEDVSATVIQRAYRRYRLRQNVKNISSIYIKDGDRDDDLLNKKDMAFDNVNENSSPEKTDATSSTTSPPSYDSVTKPDK
EKYEQDRTEKEDKGKDSKESKK
;
A
2 'polypeptide(L)'
;MGRLLALVVGAALVSSACGGCVEVDSETEAVYGMTFKILCISCKRRSETNAETFTEWTFRQKGTEEFVKILRYENEVLQL
EEDERFEGRVVWNGSRGTKDLQDLSIFITNVTYNHSGDYECHVYRLLFFENYEHNTSVVKKIHIEVVDKANRDMASIVSE
IMMYVLIVVLTIWLVAEMIYCYKKIAAATETAAQENASEYLAITSESKENCTGVQVAE
;
B
3 'polypeptide(L)'
;MHRDAWLPRPAFSLTGLSLFFSLVPPGRSMEVTVPATLNVLNGSDARLPCTFNSCYTVNHKQFSLNWTYQECNNCSEEMF
LQFRMKIINLKLERFQDRVEFSGNPSKYDVSVMLRNVQPEDEGIYNCYIMNPPDRHRGHGKIHLQVLMEEPPERDSTVAV
IVGASVGGFLAVVILVLMVVKCVRRKKEQKLSTDDLKTEEEGKTDGEGNPDDGAK
;
C
#
loop_
_chem_comp.id
_chem_comp.type
_chem_comp.name
_chem_comp.formula
1PW non-polymer '(2S,3R,4E)-2-(acetylamino)-3-hydroxyoctadec-4-en-1-yl dihydrogen phosphate' 'C20 H40 N O6 P'
CLR non-polymer CHOLESTEROL 'C27 H46 O'
LPE non-polymer 1-O-OCTADECYL-SN-GLYCERO-3-PHOSPHOCHOLINE 'C26 H57 N O6 P 1'
NAG D-saccharide, beta linking 2-acetamido-2-deoxy-beta-D-glucopyranose 'C8 H15 N O6'
P5S non-polymer O-[(R)-{[(2R)-2,3-bis(octadecanoyloxy)propyl]oxy}(hydroxy)phosphoryl]-L-serine 'C42 H82 N O10 P'
PCW non-polymer 1,2-DIOLEOYL-SN-GLYCERO-3-PHOSPHOCHOLINE 'C44 H85 N O8 P 1'
Y01 non-polymer 'CHOLESTEROL HEMISUCCINATE' 'C31 H50 O4'
#
# COMPACT_ATOMS: atom_id res chain seq x y z
N GLY A 42 22.70 61.32 -4.24
CA GLY A 42 23.26 60.28 -5.07
C GLY A 42 23.61 59.04 -4.27
N PRO A 43 24.88 58.60 -4.35
CA PRO A 43 25.33 57.44 -3.58
C PRO A 43 25.20 57.65 -2.08
N GLN A 44 25.70 58.78 -1.58
CA GLN A 44 25.64 59.04 -0.14
C GLN A 44 24.36 59.77 0.24
N SER A 45 23.24 59.07 0.15
CA SER A 45 21.96 59.65 0.55
C SER A 45 21.67 59.39 2.02
N PHE A 46 22.55 58.65 2.68
CA PHE A 46 22.36 58.31 4.08
C PHE A 46 22.61 59.51 4.96
N VAL A 47 21.67 59.82 5.84
CA VAL A 47 21.81 60.95 6.75
C VAL A 47 21.13 60.62 8.08
N HIS A 48 21.75 60.99 9.19
CA HIS A 48 21.22 60.62 10.51
C HIS A 48 19.91 61.29 10.89
N PHE A 49 18.92 60.48 11.29
CA PHE A 49 17.67 61.02 11.78
C PHE A 49 17.90 61.75 13.08
N THR A 50 18.00 63.08 13.03
CA THR A 50 18.07 63.86 14.28
C THR A 50 16.65 64.48 14.51
N LYS A 51 16.32 64.78 15.76
CA LYS A 51 15.02 65.36 16.04
C LYS A 51 14.62 66.34 14.96
N GLN A 52 15.59 67.02 14.37
CA GLN A 52 15.23 68.02 13.37
C GLN A 52 14.52 67.38 12.17
N SER A 53 15.01 66.25 11.66
CA SER A 53 14.30 65.56 10.57
C SER A 53 12.99 64.90 11.01
N LEU A 54 12.86 64.45 12.26
CA LEU A 54 11.55 64.12 12.84
C LEU A 54 10.60 65.32 12.75
N ALA A 55 11.01 66.51 13.22
CA ALA A 55 10.18 67.71 13.18
C ALA A 55 9.81 68.13 11.74
N LEU A 56 10.73 68.00 10.77
CA LEU A 56 10.48 68.27 9.35
C LEU A 56 9.54 67.25 8.69
N ILE A 57 9.51 65.99 9.17
CA ILE A 57 8.51 64.99 8.77
C ILE A 57 7.15 65.34 9.39
N GLU A 58 7.12 65.69 10.67
CA GLU A 58 5.89 66.05 11.38
C GLU A 58 5.24 67.33 10.80
N GLN A 59 6.04 68.34 10.50
CA GLN A 59 5.51 69.54 9.86
C GLN A 59 4.85 69.21 8.53
N ARG A 60 5.51 68.37 7.74
CA ARG A 60 4.95 67.97 6.44
C ARG A 60 3.62 67.25 6.58
N ILE A 61 3.50 66.36 7.55
CA ILE A 61 2.25 65.65 7.79
C ILE A 61 1.14 66.64 8.18
N ALA A 62 1.47 67.61 9.03
CA ALA A 62 0.49 68.62 9.39
C ALA A 62 0.05 69.41 8.17
N GLU A 63 1.00 69.74 7.29
CA GLU A 63 0.65 70.45 6.05
C GLU A 63 -0.29 69.61 5.22
N ARG A 64 0.00 68.31 5.09
CA ARG A 64 -0.88 67.43 4.34
C ARG A 64 -2.28 67.44 4.94
N LYS A 65 -2.37 67.37 6.27
CA LYS A 65 -3.67 67.40 6.93
C LYS A 65 -4.42 68.68 6.63
N SER A 66 -3.74 69.82 6.70
CA SER A 66 -4.38 71.10 6.40
C SER A 66 -4.87 71.13 4.95
N LYS A 67 -4.09 70.58 4.03
CA LYS A 67 -4.50 70.52 2.63
C LYS A 67 -5.76 69.67 2.48
N GLU A 68 -5.80 68.52 3.16
CA GLU A 68 -6.96 67.64 3.11
C GLU A 68 -8.21 68.35 3.66
N PRO A 81 0.88 55.56 -4.78
CA PRO A 81 2.23 55.75 -4.27
C PRO A 81 2.75 54.44 -3.69
N LYS A 82 3.60 53.79 -4.46
CA LYS A 82 4.14 52.54 -4.02
C LYS A 82 5.65 52.71 -3.93
N PRO A 83 6.27 51.99 -2.97
CA PRO A 83 7.67 52.32 -2.78
C PRO A 83 8.67 51.44 -3.49
N SER A 84 9.94 51.83 -3.44
CA SER A 84 10.96 51.10 -4.21
C SER A 84 11.04 49.66 -3.84
N SER A 85 10.67 48.77 -4.74
CA SER A 85 10.64 47.36 -4.35
C SER A 85 12.04 47.06 -4.06
N ASP A 86 12.93 47.82 -4.66
CA ASP A 86 14.33 47.71 -4.40
C ASP A 86 14.58 47.94 -2.96
N LEU A 87 14.47 49.20 -2.52
CA LEU A 87 14.73 49.56 -1.13
C LEU A 87 13.83 48.88 -0.10
N GLU A 88 13.16 47.79 -0.47
CA GLU A 88 12.25 47.10 0.43
C GLU A 88 13.00 46.52 1.62
N ALA A 89 12.36 46.50 2.79
CA ALA A 89 13.04 46.03 3.99
C ALA A 89 13.43 44.57 3.90
N GLY A 90 14.65 44.24 4.34
CA GLY A 90 15.16 42.89 4.19
C GLY A 90 16.10 42.86 3.00
N LYS A 91 15.73 43.53 1.91
CA LYS A 91 16.55 43.58 0.69
C LYS A 91 17.87 44.37 0.83
N GLN A 92 18.87 43.93 0.08
CA GLN A 92 20.18 44.55 0.17
C GLN A 92 20.18 45.93 -0.41
N LEU A 93 21.06 46.78 0.08
CA LEU A 93 21.19 48.10 -0.47
C LEU A 93 21.69 48.01 -1.90
N PRO A 94 21.08 48.78 -2.81
CA PRO A 94 21.59 48.78 -4.19
C PRO A 94 23.00 49.35 -4.25
N PHE A 95 23.85 48.76 -5.08
CA PHE A 95 25.22 49.22 -5.20
C PHE A 95 25.29 50.66 -5.71
N ILE A 96 24.15 51.20 -6.14
CA ILE A 96 24.13 52.56 -6.59
C ILE A 96 24.53 53.48 -5.45
N TYR A 97 24.33 53.05 -4.21
CA TYR A 97 24.65 53.88 -3.07
C TYR A 97 26.04 53.59 -2.59
N GLY A 98 26.61 52.49 -3.07
CA GLY A 98 27.93 52.10 -2.64
C GLY A 98 28.11 51.95 -1.16
N ASP A 99 29.33 52.13 -0.68
CA ASP A 99 29.63 51.91 0.72
C ASP A 99 29.03 52.93 1.69
N ILE A 100 28.81 52.49 2.93
CA ILE A 100 28.22 53.34 3.94
C ILE A 100 29.30 54.04 4.72
N PRO A 101 29.07 55.30 5.14
CA PRO A 101 30.07 55.93 6.00
C PRO A 101 30.21 55.08 7.24
N PRO A 102 31.43 54.86 7.70
CA PRO A 102 31.68 53.99 8.86
C PRO A 102 30.89 54.34 10.13
N GLY A 103 30.36 55.57 10.25
CA GLY A 103 29.58 55.93 11.41
C GLY A 103 28.09 55.85 11.22
N MET A 104 27.65 55.68 9.97
CA MET A 104 26.22 55.64 9.70
C MET A 104 25.63 54.24 9.79
N VAL A 105 26.48 53.22 9.61
CA VAL A 105 26.03 51.85 9.76
C VAL A 105 25.45 51.61 11.13
N SER A 106 24.43 50.75 11.21
CA SER A 106 23.85 50.41 12.50
C SER A 106 23.57 51.64 13.31
N GLU A 107 22.72 52.51 12.78
CA GLU A 107 22.32 53.75 13.47
C GLU A 107 20.99 54.17 12.92
N PRO A 108 20.12 54.73 13.76
CA PRO A 108 18.88 55.26 13.19
C PRO A 108 19.19 56.26 12.09
N LEU A 109 18.96 55.89 10.83
CA LEU A 109 19.17 56.83 9.72
C LEU A 109 17.84 57.27 9.15
N GLU A 110 17.85 58.34 8.36
CA GLU A 110 16.61 58.84 7.75
C GLU A 110 16.11 57.98 6.63
N ASP A 111 14.83 58.10 6.33
CA ASP A 111 14.24 57.26 5.30
C ASP A 111 14.69 57.62 3.91
N LEU A 112 15.16 56.63 3.16
CA LEU A 112 15.56 56.86 1.79
C LEU A 112 14.33 56.96 0.92
N ASP A 113 13.64 55.84 0.70
CA ASP A 113 12.44 55.82 -0.14
C ASP A 113 11.56 57.05 0.05
N PRO A 114 11.21 57.71 -1.05
CA PRO A 114 10.39 58.92 -0.98
C PRO A 114 8.99 58.67 -0.52
N TYR A 115 8.39 57.57 -0.94
CA TYR A 115 7.02 57.29 -0.59
C TYR A 115 6.85 57.56 0.88
N TYR A 116 7.73 57.00 1.72
CA TYR A 116 7.62 57.15 3.17
C TYR A 116 8.28 58.43 3.68
N ALA A 117 9.05 59.12 2.86
CA ALA A 117 9.77 60.31 3.32
C ALA A 117 8.85 61.29 4.02
N ASP A 118 7.59 61.30 3.65
CA ASP A 118 6.64 62.17 4.28
C ASP A 118 6.09 61.53 5.52
N LYS A 119 5.66 60.27 5.45
CA LYS A 119 5.21 59.61 6.69
C LYS A 119 6.33 59.46 7.71
N LYS A 120 5.99 59.05 8.93
CA LYS A 120 7.04 59.00 9.98
C LYS A 120 7.74 57.65 10.15
N THR A 121 9.03 57.60 9.84
CA THR A 121 9.80 56.35 9.87
C THR A 121 11.28 56.54 10.05
N PHE A 122 12.01 55.49 10.37
CA PHE A 122 13.47 55.56 10.43
C PHE A 122 14.08 54.23 9.99
N ILE A 123 15.06 54.27 9.10
CA ILE A 123 15.64 53.05 8.57
C ILE A 123 17.02 52.81 9.15
N VAL A 124 17.42 51.56 9.27
CA VAL A 124 18.73 51.22 9.83
C VAL A 124 19.37 50.15 8.97
N LEU A 125 20.67 50.25 8.73
CA LEU A 125 21.33 49.32 7.85
C LEU A 125 22.45 48.61 8.54
N ASN A 126 22.54 47.31 8.33
CA ASN A 126 23.58 46.53 8.97
C ASN A 126 24.84 46.47 8.13
N LYS A 127 25.91 45.94 8.70
CA LYS A 127 27.18 45.83 7.97
C LYS A 127 27.07 44.84 6.82
N GLY A 128 25.86 44.60 6.34
CA GLY A 128 25.68 43.67 5.24
C GLY A 128 24.72 44.36 4.31
N LYS A 129 24.56 45.68 4.47
CA LYS A 129 23.63 46.47 3.65
C LYS A 129 22.21 45.90 3.64
N THR A 130 21.75 45.42 4.79
CA THR A 130 20.36 44.95 4.88
C THR A 130 19.47 46.07 5.36
N ILE A 131 18.42 46.38 4.60
CA ILE A 131 17.55 47.50 4.94
C ILE A 131 16.49 47.13 5.96
N PHE A 132 16.45 47.85 7.08
CA PHE A 132 15.47 47.58 8.14
C PHE A 132 14.66 48.83 8.42
N ARG A 133 13.34 48.78 8.21
CA ARG A 133 12.50 49.96 8.40
C ARG A 133 11.72 49.89 9.70
N PHE A 134 11.72 50.98 10.47
CA PHE A 134 11.03 50.99 11.75
C PHE A 134 10.04 52.14 11.85
N ASN A 135 9.45 52.32 13.03
CA ASN A 135 8.48 53.38 13.22
C ASN A 135 9.08 54.51 14.06
N ALA A 136 9.04 55.73 13.52
CA ALA A 136 9.58 56.89 14.23
C ALA A 136 8.80 57.20 15.51
N THR A 137 7.52 56.87 15.52
CA THR A 137 6.70 57.11 16.70
C THR A 137 7.23 56.35 17.89
N PRO A 138 7.47 57.04 19.01
CA PRO A 138 7.92 56.35 20.22
C PRO A 138 6.93 55.29 20.68
N ALA A 139 7.41 54.08 20.97
CA ALA A 139 6.53 53.00 21.40
C ALA A 139 5.87 53.39 22.69
N LEU A 140 4.54 53.47 22.68
CA LEU A 140 3.80 53.90 23.87
C LEU A 140 4.39 55.20 24.38
N TYR A 141 4.91 56.02 23.47
CA TYR A 141 5.55 57.28 23.84
C TYR A 141 6.41 57.16 25.10
N MET A 142 7.36 56.21 25.10
CA MET A 142 8.24 56.11 26.24
C MET A 142 9.62 56.61 25.85
N LEU A 143 10.23 55.97 24.85
CA LEU A 143 11.53 56.40 24.36
C LEU A 143 11.47 56.67 22.86
N SER A 144 12.27 57.60 22.36
CA SER A 144 12.18 58.00 20.94
C SER A 144 13.24 57.39 19.97
N PRO A 145 13.19 57.68 18.63
CA PRO A 145 14.20 57.17 17.69
C PRO A 145 15.57 57.79 17.94
N PHE A 146 15.73 58.47 19.07
CA PHE A 146 17.01 59.08 19.44
C PHE A 146 17.46 58.48 20.75
N SER A 147 16.54 57.89 21.51
CA SER A 147 16.87 57.29 22.80
C SER A 147 17.94 56.22 22.64
N PRO A 148 19.08 56.32 23.39
CA PRO A 148 20.14 55.34 23.10
C PRO A 148 19.72 53.87 23.13
N LEU A 149 18.71 53.56 23.93
CA LEU A 149 18.31 52.16 24.07
C LEU A 149 17.83 51.58 22.75
N ARG A 150 17.04 52.33 22.00
CA ARG A 150 16.55 51.85 20.71
C ARG A 150 17.70 51.62 19.73
N ARG A 151 18.68 52.50 19.74
CA ARG A 151 19.86 52.32 18.90
C ARG A 151 20.53 51.01 19.25
N ILE A 152 20.75 50.80 20.55
CA ILE A 152 21.39 49.56 20.98
C ILE A 152 20.58 48.37 20.49
N SER A 153 19.26 48.43 20.63
CA SER A 153 18.39 47.38 20.13
C SER A 153 18.68 47.08 18.72
N ILE A 154 18.53 48.07 17.85
CA ILE A 154 18.69 47.78 16.43
C ILE A 154 20.05 47.11 16.22
N LYS A 155 21.10 47.71 16.78
CA LYS A 155 22.44 47.15 16.59
C LYS A 155 22.49 45.67 16.92
N ILE A 156 22.15 45.31 18.16
CA ILE A 156 22.27 43.91 18.58
C ILE A 156 21.34 42.99 17.77
N LEU A 157 20.16 43.46 17.43
CA LEU A 157 19.20 42.69 16.65
C LEU A 157 19.75 42.33 15.27
N VAL A 158 20.40 43.28 14.62
CA VAL A 158 20.83 42.97 13.24
C VAL A 158 22.20 42.26 13.13
N HIS A 159 23.01 42.21 14.18
CA HIS A 159 24.35 41.64 14.13
C HIS A 159 24.27 40.20 13.70
N SER A 160 25.28 39.61 13.08
CA SER A 160 25.03 38.20 12.73
C SER A 160 24.86 37.38 14.01
N LEU A 161 25.53 37.78 15.08
CA LEU A 161 25.37 37.08 16.36
C LEU A 161 23.92 36.84 16.73
N PHE A 162 23.05 37.84 16.68
CA PHE A 162 21.68 37.61 17.11
C PHE A 162 21.08 36.39 16.44
N SER A 163 21.04 36.41 15.12
CA SER A 163 20.35 35.28 14.49
C SER A 163 21.13 34.00 14.68
N MET A 164 22.46 34.00 14.63
CA MET A 164 23.09 32.71 14.92
C MET A 164 22.68 32.18 16.28
N LEU A 165 22.75 32.98 17.35
CA LEU A 165 22.32 32.55 18.67
C LEU A 165 20.91 32.00 18.64
N ILE A 166 19.94 32.71 18.08
CA ILE A 166 18.57 32.20 18.13
C ILE A 166 18.46 30.80 17.49
N MET A 167 19.02 30.62 16.30
CA MET A 167 18.80 29.31 15.69
C MET A 167 19.54 28.18 16.42
N CYS A 168 20.71 28.43 16.97
CA CYS A 168 21.44 27.53 17.85
C CYS A 168 20.54 27.02 18.96
N THR A 169 19.97 28.02 19.64
CA THR A 169 19.06 27.82 20.75
C THR A 169 17.95 26.88 20.31
N ILE A 170 17.29 27.24 19.21
CA ILE A 170 16.21 26.39 18.69
C ILE A 170 16.65 24.94 18.49
N LEU A 171 17.78 24.75 17.83
CA LEU A 171 18.28 23.39 17.61
C LEU A 171 18.56 22.59 18.90
N THR A 172 19.20 23.24 19.88
CA THR A 172 19.42 22.51 21.13
C THR A 172 18.10 22.26 21.88
N ASN A 173 17.13 23.16 21.75
CA ASN A 173 15.82 22.96 22.36
C ASN A 173 15.20 21.75 21.73
N CYS A 174 15.34 21.58 20.42
CA CYS A 174 14.82 20.38 19.77
C CYS A 174 15.49 19.14 20.35
N ILE A 175 16.79 19.10 20.44
CA ILE A 175 17.39 17.90 21.02
C ILE A 175 16.79 17.61 22.41
N PHE A 176 16.39 18.61 23.16
CA PHE A 176 15.83 18.36 24.50
C PHE A 176 14.37 17.93 24.46
N MET A 177 13.69 18.16 23.35
CA MET A 177 12.29 17.73 23.20
C MET A 177 12.25 16.28 22.77
N THR A 178 13.30 15.83 22.16
CA THR A 178 13.24 14.49 21.67
C THR A 178 13.43 13.58 22.89
N MET A 179 13.63 14.19 24.06
CA MET A 179 13.82 13.44 25.30
C MET A 179 12.54 12.84 25.84
N ASN A 180 12.46 11.50 25.83
CA ASN A 180 11.30 10.84 26.42
C ASN A 180 11.41 10.99 27.93
N ASN A 181 12.61 10.77 28.46
CA ASN A 181 12.84 10.93 29.90
C ASN A 181 14.03 11.84 30.17
N PRO A 182 13.77 13.13 30.40
CA PRO A 182 14.84 14.08 30.69
C PRO A 182 15.26 14.09 32.16
N PRO A 183 16.54 14.37 32.45
CA PRO A 183 17.02 14.44 33.84
C PRO A 183 16.61 15.70 34.60
N ASP A 184 17.28 16.00 35.69
CA ASP A 184 16.87 17.16 36.51
C ASP A 184 17.52 18.45 36.07
N TRP A 185 18.73 18.42 35.55
CA TRP A 185 19.33 19.65 35.05
C TRP A 185 18.56 20.16 33.86
N THR A 186 17.64 19.36 33.36
CA THR A 186 16.92 19.78 32.18
C THR A 186 15.95 20.91 32.54
N LYS A 187 15.46 20.99 33.77
CA LYS A 187 14.63 22.14 34.13
C LYS A 187 15.46 23.41 34.05
N ASN A 188 16.73 23.34 34.45
CA ASN A 188 17.60 24.50 34.38
C ASN A 188 17.77 24.94 32.94
N VAL A 189 17.96 23.98 32.04
CA VAL A 189 18.20 24.35 30.64
C VAL A 189 16.90 24.87 30.05
N LYS A 190 15.73 24.41 30.50
CA LYS A 190 14.48 24.96 30.03
C LYS A 190 14.39 26.42 30.46
N TYR A 191 14.73 26.69 31.71
CA TYR A 191 14.75 28.06 32.17
C TYR A 191 15.60 28.85 31.24
N THR A 192 16.82 28.38 31.00
CA THR A 192 17.75 29.09 30.13
C THR A 192 17.05 29.41 28.84
N PHE A 193 16.56 28.41 28.12
CA PHE A 193 15.86 28.63 26.86
C PHE A 193 14.81 29.71 26.95
N THR A 194 13.83 29.58 27.83
CA THR A 194 12.74 30.56 27.96
C THR A 194 13.25 31.97 28.18
N GLY A 195 14.27 32.09 29.00
CA GLY A 195 14.86 33.39 29.26
C GLY A 195 15.45 33.96 27.98
N ILE A 196 16.29 33.21 27.27
CA ILE A 196 16.84 33.68 26.00
C ILE A 196 15.75 34.14 25.03
N TYR A 197 14.75 33.30 24.83
CA TYR A 197 13.66 33.64 23.92
C TYR A 197 12.90 34.87 24.38
N THR A 198 12.64 34.96 25.68
CA THR A 198 11.93 36.11 26.22
C THR A 198 12.74 37.38 25.99
N PHE A 199 14.04 37.29 26.18
CA PHE A 199 14.93 38.44 25.98
C PHE A 199 14.91 38.88 24.52
N GLU A 200 14.92 37.91 23.62
CA GLU A 200 14.89 38.21 22.20
C GLU A 200 13.59 38.91 21.86
N SER A 201 12.50 38.43 22.46
CA SER A 201 11.18 39.03 22.22
C SER A 201 11.17 40.47 22.72
N LEU A 202 11.76 40.70 23.88
CA LEU A 202 11.81 42.04 24.44
C LEU A 202 12.60 42.96 23.52
N VAL A 203 13.69 42.43 22.97
CA VAL A 203 14.53 43.21 22.07
C VAL A 203 13.73 43.58 20.82
N LYS A 204 12.96 42.63 20.31
CA LYS A 204 12.13 42.87 19.12
C LYS A 204 11.07 43.93 19.40
N ILE A 205 10.46 43.85 20.58
CA ILE A 205 9.43 44.80 20.98
C ILE A 205 10.03 46.19 21.25
N LEU A 206 11.33 46.24 21.53
CA LEU A 206 11.98 47.53 21.70
C LEU A 206 12.06 48.23 20.36
N ALA A 207 12.82 47.66 19.44
CA ALA A 207 13.04 48.30 18.14
C ALA A 207 11.75 48.65 17.42
N ARG A 208 10.82 47.71 17.33
CA ARG A 208 9.60 47.94 16.57
C ARG A 208 8.49 48.64 17.35
N GLY A 209 8.49 48.48 18.67
CA GLY A 209 7.46 49.08 19.51
C GLY A 209 6.39 48.06 19.89
N PHE A 210 5.41 48.49 20.67
CA PHE A 210 4.31 47.59 21.02
C PHE A 210 3.01 48.04 20.37
N CYS A 211 2.62 47.37 19.30
CA CYS A 211 1.38 47.70 18.58
C CYS A 211 1.16 49.21 18.44
N VAL A 212 2.20 49.94 18.06
CA VAL A 212 2.09 51.40 17.94
C VAL A 212 1.69 51.82 16.54
N GLY A 213 2.52 51.49 15.54
CA GLY A 213 2.25 51.90 14.18
C GLY A 213 2.25 50.77 13.18
N GLU A 214 2.46 51.09 11.90
CA GLU A 214 2.49 50.07 10.85
C GLU A 214 3.58 49.04 11.09
N PHE A 215 4.77 49.51 11.50
CA PHE A 215 5.87 48.59 11.74
C PHE A 215 6.07 48.40 13.23
N THR A 216 5.52 47.31 13.76
CA THR A 216 5.63 47.05 15.19
C THR A 216 5.79 45.55 15.47
N PHE A 217 6.26 45.19 16.66
CA PHE A 217 6.41 43.78 17.03
C PHE A 217 5.19 42.93 16.70
N LEU A 218 4.03 43.28 17.23
CA LEU A 218 2.84 42.45 17.02
C LEU A 218 2.37 42.36 15.57
N ARG A 219 2.72 43.35 14.74
CA ARG A 219 2.25 43.35 13.35
C ARG A 219 2.76 42.15 12.57
N ASP A 220 4.01 41.75 12.81
CA ASP A 220 4.55 40.57 12.15
C ASP A 220 4.00 39.31 12.81
N PRO A 221 3.41 38.37 12.03
CA PRO A 221 2.80 37.22 12.74
C PRO A 221 3.78 36.23 13.37
N TRP A 222 5.01 36.15 12.88
CA TRP A 222 6.02 35.28 13.47
C TRP A 222 6.32 35.76 14.87
N ASN A 223 6.42 37.07 15.01
CA ASN A 223 6.65 37.66 16.31
C ASN A 223 5.47 37.38 17.23
N TRP A 224 4.25 37.44 16.69
CA TRP A 224 3.07 37.12 17.48
C TRP A 224 3.15 35.69 17.99
N LEU A 225 3.56 34.77 17.13
CA LEU A 225 3.73 33.38 17.53
C LEU A 225 4.73 33.27 18.66
N ASP A 226 5.88 33.93 18.53
CA ASP A 226 6.88 33.87 19.58
C ASP A 226 6.32 34.43 20.88
N PHE A 227 5.59 35.54 20.77
CA PHE A 227 4.99 36.15 21.94
C PHE A 227 3.96 35.21 22.56
N VAL A 228 3.18 34.56 21.72
CA VAL A 228 2.17 33.62 22.20
C VAL A 228 2.84 32.46 22.91
N VAL A 229 3.94 31.98 22.35
CA VAL A 229 4.67 30.88 22.95
C VAL A 229 5.22 31.28 24.32
N ILE A 230 5.73 32.50 24.41
CA ILE A 230 6.28 32.99 25.67
C ILE A 230 5.21 33.11 26.75
N VAL A 231 4.02 33.56 26.35
CA VAL A 231 2.92 33.74 27.29
C VAL A 231 2.46 32.38 27.80
N PHE A 232 2.36 31.40 26.92
CA PHE A 232 1.93 30.07 27.35
C PHE A 232 2.91 29.47 28.34
N ALA A 233 4.20 29.64 28.07
CA ALA A 233 5.23 29.11 28.96
C ALA A 233 5.15 29.78 30.33
N TYR A 234 4.94 31.09 30.33
CA TYR A 234 4.83 31.84 31.58
C TYR A 234 3.62 31.37 32.36
N LEU A 235 2.51 31.18 31.64
CA LEU A 235 1.26 30.79 32.25
C LEU A 235 1.33 29.43 32.92
N THR A 236 1.98 28.48 32.26
CA THR A 236 2.08 27.14 32.83
C THR A 236 2.85 27.12 34.14
N GLU A 237 3.96 27.86 34.19
CA GLU A 237 4.77 27.90 35.41
C GLU A 237 4.09 28.51 36.64
N PHE A 238 3.41 29.64 36.47
CA PHE A 238 2.75 30.28 37.60
C PHE A 238 1.64 29.40 38.17
N VAL A 239 0.80 28.90 37.28
CA VAL A 239 -0.30 28.01 37.62
C VAL A 239 -0.29 26.85 36.64
N ASN A 243 -3.27 21.19 31.03
CA ASN A 243 -2.56 21.46 29.78
C ASN A 243 -1.05 21.45 29.92
N VAL A 244 -0.38 20.75 29.02
CA VAL A 244 1.08 20.68 29.04
C VAL A 244 1.54 20.04 27.73
N SER A 245 0.81 19.01 27.29
CA SER A 245 1.16 18.37 26.04
C SER A 245 0.97 19.39 24.92
N ALA A 246 -0.14 20.13 25.02
CA ALA A 246 -0.47 21.17 24.05
C ALA A 246 0.54 22.32 24.07
N LEU A 247 0.96 22.71 25.27
CA LEU A 247 1.92 23.80 25.43
C LEU A 247 3.26 23.49 24.79
N ARG A 248 3.71 22.25 24.93
CA ARG A 248 4.99 21.85 24.35
C ARG A 248 4.81 21.68 22.85
N THR A 249 3.61 21.33 22.44
CA THR A 249 3.34 21.23 21.01
C THR A 249 3.53 22.63 20.46
N PHE A 250 2.96 23.63 21.10
CA PHE A 250 3.15 25.01 20.63
C PHE A 250 4.63 25.40 20.57
N ARG A 251 5.45 24.87 21.47
CA ARG A 251 6.87 25.19 21.49
C ARG A 251 7.59 24.72 20.22
N VAL A 252 7.61 23.41 19.97
CA VAL A 252 8.28 22.86 18.80
C VAL A 252 8.01 23.69 17.55
N LEU A 253 6.80 24.24 17.44
CA LEU A 253 6.39 24.79 16.16
C LEU A 253 7.35 25.85 15.66
N ARG A 254 8.00 26.54 16.59
CA ARG A 254 8.93 27.62 16.22
C ARG A 254 9.85 27.21 15.09
N ALA A 255 10.30 25.96 15.09
CA ALA A 255 11.23 25.50 14.06
C ALA A 255 10.65 25.73 12.67
N LEU A 256 9.40 25.31 12.46
CA LEU A 256 8.77 25.44 11.15
C LEU A 256 8.99 26.81 10.51
N LYS A 257 8.59 27.89 11.19
CA LYS A 257 8.70 29.22 10.59
C LYS A 257 10.10 29.81 10.67
N THR A 258 10.87 29.46 11.70
CA THR A 258 12.20 30.04 11.87
C THR A 258 13.28 29.40 10.98
N ILE A 259 13.01 28.20 10.46
CA ILE A 259 14.01 27.52 9.63
C ILE A 259 13.62 27.55 8.15
N SER A 260 12.34 27.80 7.85
CA SER A 260 11.92 27.92 6.46
C SER A 260 12.47 29.19 5.84
N VAL A 261 12.95 30.11 6.67
CA VAL A 261 13.49 31.38 6.19
C VAL A 261 14.85 31.22 5.49
N ILE A 262 15.58 30.16 5.77
CA ILE A 262 16.92 29.98 5.19
C ILE A 262 16.85 29.81 3.66
N PRO A 263 17.90 30.28 2.95
CA PRO A 263 17.89 30.22 1.48
C PRO A 263 17.71 28.82 0.90
N GLY A 264 16.93 28.71 -0.18
CA GLY A 264 16.70 27.41 -0.80
C GLY A 264 15.42 26.78 -0.31
N LEU A 265 15.25 26.71 0.99
CA LEU A 265 14.06 26.14 1.56
C LEU A 265 12.84 26.94 1.17
N LYS A 266 12.97 28.26 1.08
CA LYS A 266 11.82 29.11 0.81
C LYS A 266 11.12 28.78 -0.51
N THR A 267 11.88 28.53 -1.58
CA THR A 267 11.28 28.17 -2.87
C THR A 267 10.44 26.90 -2.76
N ILE A 268 11.00 25.87 -2.13
CA ILE A 268 10.28 24.62 -1.94
C ILE A 268 9.02 24.87 -1.10
N VAL A 269 9.12 25.70 -0.07
CA VAL A 269 7.97 26.01 0.77
C VAL A 269 6.88 26.66 -0.06
N GLY A 270 7.26 27.61 -0.92
CA GLY A 270 6.29 28.26 -1.79
C GLY A 270 5.63 27.29 -2.74
N ALA A 271 6.40 26.38 -3.33
CA ALA A 271 5.79 25.36 -4.18
C ALA A 271 4.84 24.48 -3.39
N LEU A 272 5.16 24.22 -2.13
CA LEU A 272 4.32 23.40 -1.27
C LEU A 272 3.03 24.14 -0.92
N ILE A 273 3.13 25.41 -0.59
CA ILE A 273 1.95 26.22 -0.28
C ILE A 273 1.03 26.33 -1.48
N GLN A 274 1.61 26.58 -2.66
CA GLN A 274 0.80 26.71 -3.88
C GLN A 274 0.09 25.42 -4.22
N SER A 275 0.72 24.28 -3.94
CA SER A 275 0.11 22.98 -4.21
C SER A 275 -1.15 22.81 -3.38
N VAL A 276 -1.07 23.14 -2.10
CA VAL A 276 -2.23 23.02 -1.21
C VAL A 276 -3.39 23.91 -1.66
N LYS A 277 -3.07 25.14 -2.06
CA LYS A 277 -4.10 26.06 -2.51
C LYS A 277 -4.77 25.65 -3.82
N LYS A 278 -4.04 24.94 -4.67
CA LYS A 278 -4.58 24.50 -5.95
C LYS A 278 -5.29 23.15 -5.88
N LEU A 279 -5.14 22.44 -4.77
CA LEU A 279 -5.75 21.12 -4.62
C LEU A 279 -7.19 21.18 -4.14
N SER A 280 -7.75 22.37 -4.01
CA SER A 280 -9.10 22.52 -3.47
C SER A 280 -10.17 21.73 -4.23
N ASP A 281 -10.28 21.96 -5.53
CA ASP A 281 -11.32 21.30 -6.32
C ASP A 281 -11.13 19.80 -6.30
N VAL A 282 -9.89 19.36 -6.40
CA VAL A 282 -9.60 17.93 -6.42
C VAL A 282 -10.07 17.30 -5.12
N MET A 283 -9.81 17.94 -3.99
CA MET A 283 -10.25 17.41 -2.70
C MET A 283 -11.77 17.35 -2.58
N ILE A 284 -12.47 18.36 -3.09
CA ILE A 284 -13.92 18.31 -3.09
C ILE A 284 -14.41 17.14 -3.92
N LEU A 285 -13.81 16.95 -5.09
CA LEU A 285 -14.19 15.83 -5.93
C LEU A 285 -13.97 14.55 -5.18
N THR A 286 -12.83 14.42 -4.51
CA THR A 286 -12.50 13.21 -3.79
C THR A 286 -13.57 12.94 -2.75
N VAL A 287 -13.90 13.95 -1.94
CA VAL A 287 -14.92 13.77 -0.92
C VAL A 287 -16.21 13.28 -1.55
N PHE A 288 -16.69 13.95 -2.59
CA PHE A 288 -17.95 13.56 -3.22
C PHE A 288 -17.91 12.12 -3.70
N CYS A 289 -16.90 11.78 -4.48
CA CYS A 289 -16.78 10.43 -5.02
C CYS A 289 -16.73 9.40 -3.92
N LEU A 290 -15.86 9.63 -2.94
CA LEU A 290 -15.74 8.71 -1.83
C LEU A 290 -17.07 8.57 -1.14
N SER A 291 -17.80 9.66 -0.92
CA SER A 291 -19.12 9.61 -0.29
C SER A 291 -20.08 8.72 -1.05
N VAL A 292 -20.17 8.89 -2.35
CA VAL A 292 -21.05 8.07 -3.19
C VAL A 292 -20.65 6.61 -3.09
N PHE A 293 -19.36 6.33 -3.16
CA PHE A 293 -18.91 4.95 -3.09
C PHE A 293 -19.24 4.35 -1.74
N ALA A 294 -19.15 5.12 -0.67
CA ALA A 294 -19.45 4.65 0.68
C ALA A 294 -20.93 4.36 0.81
N LEU A 295 -21.76 5.21 0.23
CA LEU A 295 -23.18 4.98 0.24
C LEU A 295 -23.50 3.70 -0.51
N ILE A 296 -22.77 3.42 -1.59
CA ILE A 296 -22.96 2.14 -2.29
C ILE A 296 -22.51 0.96 -1.43
N GLY A 297 -21.35 1.08 -0.76
CA GLY A 297 -20.80 -0.01 0.03
C GLY A 297 -21.60 -0.29 1.26
N LEU A 298 -22.15 0.77 1.85
CA LEU A 298 -22.99 0.63 3.03
C LEU A 298 -24.23 -0.18 2.69
N GLN A 299 -24.88 0.14 1.58
CA GLN A 299 -26.05 -0.61 1.15
C GLN A 299 -25.73 -2.09 0.97
N LEU A 300 -24.67 -2.39 0.24
CA LEU A 300 -24.32 -3.78 -0.05
C LEU A 300 -23.74 -4.55 1.13
N PHE A 301 -22.91 -3.93 1.96
CA PHE A 301 -22.22 -4.66 3.03
C PHE A 301 -22.52 -4.24 4.46
N MET A 302 -23.69 -3.69 4.73
CA MET A 302 -24.06 -3.34 6.09
C MET A 302 -24.28 -4.58 6.94
N GLY A 303 -23.51 -4.73 8.01
CA GLY A 303 -23.66 -5.87 8.88
C GLY A 303 -22.96 -7.14 8.46
N ASN A 304 -22.39 -7.16 7.26
CA ASN A 304 -21.75 -8.37 6.73
C ASN A 304 -20.47 -8.76 7.47
N LEU A 305 -19.76 -7.78 8.03
CA LEU A 305 -18.51 -8.08 8.72
C LEU A 305 -18.75 -8.52 10.15
N LYS A 306 -20.01 -8.78 10.52
CA LYS A 306 -20.33 -9.29 11.84
C LYS A 306 -20.71 -10.75 11.74
N HIS A 307 -20.60 -11.33 10.54
CA HIS A 307 -20.89 -12.74 10.36
C HIS A 307 -19.82 -13.59 11.02
N LYS A 308 -20.24 -14.57 11.83
CA LYS A 308 -19.30 -15.41 12.55
C LYS A 308 -19.74 -16.86 12.54
N CYS A 309 -18.89 -17.75 13.04
CA CYS A 309 -19.22 -19.16 13.07
C CYS A 309 -19.57 -19.58 14.48
N PHE A 310 -20.84 -19.91 14.73
CA PHE A 310 -21.26 -20.24 16.09
C PHE A 310 -21.59 -21.71 16.32
N ARG A 311 -21.12 -22.28 17.44
CA ARG A 311 -21.39 -23.67 17.77
C ARG A 311 -22.84 -24.06 17.66
N ASN A 312 -23.10 -25.18 16.97
CA ASN A 312 -24.47 -25.70 16.82
C ASN A 312 -24.85 -26.55 18.00
N SER A 313 -23.86 -27.11 18.68
CA SER A 313 -24.14 -27.95 19.82
C SER A 313 -23.74 -27.12 20.99
N LEU A 314 -24.65 -26.99 21.94
CA LEU A 314 -24.42 -26.09 23.05
C LEU A 314 -24.76 -26.73 24.37
N GLU A 315 -24.19 -26.20 25.44
CA GLU A 315 -24.51 -26.71 26.76
C GLU A 315 -25.98 -26.40 26.90
N ASN A 316 -26.72 -27.23 27.61
CA ASN A 316 -28.18 -27.08 27.60
C ASN A 316 -28.68 -25.76 28.12
N ASN A 317 -29.74 -25.25 27.49
CA ASN A 317 -30.30 -23.94 27.84
C ASN A 317 -29.35 -22.76 27.68
N GLU A 318 -28.51 -22.80 26.65
CA GLU A 318 -27.64 -21.66 26.38
C GLU A 318 -27.95 -21.09 25.00
N THR A 319 -28.78 -20.06 24.94
CA THR A 319 -29.16 -19.44 23.67
C THR A 319 -28.07 -18.45 23.30
N LEU A 320 -27.98 -18.09 22.03
CA LEU A 320 -26.96 -17.14 21.61
C LEU A 320 -27.00 -15.88 22.46
N GLU A 321 -28.18 -15.40 22.84
CA GLU A 321 -28.31 -14.19 23.65
C GLU A 321 -27.62 -14.33 25.00
N SER A 322 -27.93 -15.40 25.72
CA SER A 322 -27.29 -15.65 27.00
C SER A 322 -25.78 -15.77 26.81
N ILE A 323 -25.39 -16.46 25.75
CA ILE A 323 -23.98 -16.65 25.50
C ILE A 323 -23.30 -15.29 25.36
N MET A 324 -23.86 -14.40 24.56
CA MET A 324 -23.28 -13.08 24.34
C MET A 324 -23.24 -12.27 25.62
N ASN A 325 -24.29 -12.36 26.44
CA ASN A 325 -24.35 -11.58 27.67
C ASN A 325 -23.21 -11.96 28.61
N THR A 326 -22.72 -13.19 28.51
CA THR A 326 -21.67 -13.64 29.43
C THR A 326 -20.26 -13.48 28.87
N LEU A 327 -20.06 -13.79 27.59
CA LEU A 327 -18.71 -13.76 27.02
C LEU A 327 -18.03 -12.40 27.05
N GLU A 328 -16.82 -12.35 27.61
CA GLU A 328 -16.06 -11.09 27.65
C GLU A 328 -14.62 -11.31 27.18
N SER A 329 -13.97 -12.36 27.67
CA SER A 329 -12.57 -12.63 27.32
C SER A 329 -12.39 -13.32 25.98
N GLU A 330 -11.20 -13.20 25.40
CA GLU A 330 -10.90 -13.84 24.12
C GLU A 330 -11.10 -15.34 24.20
N GLU A 331 -10.58 -15.97 25.25
CA GLU A 331 -10.71 -17.42 25.41
C GLU A 331 -12.17 -17.82 25.58
N ASP A 332 -12.97 -16.98 26.20
CA ASP A 332 -14.39 -17.26 26.34
C ASP A 332 -15.04 -17.32 24.98
N PHE A 333 -14.66 -16.41 24.09
CA PHE A 333 -15.23 -16.38 22.75
C PHE A 333 -14.76 -17.54 21.88
N ARG A 334 -13.49 -17.92 21.97
CA ARG A 334 -12.98 -19.08 21.21
C ARG A 334 -13.79 -20.30 21.56
N LYS A 335 -14.15 -20.43 22.83
CA LYS A 335 -15.00 -21.54 23.25
C LYS A 335 -16.32 -21.54 22.52
N TYR A 336 -16.93 -20.36 22.26
CA TYR A 336 -18.23 -20.46 21.50
C TYR A 336 -18.23 -20.20 19.97
N PHE A 337 -17.31 -19.43 19.43
CA PHE A 337 -17.18 -19.10 18.02
C PHE A 337 -15.93 -19.78 17.49
N TYR A 338 -15.73 -19.80 16.19
CA TYR A 338 -14.58 -20.42 15.56
C TYR A 338 -13.52 -19.45 15.19
N TYR A 339 -12.33 -19.63 15.70
CA TYR A 339 -11.25 -18.73 15.42
C TYR A 339 -10.09 -19.53 14.89
N LEU A 340 -9.42 -19.01 13.87
CA LEU A 340 -8.22 -19.67 13.38
C LEU A 340 -7.09 -19.48 14.36
N GLU A 341 -6.09 -20.36 14.32
CA GLU A 341 -4.97 -20.24 15.25
C GLU A 341 -4.20 -18.96 15.03
N GLY A 342 -3.93 -18.24 16.12
CA GLY A 342 -3.22 -16.97 16.02
C GLY A 342 -4.05 -15.85 15.44
N SER A 343 -5.34 -15.82 15.78
CA SER A 343 -6.22 -14.78 15.28
C SER A 343 -6.96 -14.10 16.41
N LYS A 344 -6.96 -12.78 16.43
CA LYS A 344 -7.66 -12.06 17.46
C LYS A 344 -9.10 -11.91 17.15
N ASP A 345 -9.46 -12.09 15.90
CA ASP A 345 -10.82 -11.99 15.45
C ASP A 345 -11.37 -13.36 15.11
N ALA A 346 -12.68 -13.49 14.99
CA ALA A 346 -13.28 -14.75 14.63
C ALA A 346 -13.31 -14.89 13.14
N LEU A 347 -13.56 -16.10 12.66
CA LEU A 347 -13.55 -16.32 11.24
C LEU A 347 -14.81 -15.79 10.64
N LEU A 348 -14.68 -14.94 9.65
CA LEU A 348 -15.83 -14.41 8.96
C LEU A 348 -16.43 -15.51 8.16
N CYS A 349 -17.70 -15.41 7.87
CA CYS A 349 -18.39 -16.48 7.23
C CYS A 349 -19.46 -15.85 6.36
N GLY A 350 -20.15 -16.65 5.55
CA GLY A 350 -21.17 -16.12 4.69
C GLY A 350 -22.31 -17.08 4.47
N PHE A 351 -23.42 -16.57 3.96
CA PHE A 351 -24.60 -17.40 3.77
C PHE A 351 -24.76 -17.89 2.33
N SER A 352 -23.91 -17.44 1.43
CA SER A 352 -23.99 -17.90 0.04
C SER A 352 -23.04 -19.03 -0.25
N THR A 353 -22.88 -19.37 -1.52
CA THR A 353 -22.01 -20.50 -1.83
C THR A 353 -20.65 -20.03 -2.29
N ASP A 354 -20.52 -18.77 -2.69
CA ASP A 354 -19.23 -18.23 -3.05
C ASP A 354 -18.56 -17.60 -1.84
N SER A 355 -19.26 -17.53 -0.72
CA SER A 355 -18.72 -16.92 0.48
C SER A 355 -17.92 -17.93 1.25
N GLY A 356 -17.37 -17.50 2.38
CA GLY A 356 -16.52 -18.37 3.16
C GLY A 356 -17.32 -19.43 3.86
N GLN A 357 -16.70 -20.57 4.08
CA GLN A 357 -17.42 -21.68 4.68
C GLN A 357 -17.15 -21.79 6.13
N CYS A 358 -17.94 -22.62 6.81
CA CYS A 358 -17.79 -22.75 8.22
C CYS A 358 -17.53 -24.19 8.53
N PRO A 359 -16.74 -24.46 9.57
CA PRO A 359 -16.49 -25.84 9.96
C PRO A 359 -17.79 -26.61 10.27
N GLU A 360 -17.72 -27.92 10.30
CA GLU A 360 -18.89 -28.73 10.62
C GLU A 360 -19.09 -28.75 12.09
N GLY A 361 -20.21 -28.22 12.55
CA GLY A 361 -20.48 -28.14 13.97
C GLY A 361 -20.62 -26.69 14.31
N TYR A 362 -20.47 -25.83 13.33
CA TYR A 362 -20.56 -24.42 13.54
C TYR A 362 -21.44 -23.86 12.45
N THR A 363 -22.36 -22.97 12.81
CA THR A 363 -23.23 -22.33 11.82
C THR A 363 -23.05 -20.83 11.80
N CYS A 364 -23.29 -20.20 10.66
CA CYS A 364 -23.09 -18.77 10.52
C CYS A 364 -24.15 -17.93 11.18
N VAL A 365 -23.77 -16.76 11.69
CA VAL A 365 -24.66 -15.89 12.42
C VAL A 365 -24.12 -14.48 12.39
N LYS A 366 -24.96 -13.46 12.28
CA LYS A 366 -24.62 -12.04 12.38
C LYS A 366 -24.64 -11.61 13.80
N ILE A 367 -23.58 -11.69 14.58
CA ILE A 367 -23.63 -11.27 15.96
C ILE A 367 -22.24 -10.88 16.36
N GLY A 368 -22.08 -9.96 17.30
CA GLY A 368 -20.76 -9.64 17.80
C GLY A 368 -20.15 -8.36 17.31
N ARG A 369 -18.83 -8.29 17.35
CA ARG A 369 -18.15 -7.08 16.94
C ARG A 369 -17.51 -7.21 15.59
N ASN A 370 -17.25 -6.09 14.95
CA ASN A 370 -16.64 -6.11 13.64
C ASN A 370 -15.15 -6.37 13.79
N PRO A 371 -14.45 -6.62 12.65
CA PRO A 371 -13.04 -6.94 12.91
C PRO A 371 -12.12 -5.78 13.23
N ASP A 372 -10.87 -6.07 13.59
CA ASP A 372 -9.86 -5.04 13.88
C ASP A 372 -10.31 -4.05 14.92
N TYR A 373 -10.62 -4.54 16.12
CA TYR A 373 -11.08 -3.70 17.24
C TYR A 373 -12.48 -3.12 17.07
N GLY A 374 -13.13 -3.35 15.94
CA GLY A 374 -14.44 -2.80 15.68
C GLY A 374 -14.34 -1.69 14.68
N TYR A 375 -13.17 -1.53 14.08
CA TYR A 375 -12.97 -0.40 13.20
C TYR A 375 -13.15 -0.68 11.73
N THR A 376 -13.15 -1.94 11.32
CA THR A 376 -13.44 -2.21 9.92
C THR A 376 -14.86 -2.68 9.76
N SER A 377 -15.67 -1.87 9.09
CA SER A 377 -17.09 -2.08 9.01
C SER A 377 -17.67 -1.22 7.93
N PHE A 378 -18.86 -1.52 7.43
CA PHE A 378 -19.58 -0.62 6.54
C PHE A 378 -20.91 -0.43 7.20
N ASP A 379 -20.95 -0.48 8.53
CA ASP A 379 -22.19 -0.40 9.26
C ASP A 379 -22.77 0.99 9.27
N THR A 380 -21.94 2.01 9.44
CA THR A 380 -22.39 3.38 9.38
C THR A 380 -21.70 4.07 8.23
N PHE A 381 -22.01 5.32 7.99
CA PHE A 381 -21.44 6.04 6.88
C PHE A 381 -20.04 6.48 7.19
N SER A 382 -19.77 6.86 8.42
CA SER A 382 -18.45 7.30 8.82
C SER A 382 -17.45 6.18 8.63
N TRP A 383 -17.78 5.01 9.15
CA TRP A 383 -16.92 3.85 8.97
C TRP A 383 -16.74 3.52 7.50
N ALA A 384 -17.80 3.64 6.71
CA ALA A 384 -17.70 3.33 5.29
C ALA A 384 -16.79 4.30 4.59
N PHE A 385 -16.85 5.57 4.96
CA PHE A 385 -15.98 6.58 4.39
C PHE A 385 -14.52 6.25 4.73
N LEU A 386 -14.24 5.81 5.94
CA LEU A 386 -12.88 5.42 6.30
C LEU A 386 -12.41 4.29 5.40
N ALA A 387 -13.21 3.25 5.23
CA ALA A 387 -12.86 2.14 4.37
C ALA A 387 -12.60 2.57 2.94
N LEU A 388 -13.38 3.51 2.45
CA LEU A 388 -13.24 3.96 1.08
C LEU A 388 -11.98 4.79 0.94
N PHE A 389 -11.64 5.58 1.94
CA PHE A 389 -10.39 6.33 1.91
C PHE A 389 -9.27 5.32 1.89
N ARG A 390 -9.37 4.25 2.67
CA ARG A 390 -8.36 3.22 2.67
C ARG A 390 -8.23 2.57 1.30
N LEU A 391 -9.33 2.28 0.61
CA LEU A 391 -9.27 1.69 -0.72
C LEU A 391 -8.70 2.67 -1.75
N MET A 392 -8.92 3.97 -1.58
CA MET A 392 -8.34 4.96 -2.49
C MET A 392 -6.87 5.06 -2.29
N THR A 393 -6.41 4.98 -1.05
CA THR A 393 -5.01 5.10 -0.74
C THR A 393 -4.32 3.75 -0.74
N GLN A 394 -5.07 2.68 -0.96
CA GLN A 394 -4.52 1.32 -1.01
C GLN A 394 -3.71 0.94 0.21
N ASP A 395 -4.28 1.11 1.39
CA ASP A 395 -3.59 0.76 2.64
C ASP A 395 -4.16 -0.50 3.19
N TYR A 396 -3.50 -1.67 3.11
CA TYR A 396 -4.15 -2.92 3.59
C TYR A 396 -5.52 -3.18 2.91
N TRP A 397 -5.63 -2.67 1.70
CA TRP A 397 -6.87 -2.86 0.97
C TRP A 397 -7.03 -4.32 0.71
N GLU A 398 -5.96 -5.09 0.72
CA GLU A 398 -6.06 -6.50 0.50
C GLU A 398 -6.86 -7.14 1.63
N ASN A 399 -6.58 -6.80 2.87
CA ASN A 399 -7.32 -7.36 4.00
C ASN A 399 -8.79 -7.07 3.83
N LEU A 400 -9.16 -5.80 3.65
CA LEU A 400 -10.56 -5.46 3.41
C LEU A 400 -11.13 -6.32 2.31
N TYR A 401 -10.54 -6.32 1.11
CA TYR A 401 -10.99 -7.15 0.01
C TYR A 401 -11.32 -8.54 0.49
N GLN A 402 -10.33 -9.25 1.00
CA GLN A 402 -10.52 -10.60 1.49
C GLN A 402 -11.64 -10.80 2.48
N GLN A 403 -11.67 -10.05 3.57
CA GLN A 403 -12.71 -10.17 4.59
C GLN A 403 -14.07 -9.91 4.00
N THR A 404 -14.19 -8.79 3.29
CA THR A 404 -15.45 -8.47 2.64
C THR A 404 -15.90 -9.65 1.81
N LEU A 405 -15.05 -10.24 0.98
CA LEU A 405 -15.48 -11.33 0.10
C LEU A 405 -15.86 -12.56 0.91
N ARG A 406 -15.10 -12.95 1.91
CA ARG A 406 -15.47 -14.07 2.78
C ARG A 406 -16.85 -13.96 3.39
N ALA A 407 -17.33 -12.75 3.59
CA ALA A 407 -18.62 -12.54 4.25
C ALA A 407 -19.74 -12.20 3.30
N ALA A 408 -19.40 -11.77 2.11
CA ALA A 408 -20.41 -11.34 1.16
C ALA A 408 -20.48 -12.23 -0.06
N GLY A 409 -19.36 -12.79 -0.45
CA GLY A 409 -19.31 -13.64 -1.61
C GLY A 409 -18.31 -13.13 -2.59
N LYS A 410 -17.65 -14.03 -3.30
CA LYS A 410 -16.62 -13.64 -4.24
C LYS A 410 -17.11 -12.81 -5.40
N THR A 411 -18.42 -12.83 -5.67
CA THR A 411 -19.05 -12.10 -6.77
C THR A 411 -19.04 -10.61 -6.55
N TYR A 412 -18.50 -10.13 -5.41
CA TYR A 412 -18.36 -8.66 -5.13
C TYR A 412 -16.96 -8.11 -5.47
N MET A 413 -16.20 -8.97 -6.14
CA MET A 413 -14.90 -8.52 -6.58
C MET A 413 -15.19 -7.44 -7.61
N ILE A 414 -16.34 -7.48 -8.28
CA ILE A 414 -16.72 -6.44 -9.24
C ILE A 414 -16.76 -5.10 -8.55
N PHE A 415 -17.49 -4.99 -7.44
CA PHE A 415 -17.49 -3.77 -6.66
C PHE A 415 -16.07 -3.38 -6.31
N PHE A 416 -15.27 -4.29 -5.73
CA PHE A 416 -13.89 -3.82 -5.43
C PHE A 416 -13.11 -3.38 -6.67
N VAL A 417 -13.24 -4.08 -7.78
CA VAL A 417 -12.57 -3.82 -9.05
C VAL A 417 -12.88 -2.42 -9.50
N VAL A 418 -14.18 -2.12 -9.66
CA VAL A 418 -14.59 -0.82 -10.11
C VAL A 418 -13.86 0.22 -9.30
N VAL A 419 -14.10 0.25 -7.99
CA VAL A 419 -13.46 1.24 -7.11
C VAL A 419 -11.96 1.40 -7.30
N ILE A 420 -11.20 0.32 -7.28
CA ILE A 420 -9.75 0.43 -7.40
C ILE A 420 -9.34 1.14 -8.69
N PHE A 421 -9.93 0.75 -9.82
CA PHE A 421 -9.53 1.34 -11.10
C PHE A 421 -10.11 2.72 -11.33
N LEU A 422 -11.41 2.81 -11.59
CA LEU A 422 -12.03 4.10 -11.92
C LEU A 422 -11.94 5.10 -10.77
N GLY A 423 -11.97 4.62 -9.53
CA GLY A 423 -11.82 5.49 -8.39
C GLY A 423 -10.39 5.78 -7.95
N SER A 424 -9.80 4.88 -7.17
CA SER A 424 -8.45 5.09 -6.63
C SER A 424 -7.42 5.66 -7.60
N PHE A 425 -7.17 4.96 -8.70
CA PHE A 425 -6.14 5.41 -9.63
C PHE A 425 -6.42 6.81 -10.15
N TYR A 426 -7.63 7.06 -10.64
CA TYR A 426 -7.95 8.37 -11.20
C TYR A 426 -7.77 9.52 -10.21
N LEU A 427 -8.12 9.33 -8.95
CA LEU A 427 -8.03 10.37 -8.00
C LEU A 427 -6.58 10.60 -7.55
N ILE A 428 -5.86 9.53 -7.25
CA ILE A 428 -4.46 9.70 -6.88
C ILE A 428 -3.65 10.42 -7.96
N ASN A 429 -3.88 10.06 -9.21
CA ASN A 429 -3.08 10.64 -10.28
C ASN A 429 -3.52 12.05 -10.59
N LEU A 430 -4.76 12.38 -10.34
CA LEU A 430 -5.25 13.73 -10.51
C LEU A 430 -4.60 14.58 -9.44
N ILE A 431 -4.43 14.03 -8.25
CA ILE A 431 -3.70 14.76 -7.23
C ILE A 431 -2.29 14.99 -7.74
N LEU A 432 -1.58 13.95 -8.14
CA LEU A 432 -0.25 14.17 -8.70
C LEU A 432 -0.30 15.24 -9.76
N ALA A 433 -1.21 15.17 -10.72
CA ALA A 433 -1.28 16.15 -11.79
C ALA A 433 -1.31 17.60 -11.33
N VAL A 434 -2.22 17.97 -10.45
CA VAL A 434 -2.31 19.33 -9.96
C VAL A 434 -1.01 19.79 -9.30
N VAL A 435 -0.44 18.97 -8.43
CA VAL A 435 0.83 19.30 -7.78
C VAL A 435 1.93 19.53 -8.82
N ALA A 436 2.01 18.64 -9.80
CA ALA A 436 3.00 18.77 -10.85
C ALA A 436 2.82 20.10 -11.52
N MET A 437 1.61 20.42 -11.95
CA MET A 437 1.42 21.65 -12.69
C MET A 437 1.81 22.83 -11.83
N ALA A 438 1.45 22.79 -10.56
CA ALA A 438 1.81 23.87 -9.65
C ALA A 438 3.31 24.08 -9.64
N TYR A 439 4.06 23.02 -9.32
CA TYR A 439 5.51 23.14 -9.30
C TYR A 439 6.02 23.70 -10.60
N GLU A 440 5.53 23.18 -11.71
CA GLU A 440 6.02 23.61 -13.00
C GLU A 440 5.83 25.09 -13.16
N GLU A 441 4.63 25.59 -12.92
CA GLU A 441 4.35 27.01 -13.10
C GLU A 441 5.17 27.88 -12.15
N GLN A 442 5.33 27.45 -10.91
CA GLN A 442 6.17 28.18 -9.98
C GLN A 442 7.56 28.30 -10.57
N ASN A 443 8.18 27.17 -10.88
CA ASN A 443 9.50 27.16 -11.48
C ASN A 443 9.55 28.07 -12.72
N GLN A 444 8.56 27.98 -13.58
CA GLN A 444 8.52 28.82 -14.77
C GLN A 444 8.60 30.30 -14.42
N ALA A 445 7.69 30.78 -13.58
CA ALA A 445 7.71 32.17 -13.14
C ALA A 445 9.04 32.57 -12.51
N ASN A 446 9.60 31.69 -11.69
CA ASN A 446 10.87 31.98 -11.05
C ASN A 446 11.93 32.24 -12.11
N ILE A 447 12.06 31.33 -13.07
CA ILE A 447 13.01 31.53 -14.16
C ILE A 447 12.72 32.86 -14.85
N GLU A 448 11.45 33.13 -15.15
CA GLU A 448 11.09 34.35 -15.86
C GLU A 448 11.55 35.63 -15.16
N GLU A 449 11.23 35.75 -13.87
CA GLU A 449 11.61 36.95 -13.12
C GLU A 449 13.13 37.04 -12.96
N ALA A 450 13.81 35.91 -12.84
CA ALA A 450 15.27 35.91 -12.75
C ALA A 450 15.87 36.46 -14.03
N LYS A 451 15.29 36.06 -15.17
CA LYS A 451 15.76 36.56 -16.46
C LYS A 451 15.47 38.04 -16.61
N CYS A 760 65.63 20.40 -1.88
CA CYS A 760 64.28 20.34 -1.33
C CYS A 760 63.27 20.56 -2.45
N SER A 761 63.20 21.79 -2.96
CA SER A 761 62.29 22.09 -4.07
C SER A 761 62.66 21.40 -5.39
N PRO A 762 63.96 21.42 -5.80
CA PRO A 762 64.29 20.68 -7.02
C PRO A 762 63.86 19.22 -6.93
N TYR A 763 64.00 18.60 -5.76
CA TYR A 763 63.59 17.22 -5.59
C TYR A 763 62.12 17.07 -5.89
N TRP A 764 61.29 17.98 -5.35
CA TRP A 764 59.87 17.95 -5.63
C TRP A 764 59.62 18.09 -7.12
N ILE A 765 60.28 19.06 -7.75
CA ILE A 765 60.11 19.25 -9.19
C ILE A 765 60.37 17.95 -9.92
N LYS A 766 61.46 17.27 -9.58
CA LYS A 766 61.77 15.98 -10.21
C LYS A 766 60.66 14.97 -9.98
N PHE A 767 60.34 14.70 -8.71
CA PHE A 767 59.32 13.69 -8.40
C PHE A 767 58.00 13.93 -9.10
N LYS A 768 57.43 15.12 -8.94
CA LYS A 768 56.11 15.42 -9.51
C LYS A 768 56.11 15.18 -11.02
N LYS A 769 57.06 15.79 -11.71
CA LYS A 769 57.18 15.61 -13.14
C LYS A 769 57.09 14.17 -13.51
N CYS A 770 57.99 13.36 -12.97
CA CYS A 770 58.07 11.96 -13.35
C CYS A 770 56.74 11.23 -13.17
N ILE A 771 56.15 11.41 -12.01
CA ILE A 771 54.91 10.72 -11.72
C ILE A 771 53.80 11.09 -12.70
N TYR A 772 53.62 12.38 -13.00
CA TYR A 772 52.61 12.79 -13.99
C TYR A 772 52.91 12.22 -15.35
N PHE A 773 54.17 12.29 -15.75
CA PHE A 773 54.57 11.75 -17.03
C PHE A 773 54.13 10.28 -17.15
N ILE A 774 54.37 9.46 -16.13
CA ILE A 774 54.09 8.01 -16.24
C ILE A 774 52.61 7.63 -16.16
N VAL A 775 51.77 8.50 -15.62
CA VAL A 775 50.35 8.21 -15.62
C VAL A 775 49.76 8.77 -16.90
N MET A 776 48.77 8.08 -17.44
CA MET A 776 48.12 8.55 -18.65
C MET A 776 46.65 8.31 -18.48
N ASP A 777 45.87 9.36 -18.28
CA ASP A 777 44.41 9.20 -18.20
C ASP A 777 43.91 8.27 -19.30
N PRO A 778 44.31 8.50 -20.59
CA PRO A 778 43.96 7.54 -21.64
C PRO A 778 43.89 6.08 -21.17
N PHE A 779 44.95 5.54 -20.56
CA PHE A 779 44.87 4.10 -20.23
C PHE A 779 44.78 3.81 -18.72
N VAL A 780 45.61 4.46 -17.89
CA VAL A 780 45.69 4.16 -16.48
C VAL A 780 44.34 4.33 -15.80
N ASP A 781 43.59 5.35 -16.16
CA ASP A 781 42.32 5.56 -15.48
C ASP A 781 41.28 4.55 -15.91
N LEU A 782 41.45 3.89 -17.05
CA LEU A 782 40.43 2.96 -17.56
C LEU A 782 40.57 1.55 -16.97
N ALA A 783 41.81 1.07 -16.95
CA ALA A 783 42.07 -0.23 -16.35
C ALA A 783 41.61 -0.19 -14.89
N ILE A 784 41.80 0.94 -14.20
CA ILE A 784 41.32 1.09 -12.81
C ILE A 784 39.81 0.82 -12.68
N THR A 785 38.99 1.44 -13.52
CA THR A 785 37.54 1.18 -13.53
C THR A 785 37.18 -0.27 -13.87
N ILE A 786 37.93 -0.85 -14.82
CA ILE A 786 37.72 -2.28 -15.11
C ILE A 786 37.92 -3.11 -13.83
N CYS A 787 39.01 -2.81 -13.11
CA CYS A 787 39.28 -3.48 -11.82
C CYS A 787 38.20 -3.22 -10.78
N ILE A 788 37.63 -2.01 -10.76
CA ILE A 788 36.51 -1.70 -9.85
C ILE A 788 35.39 -2.66 -10.14
N VAL A 789 35.03 -2.78 -11.42
CA VAL A 789 34.03 -3.79 -11.78
C VAL A 789 34.41 -5.16 -11.21
N LEU A 790 35.65 -5.59 -11.45
CA LEU A 790 36.17 -6.86 -10.89
C LEU A 790 35.90 -7.04 -9.41
N ASN A 791 36.28 -6.02 -8.64
CA ASN A 791 36.18 -6.01 -7.17
C ASN A 791 34.74 -5.97 -6.68
N THR A 792 33.84 -5.34 -7.44
CA THR A 792 32.44 -5.37 -6.96
C THR A 792 31.86 -6.73 -7.31
N LEU A 793 32.35 -7.40 -8.34
CA LEU A 793 32.00 -8.78 -8.66
C LEU A 793 32.45 -9.66 -7.50
N PHE A 794 33.59 -9.32 -6.90
CA PHE A 794 34.14 -10.11 -5.80
C PHE A 794 33.37 -9.86 -4.52
N MET A 795 32.85 -8.66 -4.38
CA MET A 795 32.02 -8.34 -3.22
C MET A 795 30.68 -9.04 -3.33
N ALA A 796 30.27 -9.38 -4.56
CA ALA A 796 29.04 -10.12 -4.75
C ALA A 796 29.24 -11.61 -4.53
N MET A 797 30.49 -12.05 -4.42
CA MET A 797 30.78 -13.47 -4.16
C MET A 797 30.60 -13.89 -2.69
N GLU A 798 30.33 -12.93 -1.81
CA GLU A 798 30.17 -13.24 -0.38
C GLU A 798 28.79 -13.82 -0.06
N HIS A 799 28.76 -14.94 0.65
CA HIS A 799 27.50 -15.58 1.02
C HIS A 799 27.51 -16.03 2.48
N HIS A 800 26.52 -16.81 2.92
CA HIS A 800 26.46 -17.17 4.32
C HIS A 800 27.16 -18.42 4.64
N PRO A 801 26.89 -19.56 3.91
CA PRO A 801 27.67 -20.72 4.33
C PRO A 801 29.00 -20.79 3.59
N MET A 802 29.84 -19.78 3.75
CA MET A 802 31.13 -19.75 3.07
C MET A 802 32.23 -20.46 3.88
N THR A 803 33.15 -21.10 3.18
CA THR A 803 34.24 -21.81 3.85
C THR A 803 35.32 -20.85 4.33
N GLU A 804 36.04 -21.24 5.37
CA GLU A 804 37.12 -20.40 5.90
C GLU A 804 38.14 -20.05 4.84
N GLU A 805 38.44 -20.99 3.96
CA GLU A 805 39.38 -20.73 2.87
C GLU A 805 38.86 -19.63 1.96
N PHE A 806 37.60 -19.72 1.55
CA PHE A 806 37.00 -18.70 0.69
C PHE A 806 37.08 -17.33 1.33
N LYS A 807 36.83 -17.25 2.64
CA LYS A 807 36.95 -15.98 3.33
C LYS A 807 38.33 -15.40 3.13
N ASN A 808 39.35 -16.19 3.45
CA ASN A 808 40.74 -15.72 3.32
C ASN A 808 41.08 -15.30 1.91
N VAL A 809 40.60 -16.05 0.92
CA VAL A 809 40.87 -15.71 -0.48
C VAL A 809 40.35 -14.31 -0.81
N LEU A 810 39.10 -14.04 -0.47
CA LEU A 810 38.52 -12.74 -0.76
C LEU A 810 39.19 -11.63 0.05
N ALA A 811 39.64 -11.96 1.25
CA ALA A 811 40.33 -10.99 2.11
C ALA A 811 41.65 -10.55 1.49
N ILE A 812 42.43 -11.50 0.99
CA ILE A 812 43.69 -11.17 0.34
C ILE A 812 43.42 -10.25 -0.85
N ARG A 813 42.37 -10.54 -1.60
CA ARG A 813 42.02 -9.72 -2.76
C ARG A 813 41.67 -8.29 -2.34
N ASN A 814 40.97 -8.13 -1.22
CA ASN A 814 40.66 -6.79 -0.71
C ASN A 814 41.93 -6.01 -0.42
N LEU A 815 42.94 -6.65 0.17
CA LEU A 815 44.19 -5.99 0.42
C LEU A 815 44.79 -5.55 -0.89
N VAL A 816 44.99 -6.48 -1.81
CA VAL A 816 45.55 -6.15 -3.11
C VAL A 816 44.84 -4.99 -3.70
N PHE A 817 43.52 -5.06 -3.82
CA PHE A 817 42.82 -3.97 -4.50
C PHE A 817 42.97 -2.61 -3.81
N THR A 818 42.88 -2.52 -2.49
CA THR A 818 43.02 -1.18 -1.93
C THR A 818 44.44 -0.73 -2.05
N GLY A 819 45.39 -1.61 -1.97
CA GLY A 819 46.75 -1.22 -2.22
C GLY A 819 46.85 -0.61 -3.59
N ILE A 820 46.34 -1.27 -4.61
CA ILE A 820 46.35 -0.70 -5.94
C ILE A 820 45.76 0.69 -5.92
N PHE A 821 44.54 0.84 -5.46
CA PHE A 821 43.97 2.18 -5.55
C PHE A 821 44.72 3.27 -4.74
N ALA A 822 45.32 2.91 -3.62
CA ALA A 822 46.00 3.90 -2.77
C ALA A 822 47.33 4.35 -3.34
N ALA A 823 48.02 3.43 -3.99
CA ALA A 823 49.27 3.80 -4.64
C ALA A 823 48.92 4.85 -5.66
N GLU A 824 47.85 4.58 -6.41
CA GLU A 824 47.38 5.54 -7.39
C GLU A 824 47.08 6.89 -6.76
N MET A 825 46.32 6.92 -5.66
CA MET A 825 45.97 8.20 -5.05
C MET A 825 47.23 8.99 -4.70
N VAL A 826 48.13 8.36 -3.94
CA VAL A 826 49.35 9.04 -3.54
C VAL A 826 50.16 9.48 -4.74
N LEU A 827 50.25 8.64 -5.77
CA LEU A 827 50.94 9.03 -6.99
C LEU A 827 50.36 10.33 -7.56
N LYS A 828 49.05 10.35 -7.79
CA LYS A 828 48.39 11.55 -8.33
C LYS A 828 48.55 12.73 -7.40
N LEU A 829 48.34 12.53 -6.10
CA LEU A 829 48.47 13.61 -5.13
C LEU A 829 49.84 14.27 -5.23
N ILE A 830 50.88 13.47 -5.47
CA ILE A 830 52.21 14.03 -5.63
C ILE A 830 52.36 14.72 -6.97
N ALA A 831 52.03 14.02 -8.06
CA ALA A 831 52.15 14.57 -9.41
C ALA A 831 51.48 15.93 -9.54
N MET A 832 50.16 15.95 -9.63
CA MET A 832 49.45 17.22 -9.65
C MET A 832 49.50 17.79 -8.25
N ASP A 833 49.78 19.08 -8.12
CA ASP A 833 49.92 19.68 -6.80
C ASP A 833 48.71 19.37 -5.92
N PRO A 834 48.96 18.95 -4.66
CA PRO A 834 47.87 18.63 -3.73
C PRO A 834 46.73 19.64 -3.74
N TYR A 835 47.01 20.89 -4.08
CA TYR A 835 45.97 21.90 -4.19
C TYR A 835 45.03 21.54 -5.33
N GLU A 836 45.52 21.52 -6.57
CA GLU A 836 44.70 21.20 -7.71
C GLU A 836 44.05 19.83 -7.49
N TYR A 837 44.69 18.94 -6.71
CA TYR A 837 44.12 17.63 -6.46
C TYR A 837 42.85 17.83 -5.80
N PHE A 838 42.91 18.34 -4.59
CA PHE A 838 41.69 18.47 -3.88
C PHE A 838 40.65 19.25 -4.70
N GLN A 839 41.07 20.09 -5.62
CA GLN A 839 40.12 20.88 -6.38
C GLN A 839 39.16 19.99 -7.18
N VAL A 840 39.65 18.88 -7.73
CA VAL A 840 38.82 18.01 -8.55
C VAL A 840 37.67 17.42 -7.77
N GLY A 841 36.51 17.29 -8.41
CA GLY A 841 35.34 16.78 -7.74
C GLY A 841 35.20 15.29 -7.84
N TRP A 842 36.27 14.59 -8.20
CA TRP A 842 36.25 13.13 -8.20
C TRP A 842 37.40 12.69 -7.32
N ASN A 843 38.46 13.48 -7.30
CA ASN A 843 39.60 13.13 -6.51
C ASN A 843 39.21 13.18 -5.08
N ILE A 844 38.37 14.11 -4.71
CA ILE A 844 38.08 14.06 -3.30
C ILE A 844 37.29 12.81 -2.96
N PHE A 845 36.33 12.34 -3.74
CA PHE A 845 35.72 11.03 -3.50
C PHE A 845 36.77 9.98 -3.33
N ASP A 846 37.66 9.84 -4.27
CA ASP A 846 38.61 8.78 -4.16
C ASP A 846 39.37 8.80 -2.85
N SER A 847 39.85 9.97 -2.46
CA SER A 847 40.64 10.07 -1.26
C SER A 847 39.89 9.62 -0.05
N LEU A 848 38.69 10.12 0.10
CA LEU A 848 37.89 9.73 1.21
C LEU A 848 37.89 8.24 1.35
N ILE A 849 37.51 7.54 0.29
CA ILE A 849 37.42 6.09 0.39
C ILE A 849 38.73 5.44 0.72
N VAL A 850 39.79 5.80 0.05
CA VAL A 850 41.03 5.12 0.36
C VAL A 850 41.37 5.30 1.82
N THR A 851 41.19 6.51 2.33
CA THR A 851 41.50 6.73 3.72
C THR A 851 40.67 5.84 4.60
N LEU A 852 39.36 5.85 4.40
CA LEU A 852 38.51 4.95 5.17
C LEU A 852 39.05 3.52 5.17
N SER A 853 39.32 2.99 3.99
CA SER A 853 39.81 1.64 3.92
C SER A 853 41.03 1.47 4.77
N LEU A 854 42.06 2.25 4.55
CA LEU A 854 43.26 1.96 5.32
C LEU A 854 43.01 2.03 6.82
N VAL A 855 42.23 3.01 7.26
CA VAL A 855 41.86 3.06 8.66
C VAL A 855 41.34 1.71 9.09
N GLU A 856 40.17 1.37 8.55
CA GLU A 856 39.56 0.09 8.87
C GLU A 856 40.57 -1.01 8.97
N LEU A 857 41.43 -1.14 7.96
CA LEU A 857 42.44 -2.20 7.94
C LEU A 857 43.40 -2.15 9.12
N PHE A 858 44.07 -1.07 9.31
CA PHE A 858 45.07 -0.89 10.34
C PHE A 858 44.69 -1.37 11.76
N GLY A 864 32.27 -2.03 10.67
CA GLY A 864 31.19 -1.15 10.25
C GLY A 864 31.61 -0.27 9.08
N LEU A 865 32.89 -0.26 8.76
CA LEU A 865 33.40 0.54 7.63
C LEU A 865 33.44 -0.29 6.40
N SER A 866 33.76 -1.58 6.47
CA SER A 866 33.71 -2.43 5.27
C SER A 866 32.56 -2.14 4.30
N VAL A 867 31.39 -1.80 4.85
CA VAL A 867 30.20 -1.57 4.03
C VAL A 867 30.22 -0.28 3.21
N LEU A 868 31.26 0.54 3.40
CA LEU A 868 31.35 1.79 2.67
C LEU A 868 32.36 1.73 1.52
N ARG A 869 32.83 0.53 1.20
CA ARG A 869 33.76 0.39 0.09
C ARG A 869 33.00 -0.02 -1.17
N SER A 870 31.70 -0.22 -1.03
CA SER A 870 30.88 -0.59 -2.17
C SER A 870 30.56 0.66 -2.96
N PHE A 871 30.93 1.81 -2.42
CA PHE A 871 30.67 3.07 -3.09
C PHE A 871 31.73 3.42 -4.11
N ARG A 872 32.90 2.78 -4.04
CA ARG A 872 33.92 3.00 -5.06
C ARG A 872 33.31 2.71 -6.40
N LEU A 873 32.33 1.81 -6.42
CA LEU A 873 31.64 1.47 -7.65
C LEU A 873 31.10 2.70 -8.36
N LEU A 874 30.57 3.66 -7.61
CA LEU A 874 29.97 4.86 -8.20
C LEU A 874 30.92 5.63 -9.12
N ARG A 875 32.21 5.30 -9.08
CA ARG A 875 33.17 5.96 -9.96
C ARG A 875 33.06 5.52 -11.42
N VAL A 876 32.29 4.46 -11.67
CA VAL A 876 32.13 3.94 -13.02
C VAL A 876 31.29 4.87 -13.87
N PHE A 877 30.59 5.81 -13.23
CA PHE A 877 29.75 6.75 -13.96
C PHE A 877 30.56 7.83 -14.68
N LYS A 878 31.88 7.81 -14.51
CA LYS A 878 32.73 8.74 -15.23
C LYS A 878 32.77 8.29 -16.68
N LEU A 879 32.89 6.99 -16.89
CA LEU A 879 32.93 6.45 -18.23
C LEU A 879 31.60 6.41 -18.91
N ALA A 880 30.58 6.97 -18.31
CA ALA A 880 29.31 7.03 -18.99
C ALA A 880 29.44 8.10 -20.02
N LYS A 881 30.45 8.95 -19.87
CA LYS A 881 30.60 10.05 -20.81
C LYS A 881 31.09 9.58 -22.14
N SER A 882 30.77 8.34 -22.46
CA SER A 882 31.12 7.80 -23.75
C SER A 882 29.92 7.17 -24.37
N TRP A 883 28.91 6.84 -23.57
CA TRP A 883 27.68 6.32 -24.12
C TRP A 883 26.77 7.51 -24.13
N PRO A 884 26.51 8.14 -25.31
CA PRO A 884 25.71 9.38 -25.24
C PRO A 884 24.45 9.41 -24.36
N THR A 885 23.58 8.43 -24.47
CA THR A 885 22.32 8.52 -23.73
C THR A 885 22.45 8.38 -22.21
N LEU A 886 23.29 7.45 -21.78
CA LEU A 886 23.51 7.27 -20.36
C LEU A 886 24.10 8.57 -19.85
N ASN A 887 25.02 9.16 -20.61
CA ASN A 887 25.60 10.43 -20.23
C ASN A 887 24.53 11.50 -20.02
N MET A 888 23.59 11.59 -20.96
CA MET A 888 22.51 12.58 -20.86
C MET A 888 21.67 12.33 -19.61
N LEU A 889 21.30 11.08 -19.37
CA LEU A 889 20.53 10.75 -18.17
C LEU A 889 21.30 11.21 -16.94
N ILE A 890 22.57 10.87 -16.86
CA ILE A 890 23.38 11.25 -15.71
C ILE A 890 23.33 12.76 -15.53
N LYS A 891 23.39 13.51 -16.63
CA LYS A 891 23.41 14.95 -16.46
C LYS A 891 22.10 15.43 -15.95
N ILE A 892 20.99 15.03 -16.55
CA ILE A 892 19.69 15.42 -16.00
C ILE A 892 19.68 15.23 -14.51
N ILE A 893 19.98 14.03 -14.04
CA ILE A 893 20.02 13.78 -12.60
C ILE A 893 20.82 14.85 -11.85
N GLY A 894 22.06 15.09 -12.22
CA GLY A 894 22.92 16.08 -11.62
C GLY A 894 22.27 17.43 -11.48
N ASN A 895 21.67 17.90 -12.57
CA ASN A 895 21.02 19.20 -12.53
C ASN A 895 20.00 19.19 -11.44
N SER A 896 19.24 18.12 -11.37
CA SER A 896 18.21 17.98 -10.36
C SER A 896 18.70 18.00 -8.91
N VAL A 897 19.84 17.43 -8.59
CA VAL A 897 20.11 17.27 -7.14
C VAL A 897 19.96 18.52 -6.23
N GLY A 898 20.11 19.75 -6.67
CA GLY A 898 19.91 20.88 -5.77
C GLY A 898 18.59 20.90 -5.02
N ALA A 899 17.52 20.99 -5.77
CA ALA A 899 16.21 21.05 -5.14
C ALA A 899 15.87 19.74 -4.52
N PHE A 900 16.46 18.66 -5.00
CA PHE A 900 16.22 17.39 -4.35
C PHE A 900 16.63 17.55 -2.90
N GLY A 901 17.78 18.14 -2.65
CA GLY A 901 18.24 18.28 -1.29
C GLY A 901 17.42 19.19 -0.40
N ASN A 902 16.97 20.32 -0.93
CA ASN A 902 16.18 21.21 -0.14
C ASN A 902 14.90 20.54 0.25
N LEU A 903 14.36 19.74 -0.65
CA LEU A 903 13.14 19.04 -0.37
C LEU A 903 13.37 18.01 0.68
N MET A 904 14.46 17.29 0.60
CA MET A 904 14.77 16.35 1.65
C MET A 904 14.83 17.05 2.98
N LEU A 905 15.37 18.24 3.04
CA LEU A 905 15.48 18.94 4.29
C LEU A 905 14.11 19.24 4.82
N VAL A 906 13.22 19.72 3.97
CA VAL A 906 11.96 20.11 4.54
C VAL A 906 11.24 18.88 4.96
N LEU A 907 11.35 17.78 4.24
CA LEU A 907 10.72 16.57 4.70
C LEU A 907 11.24 16.18 6.06
N PHE A 908 12.53 16.19 6.30
CA PHE A 908 13.05 15.80 7.57
C PHE A 908 12.54 16.74 8.64
N ILE A 909 12.54 18.04 8.42
CA ILE A 909 11.99 18.92 9.42
C ILE A 909 10.57 18.54 9.75
N ILE A 910 9.74 18.35 8.74
CA ILE A 910 8.35 17.99 8.97
C ILE A 910 8.23 16.72 9.79
N VAL A 911 8.99 15.70 9.44
CA VAL A 911 8.86 14.46 10.15
C VAL A 911 9.29 14.67 11.57
N PHE A 912 10.45 15.30 11.78
CA PHE A 912 10.91 15.61 13.12
C PHE A 912 9.81 16.21 13.98
N ILE A 913 9.22 17.31 13.50
CA ILE A 913 8.21 18.01 14.27
C ILE A 913 6.99 17.13 14.55
N PHE A 914 6.51 16.42 13.54
CA PHE A 914 5.36 15.55 13.72
C PHE A 914 5.67 14.46 14.72
N ALA A 915 6.87 13.88 14.64
CA ALA A 915 7.27 12.84 15.56
C ALA A 915 7.25 13.37 16.99
N VAL A 916 7.83 14.55 17.19
CA VAL A 916 7.86 15.13 18.52
C VAL A 916 6.44 15.33 19.03
N VAL A 917 5.56 15.85 18.18
CA VAL A 917 4.18 16.11 18.58
C VAL A 917 3.50 14.82 19.00
N GLY A 918 3.68 13.76 18.21
CA GLY A 918 3.05 12.49 18.53
C GLY A 918 3.56 11.95 19.85
N MET A 919 4.88 12.03 20.07
CA MET A 919 5.45 11.54 21.32
C MET A 919 4.87 12.30 22.50
N GLN A 920 4.72 13.61 22.35
CA GLN A 920 4.14 14.42 23.42
C GLN A 920 2.69 14.10 23.70
N LEU A 921 1.90 13.86 22.66
CA LEU A 921 0.46 13.65 22.86
C LEU A 921 0.05 12.22 23.16
N PHE A 922 0.61 11.26 22.44
CA PHE A 922 0.18 9.86 22.60
C PHE A 922 1.15 8.95 23.34
N GLY A 923 2.35 9.43 23.65
CA GLY A 923 3.34 8.56 24.27
C GLY A 923 2.97 8.00 25.63
N LYS A 924 2.48 8.85 26.52
CA LYS A 924 2.10 8.40 27.84
C LYS A 924 0.98 7.40 27.72
N SER A 925 0.03 7.67 26.84
CA SER A 925 -1.11 6.79 26.66
C SER A 925 -0.61 5.44 26.17
N TYR A 926 0.30 5.44 25.21
CA TYR A 926 0.84 4.19 24.67
C TYR A 926 1.50 3.38 25.77
N LYS A 927 2.21 4.02 26.68
CA LYS A 927 2.79 3.29 27.80
C LYS A 927 1.75 2.72 28.76
N GLU A 928 0.84 3.57 29.25
CA GLU A 928 -0.14 3.13 30.25
C GLU A 928 -1.18 2.11 29.79
N CYS A 929 -1.56 2.12 28.52
CA CYS A 929 -2.61 1.21 28.04
C CYS A 929 -2.07 0.14 27.11
N VAL A 930 -0.86 -0.33 27.37
CA VAL A 930 -0.23 -1.34 26.52
C VAL A 930 -0.98 -2.67 26.45
N CYS A 931 -1.57 -3.13 27.55
CA CYS A 931 -2.26 -4.43 27.57
C CYS A 931 -3.42 -4.46 26.58
N LYS A 932 -4.10 -3.33 26.38
CA LYS A 932 -5.20 -3.27 25.43
C LYS A 932 -4.76 -3.58 24.01
N ILE A 933 -3.60 -3.06 23.60
CA ILE A 933 -3.11 -3.27 22.23
C ILE A 933 -2.13 -4.46 22.11
N ASN A 934 -1.79 -5.10 23.23
CA ASN A 934 -0.86 -6.24 23.19
C ASN A 934 -1.15 -7.25 24.30
N ASP A 935 -1.33 -8.51 23.93
CA ASP A 935 -1.67 -9.54 24.92
C ASP A 935 -0.57 -9.71 25.96
N ASP A 936 0.68 -9.62 25.53
CA ASP A 936 1.81 -9.78 26.45
C ASP A 936 2.04 -8.54 27.31
N CYS A 937 1.29 -7.46 27.04
CA CYS A 937 1.45 -6.20 27.78
C CYS A 937 2.84 -5.62 27.61
N THR A 938 3.42 -5.78 26.42
CA THR A 938 4.73 -5.23 26.12
C THR A 938 4.60 -4.30 24.93
N LEU A 939 5.24 -3.13 24.99
CA LEU A 939 5.15 -2.16 23.90
C LEU A 939 5.29 -2.80 22.53
N PRO A 940 4.34 -2.54 21.61
CA PRO A 940 4.38 -3.13 20.28
C PRO A 940 5.59 -2.65 19.47
N ARG A 941 5.90 -3.32 18.37
CA ARG A 941 7.11 -2.96 17.64
C ARG A 941 6.98 -1.55 17.09
N TRP A 942 5.78 -1.12 16.74
CA TRP A 942 5.57 0.27 16.36
C TRP A 942 4.83 0.98 17.48
N HIS A 943 5.51 1.88 18.18
CA HIS A 943 4.86 2.66 19.24
C HIS A 943 5.30 4.12 19.20
N MET A 944 4.99 4.89 20.24
CA MET A 944 5.30 6.29 20.19
C MET A 944 5.65 6.76 21.56
N ASN A 945 6.37 5.94 22.31
CA ASN A 945 6.77 6.30 23.64
C ASN A 945 8.21 6.73 23.64
N ASP A 946 8.86 6.79 22.48
CA ASP A 946 10.24 7.19 22.37
C ASP A 946 10.36 8.02 21.15
N PHE A 947 11.33 8.92 21.07
CA PHE A 947 11.48 9.67 19.86
C PHE A 947 11.74 8.82 18.67
N PHE A 948 12.63 7.87 18.75
CA PHE A 948 12.96 7.10 17.58
C PHE A 948 11.76 6.39 17.07
N HIS A 949 10.98 5.76 17.94
CA HIS A 949 9.87 4.97 17.44
C HIS A 949 8.84 5.86 16.81
N SER A 950 8.73 7.07 17.29
CA SER A 950 7.80 8.00 16.70
C SER A 950 8.24 8.42 15.33
N PHE A 951 9.51 8.73 15.16
CA PHE A 951 10.00 9.08 13.86
C PHE A 951 9.60 7.97 12.95
N LEU A 952 9.82 6.75 13.37
CA LEU A 952 9.56 5.65 12.49
C LEU A 952 8.11 5.57 12.05
N ILE A 953 7.16 5.82 12.93
CA ILE A 953 5.78 5.72 12.56
C ILE A 953 5.40 6.82 11.59
N VAL A 954 5.90 8.01 11.77
CA VAL A 954 5.61 9.05 10.81
C VAL A 954 6.23 8.69 9.47
N PHE A 955 7.40 8.09 9.48
CA PHE A 955 7.99 7.67 8.22
C PHE A 955 7.15 6.60 7.55
N ARG A 956 6.60 5.66 8.31
CA ARG A 956 5.77 4.65 7.74
C ARG A 956 4.53 5.27 7.17
N VAL A 957 3.99 6.30 7.77
CA VAL A 957 2.84 6.94 7.14
C VAL A 957 3.21 7.57 5.83
N LEU A 958 4.40 8.12 5.73
CA LEU A 958 4.72 8.79 4.50
C LEU A 958 4.93 7.74 3.46
N CYS A 959 5.39 6.56 3.84
CA CYS A 959 5.50 5.51 2.85
C CYS A 959 4.13 5.02 2.51
N GLY A 960 3.16 5.18 3.40
CA GLY A 960 1.79 4.86 3.07
C GLY A 960 1.19 3.71 3.80
N GLU A 961 1.43 3.60 5.10
CA GLU A 961 0.78 2.57 5.86
C GLU A 961 0.37 3.14 7.18
N TRP A 962 -0.85 3.65 7.20
CA TRP A 962 -1.35 4.32 8.35
C TRP A 962 -2.45 3.66 9.07
N ILE A 963 -3.05 2.65 8.50
CA ILE A 963 -4.21 2.11 9.15
C ILE A 963 -3.83 1.18 10.23
N GLU A 964 -2.77 0.43 10.19
CA GLU A 964 -2.54 -0.46 11.34
C GLU A 964 -2.14 0.28 12.62
N THR A 965 -1.19 1.17 12.44
CA THR A 965 -0.75 1.95 13.55
C THR A 965 -1.87 2.79 14.10
N MET A 966 -2.80 3.22 13.27
CA MET A 966 -3.84 4.10 13.75
C MET A 966 -4.81 3.33 14.52
N TRP A 967 -5.11 2.12 14.12
CA TRP A 967 -5.96 1.29 14.92
C TRP A 967 -5.35 1.29 16.26
N ASP A 968 -4.08 0.93 16.35
CA ASP A 968 -3.58 0.87 17.74
C ASP A 968 -3.66 2.20 18.48
N CYS A 969 -3.35 3.29 17.83
CA CYS A 969 -3.44 4.61 18.43
C CYS A 969 -4.79 4.90 18.97
N MET A 970 -5.81 4.64 18.18
CA MET A 970 -7.16 4.90 18.59
C MET A 970 -7.53 4.05 19.75
N GLU A 971 -6.99 2.86 19.83
CA GLU A 971 -7.39 1.97 20.89
C GLU A 971 -6.82 2.41 22.16
N VAL A 972 -5.75 3.18 22.13
CA VAL A 972 -5.20 3.71 23.37
C VAL A 972 -5.52 5.20 23.59
N ALA A 973 -5.11 6.09 22.69
CA ALA A 973 -5.41 7.52 22.77
C ALA A 973 -6.90 7.81 22.68
N GLY A 974 -7.60 7.06 21.85
CA GLY A 974 -9.02 7.32 21.58
C GLY A 974 -9.13 7.82 20.17
N GLN A 975 -10.30 7.64 19.55
CA GLN A 975 -10.41 7.94 18.12
C GLN A 975 -10.22 9.35 17.58
N ALA A 976 -10.75 10.37 18.24
CA ALA A 976 -10.65 11.70 17.62
C ALA A 976 -9.22 12.23 17.46
N MET A 977 -8.40 12.09 18.49
CA MET A 977 -7.03 12.61 18.40
C MET A 977 -6.17 11.93 17.35
N CYS A 978 -6.25 10.61 17.27
CA CYS A 978 -5.49 9.87 16.24
C CYS A 978 -5.93 10.17 14.82
N LEU A 979 -7.24 10.30 14.61
CA LEU A 979 -7.75 10.54 13.28
C LEU A 979 -7.15 11.82 12.77
N ILE A 980 -7.27 12.89 13.53
CA ILE A 980 -6.73 14.18 13.12
C ILE A 980 -5.24 14.16 12.94
N PHE A 981 -4.48 13.61 13.87
CA PHE A 981 -3.05 13.56 13.77
C PHE A 981 -2.69 12.86 12.54
N TYR A 982 -3.03 11.58 12.48
CA TYR A 982 -2.65 10.80 11.35
C TYR A 982 -3.14 11.47 10.11
N MET A 983 -4.32 11.99 10.06
CA MET A 983 -4.79 12.54 8.80
C MET A 983 -3.95 13.66 8.36
N MET A 984 -3.77 14.68 9.19
CA MET A 984 -2.90 15.79 8.85
C MET A 984 -1.55 15.25 8.39
N VAL A 985 -0.92 14.44 9.25
CA VAL A 985 0.37 13.85 8.90
C VAL A 985 0.32 13.30 7.50
N PHE A 986 -0.49 12.27 7.27
CA PHE A 986 -0.62 11.67 5.94
C PHE A 986 -0.78 12.73 4.87
N PHE A 987 -1.82 13.56 4.93
CA PHE A 987 -2.06 14.57 3.88
C PHE A 987 -0.80 15.31 3.42
N ILE A 988 -0.13 15.99 4.34
CA ILE A 988 1.05 16.78 3.99
C ILE A 988 2.18 15.94 3.40
N GLY A 989 2.58 14.89 4.12
CA GLY A 989 3.68 14.07 3.66
C GLY A 989 3.49 13.37 2.33
N ASN A 990 2.45 12.56 2.18
CA ASN A 990 2.28 11.80 0.96
C ASN A 990 1.68 12.62 -0.16
N LEU A 991 0.45 13.06 0.01
CA LEU A 991 -0.24 13.81 -1.04
C LEU A 991 0.48 15.06 -1.55
N VAL A 992 1.30 15.71 -0.73
CA VAL A 992 1.93 16.95 -1.19
C VAL A 992 3.43 16.81 -1.42
N VAL A 993 4.16 16.50 -0.35
CA VAL A 993 5.63 16.44 -0.46
C VAL A 993 6.11 15.34 -1.39
N LEU A 994 5.56 14.14 -1.23
CA LEU A 994 5.99 13.02 -2.07
C LEU A 994 5.63 13.23 -3.54
N ASN A 995 4.64 14.08 -3.81
CA ASN A 995 4.30 14.40 -5.19
C ASN A 995 5.21 15.49 -5.74
N LEU A 996 5.87 16.24 -4.86
CA LEU A 996 6.83 17.25 -5.30
C LEU A 996 8.10 16.57 -5.74
N PHE A 997 8.38 15.39 -5.20
CA PHE A 997 9.53 14.61 -5.66
C PHE A 997 9.40 14.38 -7.13
N LEU A 998 8.26 13.82 -7.53
CA LEU A 998 8.03 13.52 -8.93
C LEU A 998 7.87 14.78 -9.77
N ALA A 999 7.24 15.81 -9.23
CA ALA A 999 7.05 17.06 -9.98
C ALA A 999 8.38 17.67 -10.32
N LEU A 1000 9.30 17.67 -9.36
CA LEU A 1000 10.65 18.19 -9.60
C LEU A 1000 11.36 17.39 -10.66
N LEU A 1001 11.31 16.07 -10.56
CA LEU A 1001 12.02 15.22 -11.52
C LEU A 1001 11.43 15.33 -12.92
N LEU A 1002 10.11 15.43 -13.03
CA LEU A 1002 9.46 15.58 -14.33
C LEU A 1002 9.88 16.88 -15.00
N SER A 1003 9.94 17.96 -14.22
CA SER A 1003 10.35 19.25 -14.75
C SER A 1003 11.79 19.20 -15.23
N SER A 1004 12.63 18.43 -14.55
CA SER A 1004 14.03 18.31 -14.94
C SER A 1004 14.16 17.73 -16.34
N PHE A 1005 13.40 16.68 -16.63
CA PHE A 1005 13.40 16.08 -17.97
C PHE A 1005 12.80 17.01 -19.00
N SER A 1006 11.79 17.79 -18.61
CA SER A 1006 11.15 18.72 -19.53
C SER A 1006 12.10 19.84 -19.93
N ALA A 1019 37.61 14.72 -23.05
CA ALA A 1019 36.43 14.37 -22.28
C ALA A 1019 36.26 12.86 -22.22
N ASN A 1020 35.80 12.25 -23.32
CA ASN A 1020 35.62 10.82 -23.36
C ASN A 1020 36.92 10.15 -23.75
N ASN A 1021 37.64 9.63 -22.77
CA ASN A 1021 38.95 9.03 -23.03
C ASN A 1021 38.80 7.58 -23.48
N LEU A 1022 37.66 6.96 -23.22
CA LEU A 1022 37.37 5.64 -23.78
C LEU A 1022 37.66 5.65 -25.26
N GLN A 1023 37.16 6.62 -25.99
CA GLN A 1023 37.42 6.76 -27.42
C GLN A 1023 38.88 7.03 -27.72
N ILE A 1024 39.60 7.72 -26.84
CA ILE A 1024 41.03 7.93 -27.03
C ILE A 1024 41.73 6.59 -26.99
N ALA A 1025 41.34 5.78 -26.01
CA ALA A 1025 41.92 4.45 -25.90
C ALA A 1025 41.53 3.61 -27.11
N VAL A 1026 40.33 3.81 -27.64
CA VAL A 1026 39.86 3.06 -28.79
C VAL A 1026 40.72 3.41 -29.98
N THR A 1027 41.07 4.68 -30.11
CA THR A 1027 41.95 5.11 -31.18
C THR A 1027 43.32 4.48 -30.99
N ARG A 1028 43.80 4.46 -29.76
CA ARG A 1028 45.09 3.80 -29.50
C ARG A 1028 45.04 2.35 -29.91
N ILE A 1029 43.91 1.69 -29.67
CA ILE A 1029 43.73 0.28 -30.01
C ILE A 1029 43.70 0.08 -31.51
N LYS A 1030 43.03 0.97 -32.22
CA LYS A 1030 43.01 0.90 -33.67
C LYS A 1030 44.42 1.04 -34.17
N LYS A 1031 45.21 1.90 -33.53
CA LYS A 1031 46.61 2.00 -33.92
C LYS A 1031 47.30 0.68 -33.70
N GLY A 1032 47.25 0.16 -32.48
CA GLY A 1032 47.94 -1.08 -32.16
C GLY A 1032 47.53 -2.36 -32.84
N ILE A 1033 46.27 -2.80 -32.67
CA ILE A 1033 45.86 -4.11 -33.20
C ILE A 1033 46.05 -4.14 -34.71
N ASN A 1034 45.73 -3.06 -35.43
CA ASN A 1034 45.93 -2.95 -36.87
C ASN A 1034 47.41 -2.93 -37.24
N TYR A 1035 48.21 -2.09 -36.58
CA TYR A 1035 49.64 -1.99 -36.90
C TYR A 1035 50.39 -3.28 -36.62
N VAL A 1036 50.21 -3.86 -35.43
CA VAL A 1036 50.95 -5.06 -35.06
C VAL A 1036 50.59 -6.24 -35.98
N LYS A 1037 49.31 -6.39 -36.30
CA LYS A 1037 48.90 -7.48 -37.18
C LYS A 1037 49.54 -7.29 -38.54
N GLN A 1038 49.58 -6.05 -39.03
CA GLN A 1038 50.20 -5.76 -40.33
C GLN A 1038 51.68 -6.10 -40.32
N THR A 1039 52.38 -5.75 -39.23
CA THR A 1039 53.80 -6.08 -39.13
C THR A 1039 54.00 -7.59 -39.11
N LEU A 1040 53.12 -8.32 -38.42
CA LEU A 1040 53.21 -9.77 -38.40
C LEU A 1040 53.02 -10.33 -39.81
N ARG A 1041 52.08 -9.77 -40.56
CA ARG A 1041 51.87 -10.21 -41.94
C ARG A 1041 53.11 -9.95 -42.77
N GLU A 1042 53.75 -8.79 -42.57
CA GLU A 1042 54.96 -8.47 -43.31
C GLU A 1042 56.06 -9.46 -42.97
N PHE A 1043 56.18 -9.83 -41.70
CA PHE A 1043 57.18 -10.81 -41.28
C PHE A 1043 56.91 -12.16 -41.94
N ILE A 1044 55.65 -12.57 -42.00
CA ILE A 1044 55.29 -13.83 -42.66
C ILE A 1044 55.67 -13.77 -44.13
N LEU A 1045 55.43 -12.64 -44.78
CA LEU A 1045 55.82 -12.50 -46.19
C LEU A 1045 57.33 -12.61 -46.33
N LYS A 1046 58.09 -12.00 -45.44
CA LYS A 1046 59.55 -12.07 -45.50
C LYS A 1046 59.99 -13.51 -45.34
N ALA A 1047 59.35 -14.25 -44.44
CA ALA A 1047 59.67 -15.65 -44.24
C ALA A 1047 59.37 -16.51 -45.47
N PHE A 1048 58.25 -16.26 -46.15
CA PHE A 1048 57.90 -17.15 -47.28
C PHE A 1048 58.26 -16.63 -48.69
N GLY A 1209 4.68 -20.29 -64.37
CA GLY A 1209 3.70 -20.62 -63.35
C GLY A 1209 2.60 -19.59 -63.24
N LYS A 1210 2.00 -19.23 -64.36
CA LYS A 1210 0.91 -18.25 -64.36
C LYS A 1210 -0.25 -18.76 -63.54
N ILE A 1211 -0.57 -20.04 -63.69
CA ILE A 1211 -1.65 -20.64 -62.92
C ILE A 1211 -1.37 -20.52 -61.42
N TRP A 1212 -0.14 -20.83 -61.02
CA TRP A 1212 0.21 -20.75 -59.61
C TRP A 1212 0.16 -19.32 -59.09
N TRP A 1213 0.53 -18.37 -59.93
CA TRP A 1213 0.44 -16.97 -59.52
C TRP A 1213 -1.01 -16.56 -59.32
N ASN A 1214 -1.88 -16.98 -60.24
CA ASN A 1214 -3.31 -16.68 -60.10
C ASN A 1214 -3.83 -17.26 -58.80
N ILE A 1215 -3.20 -18.33 -58.34
CA ILE A 1215 -3.61 -18.99 -57.11
C ILE A 1215 -3.21 -18.18 -55.86
N ARG A 1216 -2.10 -17.46 -55.92
CA ARG A 1216 -1.68 -16.72 -54.77
C ARG A 1216 -2.68 -15.63 -54.60
N LYS A 1217 -3.14 -15.02 -55.69
CA LYS A 1217 -4.08 -13.93 -55.61
C LYS A 1217 -5.37 -14.45 -55.04
N THR A 1218 -5.79 -15.63 -55.48
CA THR A 1218 -6.98 -16.24 -54.88
C THR A 1218 -6.88 -16.33 -53.39
N CYS A 1219 -5.83 -16.87 -52.83
CA CYS A 1219 -5.84 -17.02 -51.39
C CYS A 1219 -5.50 -15.75 -50.70
N TYR A 1220 -5.20 -14.71 -51.44
CA TYR A 1220 -4.96 -13.43 -50.83
C TYR A 1220 -6.29 -12.82 -50.56
N LYS A 1221 -7.18 -12.92 -51.53
CA LYS A 1221 -8.49 -12.39 -51.36
C LYS A 1221 -9.04 -12.96 -50.13
N ILE A 1222 -9.01 -14.27 -50.01
CA ILE A 1222 -9.60 -14.94 -48.86
C ILE A 1222 -9.01 -14.51 -47.54
N VAL A 1223 -7.70 -14.58 -47.37
CA VAL A 1223 -7.17 -14.28 -46.05
C VAL A 1223 -7.30 -12.85 -45.63
N GLU A 1224 -7.94 -12.04 -46.43
CA GLU A 1224 -8.13 -10.66 -46.10
C GLU A 1224 -9.60 -10.34 -45.87
N HIS A 1225 -10.51 -11.13 -46.42
CA HIS A 1225 -11.91 -10.87 -46.29
C HIS A 1225 -12.23 -10.80 -44.84
N SER A 1226 -13.15 -9.95 -44.47
CA SER A 1226 -13.50 -9.74 -43.10
C SER A 1226 -14.08 -10.97 -42.56
N TRP A 1227 -14.74 -11.76 -43.36
CA TRP A 1227 -15.28 -12.97 -42.77
C TRP A 1227 -14.21 -13.91 -42.23
N PHE A 1228 -13.13 -14.10 -42.95
CA PHE A 1228 -12.05 -14.95 -42.48
C PHE A 1228 -11.54 -14.45 -41.18
N GLU A 1229 -11.24 -13.16 -41.11
CA GLU A 1229 -10.74 -12.52 -39.92
C GLU A 1229 -11.60 -12.86 -38.74
N SER A 1230 -12.88 -12.70 -38.94
CA SER A 1230 -13.87 -12.83 -37.90
C SER A 1230 -13.88 -14.23 -37.38
N PHE A 1231 -13.92 -15.16 -38.31
CA PHE A 1231 -13.91 -16.55 -37.91
C PHE A 1231 -12.71 -16.82 -37.07
N ILE A 1232 -11.56 -16.36 -37.53
CA ILE A 1232 -10.36 -16.69 -36.80
C ILE A 1232 -10.35 -16.06 -35.42
N VAL A 1233 -10.87 -14.85 -35.28
CA VAL A 1233 -10.95 -14.24 -33.94
C VAL A 1233 -11.79 -15.09 -32.99
N LEU A 1234 -12.93 -15.55 -33.47
CA LEU A 1234 -13.80 -16.39 -32.66
C LEU A 1234 -13.08 -17.65 -32.19
N MET A 1235 -12.33 -18.27 -33.09
CA MET A 1235 -11.58 -19.48 -32.74
C MET A 1235 -10.58 -19.19 -31.63
N ILE A 1236 -9.81 -18.12 -31.76
CA ILE A 1236 -8.87 -17.74 -30.72
C ILE A 1236 -9.58 -17.55 -29.40
N LEU A 1237 -10.73 -16.89 -29.40
CA LEU A 1237 -11.49 -16.71 -28.16
C LEU A 1237 -11.92 -18.04 -27.53
N LEU A 1238 -12.48 -18.93 -28.34
CA LEU A 1238 -12.93 -20.23 -27.84
C LEU A 1238 -11.78 -21.09 -27.31
N SER A 1239 -10.64 -21.04 -27.98
CA SER A 1239 -9.47 -21.80 -27.54
C SER A 1239 -9.06 -21.39 -26.13
N SER A 1240 -9.19 -20.10 -25.82
CA SER A 1240 -8.82 -19.59 -24.50
C SER A 1240 -9.76 -20.04 -23.37
N GLY A 1241 -11.05 -20.11 -23.67
CA GLY A 1241 -12.01 -20.57 -22.68
C GLY A 1241 -11.77 -22.04 -22.39
N ALA A 1242 -11.30 -22.79 -23.39
CA ALA A 1242 -10.98 -24.19 -23.19
C ALA A 1242 -9.86 -24.32 -22.18
N LEU A 1243 -8.87 -23.43 -22.26
CA LEU A 1243 -7.77 -23.44 -21.30
C LEU A 1243 -8.30 -23.22 -19.91
N ALA A 1244 -9.21 -22.25 -19.77
CA ALA A 1244 -9.76 -21.93 -18.46
C ALA A 1244 -10.59 -23.07 -17.88
N PHE A 1245 -11.13 -23.94 -18.75
CA PHE A 1245 -12.02 -24.97 -18.22
C PHE A 1245 -11.31 -26.06 -17.43
N GLU A 1246 -10.00 -26.20 -17.62
CA GLU A 1246 -9.24 -27.26 -16.95
C GLU A 1246 -8.81 -26.87 -15.53
N ASP A 1247 -9.64 -27.17 -14.54
CA ASP A 1247 -9.29 -26.87 -13.15
C ASP A 1247 -8.94 -28.14 -12.36
N ILE A 1248 -8.79 -28.01 -11.05
CA ILE A 1248 -8.53 -29.18 -10.21
C ILE A 1248 -9.79 -30.02 -10.06
N TYR A 1249 -10.89 -29.57 -10.66
CA TYR A 1249 -12.13 -30.26 -10.56
C TYR A 1249 -12.48 -30.85 -11.87
N ILE A 1250 -11.54 -30.90 -12.80
CA ILE A 1250 -11.87 -31.36 -14.12
C ILE A 1250 -12.31 -32.77 -14.05
N GLU A 1251 -11.82 -33.51 -13.08
CA GLU A 1251 -12.18 -34.90 -13.14
C GLU A 1251 -13.54 -35.20 -12.59
N ARG A 1252 -14.20 -34.28 -11.95
CA ARG A 1252 -15.58 -34.48 -11.64
C ARG A 1252 -16.33 -34.32 -12.91
N LYS A 1253 -15.93 -33.37 -13.74
CA LYS A 1253 -16.62 -33.10 -14.98
C LYS A 1253 -16.00 -33.91 -16.07
N LYS A 1254 -16.48 -35.09 -16.38
CA LYS A 1254 -15.80 -35.92 -17.39
C LYS A 1254 -16.20 -35.68 -18.83
N THR A 1255 -17.45 -35.39 -19.06
CA THR A 1255 -17.87 -35.11 -20.41
C THR A 1255 -17.07 -33.98 -20.95
N ILE A 1256 -16.97 -32.92 -20.17
CA ILE A 1256 -16.28 -31.76 -20.65
C ILE A 1256 -14.86 -32.14 -20.97
N LYS A 1257 -14.23 -32.98 -20.21
CA LYS A 1257 -12.85 -33.28 -20.47
C LYS A 1257 -12.70 -33.85 -21.87
N ILE A 1258 -13.49 -34.86 -22.19
CA ILE A 1258 -13.44 -35.48 -23.50
C ILE A 1258 -13.70 -34.45 -24.58
N ILE A 1259 -14.72 -33.65 -24.41
CA ILE A 1259 -15.04 -32.69 -25.44
C ILE A 1259 -13.82 -31.90 -25.71
N LEU A 1260 -13.21 -31.40 -24.67
CA LEU A 1260 -12.07 -30.53 -24.87
C LEU A 1260 -10.87 -31.16 -25.57
N GLU A 1261 -10.62 -32.45 -25.45
CA GLU A 1261 -9.47 -32.99 -26.15
C GLU A 1261 -9.69 -32.94 -27.64
N TYR A 1262 -10.87 -33.35 -28.03
CA TYR A 1262 -11.16 -33.35 -29.42
C TYR A 1262 -11.21 -31.92 -29.94
N ALA A 1263 -11.61 -31.02 -29.07
CA ALA A 1263 -11.72 -29.66 -29.52
C ALA A 1263 -10.35 -29.13 -29.75
N ASP A 1264 -9.42 -29.45 -28.89
CA ASP A 1264 -8.09 -28.97 -29.13
C ASP A 1264 -7.58 -29.53 -30.40
N LYS A 1265 -7.82 -30.79 -30.69
CA LYS A 1265 -7.42 -31.24 -32.02
C LYS A 1265 -8.00 -30.39 -33.15
N ILE A 1266 -9.27 -30.05 -33.15
CA ILE A 1266 -9.83 -29.25 -34.21
C ILE A 1266 -9.18 -27.90 -34.33
N PHE A 1267 -8.91 -27.29 -33.21
CA PHE A 1267 -8.36 -25.96 -33.26
C PHE A 1267 -6.99 -25.93 -33.90
N THR A 1268 -6.20 -26.96 -33.66
CA THR A 1268 -4.88 -26.99 -34.24
C THR A 1268 -5.02 -27.09 -35.72
N TYR A 1269 -5.87 -27.94 -36.23
CA TYR A 1269 -6.12 -27.98 -37.64
C TYR A 1269 -6.45 -26.61 -38.16
N ILE A 1270 -7.41 -25.97 -37.55
CA ILE A 1270 -7.79 -24.66 -38.06
C ILE A 1270 -6.60 -23.76 -38.17
N PHE A 1271 -5.83 -23.65 -37.11
CA PHE A 1271 -4.72 -22.70 -37.15
C PHE A 1271 -3.62 -23.10 -38.12
N ILE A 1272 -3.34 -24.36 -38.31
CA ILE A 1272 -2.35 -24.75 -39.31
C ILE A 1272 -2.85 -24.41 -40.69
N LEU A 1273 -4.11 -24.64 -40.94
CA LEU A 1273 -4.63 -24.27 -42.22
C LEU A 1273 -4.47 -22.78 -42.43
N GLU A 1274 -4.76 -21.98 -41.41
CA GLU A 1274 -4.53 -20.55 -41.56
C GLU A 1274 -3.10 -20.26 -41.88
N MET A 1275 -2.16 -20.78 -41.12
CA MET A 1275 -0.76 -20.57 -41.45
C MET A 1275 -0.44 -20.87 -42.87
N LEU A 1276 -0.90 -21.98 -43.40
CA LEU A 1276 -0.49 -22.31 -44.75
C LEU A 1276 -1.11 -21.36 -45.74
N LEU A 1277 -2.37 -21.02 -45.55
CA LEU A 1277 -2.92 -20.07 -46.47
C LEU A 1277 -2.10 -18.83 -46.45
N LYS A 1278 -1.71 -18.40 -45.28
CA LYS A 1278 -0.99 -17.16 -45.19
C LYS A 1278 0.40 -17.24 -45.75
N TRP A 1279 0.94 -18.42 -45.95
CA TRP A 1279 2.23 -18.50 -46.56
C TRP A 1279 2.10 -18.45 -48.04
N ILE A 1280 0.92 -18.66 -48.58
CA ILE A 1280 0.78 -18.71 -50.02
C ILE A 1280 0.25 -17.39 -50.45
N ALA A 1281 -0.32 -16.66 -49.53
CA ALA A 1281 -0.82 -15.36 -49.86
C ALA A 1281 0.27 -14.40 -49.79
N TYR A 1282 0.79 -14.23 -48.60
CA TYR A 1282 1.82 -13.27 -48.39
C TYR A 1282 3.10 -13.68 -49.06
N GLY A 1283 3.71 -14.72 -48.58
CA GLY A 1283 4.97 -15.16 -49.12
C GLY A 1283 5.88 -15.31 -47.93
N TYR A 1284 6.82 -16.22 -48.03
CA TYR A 1284 7.72 -16.48 -46.93
C TYR A 1284 8.38 -15.23 -46.50
N LYS A 1285 8.87 -14.46 -47.45
CA LYS A 1285 9.55 -13.21 -47.13
C LYS A 1285 8.68 -12.36 -46.26
N THR A 1286 7.61 -11.83 -46.80
CA THR A 1286 6.72 -10.98 -46.06
C THR A 1286 6.36 -11.57 -44.74
N TYR A 1287 6.12 -12.87 -44.72
CA TYR A 1287 5.64 -13.51 -43.52
C TYR A 1287 6.64 -13.38 -42.45
N PHE A 1288 7.78 -13.98 -42.65
CA PHE A 1288 8.75 -14.02 -41.57
C PHE A 1288 9.42 -12.72 -41.31
N THR A 1289 8.86 -11.63 -41.79
CA THR A 1289 9.40 -10.32 -41.50
C THR A 1289 8.45 -9.69 -40.51
N ASN A 1290 7.21 -10.14 -40.49
CA ASN A 1290 6.24 -9.61 -39.57
C ASN A 1290 6.43 -10.31 -38.30
N ALA A 1291 6.33 -9.58 -37.22
CA ALA A 1291 6.57 -10.15 -35.94
C ALA A 1291 5.34 -10.77 -35.41
N TRP A 1292 4.18 -10.32 -35.77
CA TRP A 1292 3.04 -10.98 -35.23
C TRP A 1292 3.00 -12.37 -35.78
N CYS A 1293 3.46 -12.51 -37.01
CA CYS A 1293 3.46 -13.79 -37.67
C CYS A 1293 4.39 -14.73 -37.03
N TRP A 1294 5.52 -14.25 -36.56
CA TRP A 1294 6.43 -15.12 -35.90
C TRP A 1294 5.79 -15.70 -34.68
N LEU A 1295 5.13 -14.86 -33.90
CA LEU A 1295 4.45 -15.32 -32.71
C LEU A 1295 3.48 -16.40 -33.08
N ASP A 1296 2.67 -16.14 -34.08
CA ASP A 1296 1.66 -17.14 -34.35
C ASP A 1296 2.32 -18.43 -34.77
N PHE A 1297 3.32 -18.36 -35.62
CA PHE A 1297 4.05 -19.54 -36.05
C PHE A 1297 4.47 -20.33 -34.87
N LEU A 1298 5.08 -19.70 -33.90
CA LEU A 1298 5.60 -20.43 -32.78
C LEU A 1298 4.55 -21.16 -31.97
N ILE A 1299 3.37 -20.58 -31.79
CA ILE A 1299 2.37 -21.22 -30.97
C ILE A 1299 1.87 -22.43 -31.71
N VAL A 1300 1.59 -22.27 -32.98
CA VAL A 1300 1.14 -23.37 -33.77
C VAL A 1300 2.17 -24.44 -33.68
N ASP A 1301 3.44 -24.09 -33.70
CA ASP A 1301 4.49 -25.08 -33.68
C ASP A 1301 4.52 -25.84 -32.40
N VAL A 1302 4.48 -25.17 -31.27
CA VAL A 1302 4.44 -25.94 -30.03
C VAL A 1302 3.24 -26.86 -30.04
N SER A 1303 2.11 -26.40 -30.52
CA SER A 1303 0.97 -27.29 -30.40
C SER A 1303 1.15 -28.47 -31.31
N LEU A 1304 1.71 -28.28 -32.48
CA LEU A 1304 1.97 -29.37 -33.39
C LEU A 1304 2.91 -30.36 -32.78
N VAL A 1305 3.96 -29.90 -32.15
CA VAL A 1305 4.88 -30.81 -31.50
C VAL A 1305 4.12 -31.63 -30.47
N THR A 1306 3.37 -30.97 -29.62
CA THR A 1306 2.69 -31.74 -28.60
C THR A 1306 1.77 -32.75 -29.23
N LEU A 1307 1.06 -32.40 -30.29
CA LEU A 1307 0.15 -33.34 -30.90
C LEU A 1307 0.87 -34.51 -31.47
N VAL A 1308 1.95 -34.28 -32.18
CA VAL A 1308 2.75 -35.36 -32.70
C VAL A 1308 3.09 -36.27 -31.56
N ALA A 1309 3.69 -35.74 -30.51
CA ALA A 1309 4.12 -36.59 -29.42
C ALA A 1309 2.99 -37.47 -28.95
N ASN A 1310 1.87 -36.87 -28.64
CA ASN A 1310 0.76 -37.62 -28.11
C ASN A 1310 0.34 -38.68 -29.06
N THR A 1311 0.16 -38.33 -30.32
CA THR A 1311 -0.35 -39.29 -31.27
C THR A 1311 0.68 -40.32 -31.63
N LEU A 1312 1.95 -40.04 -31.34
CA LEU A 1312 3.03 -40.96 -31.69
C LEU A 1312 3.41 -41.87 -30.52
N GLY A 1313 2.81 -41.64 -29.36
CA GLY A 1313 3.18 -42.41 -28.18
C GLY A 1313 4.50 -41.93 -27.59
N TYR A 1314 4.93 -40.74 -27.98
CA TYR A 1314 6.18 -40.17 -27.47
C TYR A 1314 5.89 -39.27 -26.29
N SER A 1315 4.66 -39.30 -25.79
CA SER A 1315 4.26 -38.45 -24.67
C SER A 1315 4.69 -39.02 -23.33
N ASP A 1316 4.21 -38.43 -22.24
CA ASP A 1316 4.59 -38.87 -20.88
C ASP A 1316 6.08 -38.68 -20.62
N LEU A 1317 6.65 -37.59 -21.13
CA LEU A 1317 8.06 -37.29 -20.90
C LEU A 1317 8.18 -35.89 -20.34
N GLY A 1318 9.30 -35.57 -19.71
CA GLY A 1318 9.45 -34.27 -19.07
C GLY A 1318 9.29 -33.06 -19.98
N PRO A 1319 9.91 -33.06 -21.17
CA PRO A 1319 9.66 -31.94 -22.08
C PRO A 1319 8.21 -31.88 -22.53
N ILE A 1320 7.60 -33.02 -22.79
CA ILE A 1320 6.20 -33.07 -23.23
C ILE A 1320 5.22 -32.44 -22.24
N LYS A 1321 5.53 -32.47 -20.94
CA LYS A 1321 4.63 -31.95 -19.95
C LYS A 1321 4.82 -30.46 -19.87
N SER A 1322 6.08 -30.09 -19.94
CA SER A 1322 6.52 -28.74 -19.91
C SER A 1322 5.90 -28.03 -21.07
N LEU A 1323 5.83 -28.71 -22.22
CA LEU A 1323 5.21 -28.13 -23.41
C LEU A 1323 3.71 -27.95 -23.22
N ARG A 1324 3.08 -28.85 -22.48
CA ARG A 1324 1.66 -28.73 -22.21
C ARG A 1324 1.36 -27.47 -21.41
N THR A 1325 2.29 -27.04 -20.57
CA THR A 1325 2.09 -25.82 -19.79
C THR A 1325 2.29 -24.58 -20.67
N LEU A 1326 2.97 -24.69 -21.81
CA LEU A 1326 3.16 -23.53 -22.61
C LEU A 1326 1.94 -23.29 -23.48
N ARG A 1327 0.90 -24.06 -23.27
CA ARG A 1327 -0.33 -23.87 -24.00
C ARG A 1327 -0.95 -22.60 -23.57
N ALA A 1328 -0.49 -22.06 -22.47
CA ALA A 1328 -1.09 -20.87 -21.91
C ALA A 1328 -0.74 -19.64 -22.64
N LEU A 1329 0.02 -19.77 -23.71
CA LEU A 1329 0.34 -18.60 -24.48
C LEU A 1329 -0.54 -18.57 -25.67
N ARG A 1330 -1.45 -19.51 -25.79
CA ARG A 1330 -2.39 -19.48 -26.87
C ARG A 1330 -3.17 -18.21 -26.83
N PRO A 1331 -3.41 -17.67 -25.66
CA PRO A 1331 -4.24 -16.45 -25.52
C PRO A 1331 -3.70 -15.23 -26.26
N LEU A 1332 -2.41 -15.24 -26.58
CA LEU A 1332 -1.77 -14.12 -27.26
C LEU A 1332 -2.33 -13.78 -28.63
N ARG A 1333 -2.69 -14.79 -29.42
CA ARG A 1333 -3.17 -14.52 -30.76
C ARG A 1333 -4.25 -13.44 -30.69
N ALA A 1334 -5.09 -13.48 -29.66
CA ALA A 1334 -6.14 -12.48 -29.53
C ALA A 1334 -5.52 -11.08 -29.59
N LEU A 1335 -4.41 -10.89 -28.90
CA LEU A 1335 -3.70 -9.60 -28.94
C LEU A 1335 -3.54 -8.98 -30.32
N SER A 1336 -3.01 -9.74 -31.27
CA SER A 1336 -2.75 -9.21 -32.62
C SER A 1336 -4.00 -8.72 -33.34
N ARG A 1337 -5.14 -9.33 -33.08
CA ARG A 1337 -6.37 -8.97 -33.79
C ARG A 1337 -6.95 -7.61 -33.42
N PHE A 1338 -6.98 -7.29 -32.12
CA PHE A 1338 -7.60 -6.03 -31.68
C PHE A 1338 -6.67 -4.84 -31.77
N GLU A 1339 -7.16 -3.71 -32.28
CA GLU A 1339 -6.31 -2.55 -32.43
C GLU A 1339 -5.90 -1.88 -31.13
N GLY A 1340 -6.71 -1.90 -30.11
CA GLY A 1340 -6.33 -1.19 -28.90
C GLY A 1340 -5.15 -1.79 -28.22
N MET A 1341 -5.21 -3.09 -28.07
CA MET A 1341 -4.13 -3.77 -27.45
C MET A 1341 -2.88 -3.47 -28.25
N ARG A 1342 -2.98 -3.50 -29.56
CA ARG A 1342 -1.84 -3.19 -30.38
C ARG A 1342 -1.28 -1.80 -30.14
N VAL A 1343 -2.08 -0.76 -30.17
CA VAL A 1343 -1.56 0.56 -29.84
C VAL A 1343 -0.85 0.59 -28.49
N VAL A 1344 -1.44 0.02 -27.45
CA VAL A 1344 -0.73 0.09 -26.19
C VAL A 1344 0.61 -0.62 -26.24
N VAL A 1345 0.62 -1.81 -26.80
CA VAL A 1345 1.86 -2.55 -26.89
C VAL A 1345 2.90 -1.77 -27.67
N ASN A 1346 2.57 -1.01 -28.69
CA ASN A 1346 3.63 -0.29 -29.40
C ASN A 1346 4.35 0.79 -28.57
N ALA A 1347 3.54 1.54 -27.85
CA ALA A 1347 4.06 2.58 -27.02
C ALA A 1347 5.05 2.02 -26.07
N LEU A 1348 4.72 0.90 -25.46
CA LEU A 1348 5.63 0.30 -24.52
C LEU A 1348 6.89 -0.18 -25.20
N ILE A 1349 6.78 -0.77 -26.39
CA ILE A 1349 7.95 -1.19 -27.12
C ILE A 1349 8.79 0.01 -27.48
N GLY A 1350 8.18 1.16 -27.61
CA GLY A 1350 8.91 2.34 -28.00
C GLY A 1350 9.70 2.94 -26.88
N ALA A 1351 9.45 2.48 -25.68
CA ALA A 1351 10.16 2.98 -24.54
C ALA A 1351 11.22 2.03 -24.08
N ILE A 1352 11.10 0.76 -24.45
CA ILE A 1352 12.06 -0.23 -23.98
C ILE A 1352 13.45 0.30 -24.19
N PRO A 1353 13.77 0.83 -25.36
CA PRO A 1353 15.11 1.39 -25.44
C PRO A 1353 15.51 2.24 -24.26
N SER A 1354 14.65 3.09 -23.75
CA SER A 1354 14.93 4.07 -22.70
C SER A 1354 14.74 3.58 -21.30
N ILE A 1355 14.12 2.44 -21.13
CA ILE A 1355 13.91 1.96 -19.81
C ILE A 1355 15.17 1.26 -19.46
N MET A 1356 15.85 0.72 -20.43
CA MET A 1356 17.06 -0.03 -20.17
C MET A 1356 18.18 0.76 -19.52
N ASN A 1357 18.40 1.97 -19.95
CA ASN A 1357 19.42 2.77 -19.37
C ASN A 1357 19.17 2.98 -17.89
N VAL A 1358 17.95 3.35 -17.60
CA VAL A 1358 17.63 3.62 -16.23
C VAL A 1358 17.83 2.34 -15.50
N LEU A 1359 17.45 1.22 -16.10
CA LEU A 1359 17.61 -0.05 -15.40
C LEU A 1359 19.07 -0.28 -15.01
N LEU A 1360 20.00 0.09 -15.88
CA LEU A 1360 21.42 -0.07 -15.57
C LEU A 1360 21.85 0.79 -14.38
N VAL A 1361 21.35 2.01 -14.32
CA VAL A 1361 21.67 2.95 -13.25
C VAL A 1361 21.09 2.50 -11.92
N CYS A 1362 19.86 2.00 -11.98
CA CYS A 1362 19.11 1.53 -10.83
C CYS A 1362 19.71 0.24 -10.29
N LEU A 1363 20.14 -0.63 -11.19
CA LEU A 1363 20.72 -1.92 -10.82
C LEU A 1363 22.00 -1.74 -10.02
N ILE A 1364 22.83 -0.77 -10.43
CA ILE A 1364 24.09 -0.50 -9.75
C ILE A 1364 23.86 -0.03 -8.32
N PHE A 1365 22.87 0.85 -8.14
CA PHE A 1365 22.53 1.38 -6.83
C PHE A 1365 22.04 0.29 -5.88
N TRP A 1366 21.23 -0.62 -6.42
CA TRP A 1366 20.68 -1.68 -5.65
C TRP A 1366 21.76 -2.66 -5.33
N LEU A 1367 22.71 -2.92 -6.21
CA LEU A 1367 23.84 -3.79 -5.91
C LEU A 1367 24.64 -3.29 -4.78
N ILE A 1368 25.00 -2.03 -4.79
CA ILE A 1368 25.68 -1.48 -3.64
C ILE A 1368 24.93 -1.83 -2.40
N PHE A 1369 23.66 -1.45 -2.37
CA PHE A 1369 22.93 -1.65 -1.14
C PHE A 1369 22.88 -3.08 -0.71
N SER A 1370 22.76 -3.98 -1.66
CA SER A 1370 22.68 -5.40 -1.38
C SER A 1370 23.94 -5.97 -0.84
N ILE A 1371 25.07 -5.62 -1.42
CA ILE A 1371 26.31 -6.07 -0.85
C ILE A 1371 26.36 -5.57 0.57
N MET A 1372 25.92 -4.36 0.83
CA MET A 1372 26.06 -3.87 2.18
C MET A 1372 25.24 -4.75 3.05
N GLY A 1373 24.01 -4.98 2.67
CA GLY A 1373 23.14 -5.81 3.44
C GLY A 1373 23.71 -7.13 3.79
N VAL A 1374 24.27 -7.82 2.83
CA VAL A 1374 24.83 -9.11 3.07
C VAL A 1374 25.86 -8.98 4.14
N ASN A 1375 26.67 -7.94 4.07
CA ASN A 1375 27.75 -7.83 5.01
C ASN A 1375 27.22 -7.68 6.37
N LEU A 1376 26.08 -7.05 6.51
CA LEU A 1376 25.55 -6.78 7.81
C LEU A 1376 24.63 -7.85 8.32
N PHE A 1377 23.82 -8.47 7.46
CA PHE A 1377 22.83 -9.41 7.92
C PHE A 1377 22.86 -10.79 7.34
N ALA A 1378 24.01 -11.35 7.06
CA ALA A 1378 23.98 -12.65 6.46
C ALA A 1378 24.17 -13.70 7.47
N GLY A 1379 23.19 -14.55 7.63
CA GLY A 1379 23.31 -15.66 8.52
C GLY A 1379 22.79 -15.33 9.86
N LYS A 1380 22.35 -14.11 10.00
CA LYS A 1380 21.92 -13.67 11.28
C LYS A 1380 20.41 -13.64 11.35
N PHE A 1381 19.73 -14.28 10.42
CA PHE A 1381 18.29 -14.31 10.43
C PHE A 1381 17.74 -15.66 10.86
N TYR A 1382 18.53 -16.47 11.52
CA TYR A 1382 18.10 -17.77 11.93
C TYR A 1382 17.65 -17.76 13.34
N GLU A 1383 16.58 -18.46 13.68
CA GLU A 1383 16.06 -18.51 15.03
C GLU A 1383 15.69 -19.88 15.44
N CYS A 1384 15.37 -20.08 16.71
CA CYS A 1384 14.92 -21.38 17.18
C CYS A 1384 13.50 -21.24 17.62
N ILE A 1385 12.57 -21.64 16.77
CA ILE A 1385 11.17 -21.49 17.06
C ILE A 1385 10.49 -22.72 17.60
N ASN A 1386 9.35 -22.57 18.26
CA ASN A 1386 8.57 -23.70 18.75
C ASN A 1386 7.55 -23.82 17.71
N THR A 1387 7.61 -24.86 16.91
CA THR A 1387 6.70 -24.95 15.77
C THR A 1387 5.26 -25.13 16.14
N THR A 1388 4.98 -25.59 17.35
CA THR A 1388 3.59 -25.72 17.76
C THR A 1388 2.91 -24.38 17.68
N ASP A 1389 3.60 -23.30 17.98
CA ASP A 1389 2.98 -22.00 17.97
C ASP A 1389 3.81 -20.86 17.39
N GLY A 1390 4.92 -21.16 16.74
CA GLY A 1390 5.76 -20.14 16.13
C GLY A 1390 6.25 -19.08 17.07
N SER A 1391 7.11 -19.44 18.00
CA SER A 1391 7.53 -18.49 19.00
C SER A 1391 8.99 -18.58 19.34
N ARG A 1392 9.75 -17.59 18.93
CA ARG A 1392 11.15 -17.58 19.22
C ARG A 1392 11.34 -17.83 20.67
N PHE A 1393 12.10 -18.86 20.99
CA PHE A 1393 12.34 -19.19 22.36
C PHE A 1393 12.99 -18.04 23.09
N PRO A 1394 12.74 -17.92 24.38
CA PRO A 1394 13.21 -16.81 25.19
C PRO A 1394 14.59 -16.25 25.00
N ALA A 1395 15.48 -16.93 24.36
CA ALA A 1395 16.88 -16.53 24.22
C ALA A 1395 17.60 -16.37 25.54
N SER A 1396 16.99 -16.75 26.60
CA SER A 1396 17.77 -16.80 27.80
C SER A 1396 17.90 -18.27 27.97
N GLN A 1397 17.07 -19.03 27.27
CA GLN A 1397 17.08 -20.47 27.42
C GLN A 1397 17.70 -21.16 26.24
N VAL A 1398 17.85 -20.47 25.12
CA VAL A 1398 18.54 -21.08 24.00
C VAL A 1398 19.41 -20.00 23.43
N PRO A 1399 20.63 -19.90 23.93
CA PRO A 1399 21.40 -18.78 23.46
C PRO A 1399 21.89 -18.93 22.05
N ASN A 1400 22.51 -20.04 21.69
CA ASN A 1400 23.05 -20.18 20.36
C ASN A 1400 22.37 -21.28 19.57
N ARG A 1401 23.07 -21.92 18.65
CA ARG A 1401 22.49 -22.95 17.82
C ARG A 1401 22.74 -24.27 18.40
N SER A 1402 23.89 -24.44 18.99
CA SER A 1402 24.15 -25.65 19.66
C SER A 1402 22.99 -25.98 20.56
N GLU A 1403 22.47 -24.99 21.27
CA GLU A 1403 21.41 -25.28 22.22
C GLU A 1403 20.10 -25.55 21.55
N CYS A 1404 19.82 -24.95 20.41
CA CYS A 1404 18.60 -25.29 19.71
C CYS A 1404 18.66 -26.72 19.40
N PHE A 1405 19.79 -27.21 18.96
CA PHE A 1405 19.87 -28.58 18.54
C PHE A 1405 19.82 -29.51 19.72
N ALA A 1406 20.36 -29.09 20.84
CA ALA A 1406 20.24 -29.93 22.00
C ALA A 1406 18.81 -30.03 22.44
N LEU A 1407 18.05 -28.98 22.32
CA LEU A 1407 16.65 -29.05 22.64
C LEU A 1407 15.95 -29.95 21.66
N MET A 1408 16.23 -29.93 20.39
CA MET A 1408 15.62 -30.87 19.50
C MET A 1408 15.90 -32.32 19.83
N ASN A 1409 16.93 -32.61 20.61
CA ASN A 1409 17.21 -33.97 21.01
C ASN A 1409 16.26 -34.40 22.13
N VAL A 1410 16.06 -33.55 23.13
CA VAL A 1410 15.21 -33.90 24.26
C VAL A 1410 13.72 -33.66 23.98
N SER A 1411 13.41 -32.72 23.10
CA SER A 1411 12.00 -32.41 22.79
C SER A 1411 11.79 -32.22 21.30
N GLN A 1412 10.53 -32.31 20.87
CA GLN A 1412 10.22 -32.09 19.45
C GLN A 1412 9.58 -30.73 19.23
N ASN A 1413 9.20 -30.44 17.98
CA ASN A 1413 8.56 -29.17 17.65
C ASN A 1413 9.47 -27.97 17.86
N VAL A 1414 10.77 -28.16 17.72
CA VAL A 1414 11.75 -27.10 17.74
C VAL A 1414 12.40 -27.09 16.37
N ARG A 1415 12.80 -25.96 15.79
CA ARG A 1415 13.48 -25.87 14.52
C ARG A 1415 14.37 -24.66 14.42
N TRP A 1416 15.56 -24.82 13.84
CA TRP A 1416 16.44 -23.69 13.62
C TRP A 1416 15.98 -23.05 12.32
N LYS A 1417 14.89 -22.32 12.35
CA LYS A 1417 14.32 -21.76 11.11
C LYS A 1417 14.97 -20.48 10.59
N ASN A 1418 15.10 -20.36 9.28
CA ASN A 1418 15.63 -19.15 8.66
C ASN A 1418 14.54 -18.46 7.85
N LEU A 1419 14.56 -17.14 7.78
CA LEU A 1419 13.60 -16.42 6.96
C LEU A 1419 13.75 -16.85 5.50
N LYS A 1420 12.66 -16.89 4.76
CA LYS A 1420 12.70 -17.33 3.36
C LYS A 1420 13.37 -16.31 2.46
N VAL A 1421 12.99 -15.04 2.60
CA VAL A 1421 13.62 -13.98 1.82
C VAL A 1421 14.61 -13.29 2.72
N ASN A 1422 15.87 -13.70 2.65
CA ASN A 1422 16.86 -13.14 3.52
C ASN A 1422 17.92 -12.41 2.76
N PHE A 1423 19.00 -12.02 3.42
CA PHE A 1423 20.06 -11.28 2.80
C PHE A 1423 21.24 -12.16 2.94
N ASP A 1424 21.20 -13.36 2.39
CA ASP A 1424 22.28 -14.30 2.59
C ASP A 1424 23.18 -14.37 1.41
N ASN A 1425 22.75 -13.89 0.26
CA ASN A 1425 23.59 -13.83 -0.90
C ASN A 1425 23.10 -12.66 -1.67
N VAL A 1426 23.89 -12.12 -2.56
CA VAL A 1426 23.48 -10.90 -3.23
C VAL A 1426 22.34 -11.10 -4.18
N GLY A 1427 21.89 -12.33 -4.34
CA GLY A 1427 20.78 -12.61 -5.18
C GLY A 1427 19.60 -12.54 -4.31
N LEU A 1428 19.52 -13.28 -3.22
CA LEU A 1428 18.30 -13.19 -2.42
C LEU A 1428 18.16 -11.79 -1.86
N GLY A 1429 19.28 -11.10 -1.82
CA GLY A 1429 19.27 -9.75 -1.35
C GLY A 1429 18.42 -8.90 -2.21
N TYR A 1430 18.46 -9.09 -3.51
CA TYR A 1430 17.72 -8.25 -4.39
C TYR A 1430 16.26 -8.46 -4.16
N LEU A 1431 15.83 -9.69 -3.92
CA LEU A 1431 14.44 -9.94 -3.64
C LEU A 1431 14.02 -9.31 -2.35
N SER A 1432 14.84 -9.33 -1.33
CA SER A 1432 14.49 -8.71 -0.08
C SER A 1432 14.31 -7.26 -0.30
N LEU A 1433 15.17 -6.68 -1.07
CA LEU A 1433 15.11 -5.29 -1.33
C LEU A 1433 13.87 -4.97 -2.11
N LEU A 1434 13.44 -5.84 -3.00
CA LEU A 1434 12.30 -5.51 -3.81
C LEU A 1434 11.16 -5.39 -2.88
N GLN A 1435 11.06 -6.30 -1.95
CA GLN A 1435 9.99 -6.28 -1.00
C GLN A 1435 10.05 -5.03 -0.18
N VAL A 1436 11.19 -4.66 0.37
CA VAL A 1436 11.26 -3.41 1.10
C VAL A 1436 10.84 -2.22 0.26
N ALA A 1437 11.11 -2.21 -1.01
CA ALA A 1437 10.81 -1.02 -1.80
C ALA A 1437 9.43 -0.97 -2.35
N THR A 1438 8.72 -2.08 -2.34
CA THR A 1438 7.35 -2.08 -2.76
C THR A 1438 6.55 -2.06 -1.49
N PHE A 1439 7.23 -2.06 -0.35
CA PHE A 1439 6.60 -1.98 0.95
C PHE A 1439 5.67 -3.10 1.24
N LYS A 1440 5.89 -4.25 0.59
CA LYS A 1440 5.08 -5.43 0.83
C LYS A 1440 5.98 -6.58 1.27
N GLY A 1441 6.00 -6.87 2.56
CA GLY A 1441 6.85 -7.92 3.09
C GLY A 1441 8.05 -7.35 3.82
N TRP A 1442 8.19 -6.03 3.82
CA TRP A 1442 9.34 -5.37 4.45
C TRP A 1442 9.42 -5.52 5.95
N THR A 1443 8.30 -5.46 6.65
CA THR A 1443 8.30 -5.51 8.11
C THR A 1443 8.93 -6.79 8.63
N ILE A 1444 8.55 -7.92 8.09
CA ILE A 1444 9.12 -9.21 8.50
C ILE A 1444 10.63 -9.17 8.48
N ILE A 1445 11.19 -8.56 7.44
CA ILE A 1445 12.63 -8.46 7.33
C ILE A 1445 13.21 -7.46 8.29
N MET A 1446 12.61 -6.30 8.40
CA MET A 1446 13.17 -5.28 9.24
C MET A 1446 13.26 -5.78 10.65
N TYR A 1447 12.29 -6.54 11.09
CA TYR A 1447 12.25 -7.02 12.44
C TYR A 1447 13.40 -7.91 12.71
N ALA A 1448 13.66 -8.80 11.79
CA ALA A 1448 14.71 -9.74 12.03
C ALA A 1448 16.03 -9.11 11.95
N ALA A 1449 16.12 -8.02 11.23
CA ALA A 1449 17.36 -7.30 11.19
C ALA A 1449 17.60 -6.65 12.49
N VAL A 1450 16.63 -5.92 12.99
CA VAL A 1450 16.78 -5.20 14.23
C VAL A 1450 16.82 -6.11 15.41
N ASP A 1451 16.91 -7.39 15.19
CA ASP A 1451 16.91 -8.31 16.28
C ASP A 1451 18.16 -9.13 16.26
N SER A 1452 18.92 -9.05 15.20
CA SER A 1452 20.15 -9.78 14.97
C SER A 1452 21.19 -9.70 16.02
N VAL A 1453 21.79 -10.79 16.45
CA VAL A 1453 22.90 -10.70 17.34
C VAL A 1453 24.13 -10.98 16.52
N ASN A 1454 24.42 -12.23 16.22
CA ASN A 1454 25.56 -12.58 15.37
C ASN A 1454 25.21 -13.76 14.53
N VAL A 1455 26.17 -14.56 14.09
CA VAL A 1455 25.87 -15.62 13.14
C VAL A 1455 25.18 -16.84 13.73
N ASP A 1456 25.67 -17.45 14.77
CA ASP A 1456 24.98 -18.60 15.27
C ASP A 1456 24.35 -18.34 16.59
N LYS A 1457 23.84 -17.13 16.81
CA LYS A 1457 23.29 -16.79 18.10
C LYS A 1457 21.83 -16.43 17.95
N GLN A 1458 21.03 -16.68 18.97
CA GLN A 1458 19.59 -16.47 18.84
C GLN A 1458 19.25 -15.05 18.84
N PRO A 1459 18.50 -14.62 17.85
CA PRO A 1459 18.09 -13.25 17.76
C PRO A 1459 17.48 -12.75 19.06
N LYS A 1460 17.68 -11.49 19.41
CA LYS A 1460 17.15 -10.92 20.63
C LYS A 1460 16.31 -9.73 20.32
N TYR A 1461 15.29 -9.43 21.10
CA TYR A 1461 14.39 -8.33 20.74
C TYR A 1461 15.13 -7.06 20.69
N GLU A 1462 15.09 -6.40 19.57
CA GLU A 1462 15.74 -5.12 19.40
C GLU A 1462 17.10 -5.04 20.03
N TYR A 1463 18.02 -5.86 19.57
CA TYR A 1463 19.37 -5.81 20.06
C TYR A 1463 19.98 -4.74 19.26
N SER A 1464 19.73 -4.80 17.95
CA SER A 1464 20.26 -3.82 17.03
C SER A 1464 19.14 -2.92 16.56
N LEU A 1465 18.44 -2.29 17.51
CA LEU A 1465 17.32 -1.42 17.18
C LEU A 1465 17.62 -0.42 16.07
N TYR A 1466 18.80 0.19 16.08
CA TYR A 1466 19.13 1.22 15.09
C TYR A 1466 19.50 0.69 13.71
N MET A 1467 19.13 -0.55 13.38
CA MET A 1467 19.37 -1.06 12.04
C MET A 1467 18.34 -0.50 11.07
N TYR A 1468 17.31 0.17 11.61
CA TYR A 1468 16.30 0.79 10.77
C TYR A 1468 16.85 1.89 9.89
N ILE A 1469 18.01 2.43 10.24
CA ILE A 1469 18.58 3.51 9.49
C ILE A 1469 18.97 2.99 8.14
N TYR A 1470 19.44 1.76 8.07
CA TYR A 1470 19.80 1.18 6.81
C TYR A 1470 18.60 1.24 6.00
N PHE A 1471 17.52 0.73 6.53
CA PHE A 1471 16.33 0.63 5.74
C PHE A 1471 15.80 1.98 5.47
N ILE A 1472 15.83 2.93 6.37
CA ILE A 1472 15.38 4.26 6.03
C ILE A 1472 16.10 4.74 4.81
N PHE A 1473 17.42 4.71 4.80
CA PHE A 1473 18.13 5.23 3.65
C PHE A 1473 17.79 4.40 2.42
N PHE A 1474 17.93 3.08 2.51
CA PHE A 1474 17.58 2.24 1.37
C PHE A 1474 16.14 2.49 0.95
N ILE A 1475 15.18 2.33 1.87
CA ILE A 1475 13.77 2.57 1.56
C ILE A 1475 13.73 3.82 0.73
N ILE A 1476 14.16 4.95 1.33
CA ILE A 1476 14.13 6.24 0.65
C ILE A 1476 14.57 6.02 -0.77
N PHE A 1477 15.87 5.84 -1.01
CA PHE A 1477 16.33 5.74 -2.39
C PHE A 1477 15.42 4.87 -3.25
N GLY A 1478 15.35 3.58 -2.93
CA GLY A 1478 14.56 2.63 -3.72
C GLY A 1478 13.19 3.07 -4.16
N SER A 1479 12.38 3.56 -3.22
CA SER A 1479 11.00 3.89 -3.61
C SER A 1479 10.80 5.31 -4.08
N PHE A 1480 11.71 6.20 -3.71
CA PHE A 1480 11.50 7.62 -4.02
C PHE A 1480 12.32 8.13 -5.17
N PHE A 1481 13.52 7.56 -5.35
CA PHE A 1481 14.22 8.17 -6.41
C PHE A 1481 14.10 7.23 -7.55
N THR A 1482 14.49 6.01 -7.28
CA THR A 1482 14.47 5.09 -8.42
C THR A 1482 13.16 4.96 -9.11
N LEU A 1483 12.11 4.68 -8.40
CA LEU A 1483 10.86 4.42 -9.07
C LEU A 1483 10.35 5.67 -9.75
N ASN A 1484 10.57 6.78 -9.11
CA ASN A 1484 10.15 7.99 -9.72
C ASN A 1484 10.98 8.25 -10.95
N LEU A 1485 12.23 7.85 -10.97
CA LEU A 1485 13.04 8.01 -12.16
C LEU A 1485 12.44 7.23 -13.29
N PHE A 1486 12.08 5.99 -13.05
CA PHE A 1486 11.43 5.20 -14.08
C PHE A 1486 10.24 5.93 -14.58
N ILE A 1487 9.37 6.37 -13.69
CA ILE A 1487 8.17 6.99 -14.19
C ILE A 1487 8.52 8.15 -15.07
N CYS A 1488 9.40 9.01 -14.63
CA CYS A 1488 9.74 10.18 -15.39
C CYS A 1488 10.24 9.83 -16.74
N VAL A 1489 11.18 8.91 -16.83
CA VAL A 1489 11.75 8.57 -18.11
C VAL A 1489 10.67 8.05 -19.03
N ILE A 1490 9.79 7.20 -18.56
CA ILE A 1490 8.80 6.63 -19.46
C ILE A 1490 7.87 7.68 -19.96
N ILE A 1491 7.47 8.58 -19.11
CA ILE A 1491 6.54 9.63 -19.50
C ILE A 1491 7.18 10.58 -20.48
N ASP A 1492 8.46 10.81 -20.31
CA ASP A 1492 9.13 11.69 -21.21
C ASP A 1492 9.19 11.05 -22.54
N ASN A 1493 9.46 9.74 -22.56
CA ASN A 1493 9.51 9.01 -23.80
C ASN A 1493 8.17 9.12 -24.51
N PHE A 1494 7.07 9.01 -23.77
CA PHE A 1494 5.74 9.10 -24.38
C PHE A 1494 5.52 10.45 -25.02
N ASN A 1495 5.89 11.52 -24.32
CA ASN A 1495 5.74 12.87 -24.85
C ASN A 1495 6.58 13.06 -26.11
N GLN A 1496 7.74 12.41 -26.17
CA GLN A 1496 8.58 12.50 -27.35
C GLN A 1496 7.97 11.69 -28.47
N GLN A 1497 7.46 10.51 -28.17
CA GLN A 1497 6.79 9.71 -29.18
C GLN A 1497 5.67 10.52 -29.77
N LYS A 1498 4.84 11.12 -28.92
CA LYS A 1498 3.74 11.97 -29.39
C LYS A 1498 4.25 13.06 -30.30
N LYS A 1499 5.22 13.83 -29.83
CA LYS A 1499 5.77 14.94 -30.61
C LYS A 1499 6.17 14.53 -32.02
N LYS A 1500 6.83 13.38 -32.16
CA LYS A 1500 7.32 12.94 -33.48
C LYS A 1500 6.16 12.64 -34.43
N LEU A 1501 5.05 12.11 -33.92
CA LEU A 1501 3.88 11.86 -34.75
C LEU A 1501 3.25 13.16 -35.18
N GLY A 1502 3.20 14.14 -34.28
CA GLY A 1502 2.60 15.42 -34.59
C GLY A 1502 1.53 15.77 -33.60
N GLY A 1503 1.75 15.43 -32.33
CA GLY A 1503 0.77 15.69 -31.29
C GLY A 1503 -0.34 14.66 -31.23
N GLN A 1504 -0.23 13.61 -32.05
CA GLN A 1504 -1.26 12.57 -32.09
C GLN A 1504 -1.19 11.69 -30.86
N ASP A 1505 -2.36 11.39 -30.27
CA ASP A 1505 -2.42 10.55 -29.09
C ASP A 1505 -1.89 9.16 -29.42
N ILE A 1506 -1.00 8.66 -28.58
CA ILE A 1506 -0.41 7.34 -28.83
C ILE A 1506 -1.17 6.21 -28.13
N PHE A 1507 -2.19 6.55 -27.35
CA PHE A 1507 -2.94 5.53 -26.61
C PHE A 1507 -4.35 5.36 -27.15
N MET A 1508 -4.65 6.00 -28.27
CA MET A 1508 -6.02 5.96 -28.81
C MET A 1508 -6.05 5.44 -30.23
N THR A 1509 -7.10 4.69 -30.57
CA THR A 1509 -7.23 4.13 -31.91
C THR A 1509 -7.88 5.11 -32.88
N GLU A 1510 -7.99 4.73 -34.15
CA GLU A 1510 -8.55 5.63 -35.17
C GLU A 1510 -9.99 6.07 -34.90
N GLU A 1511 -10.89 5.10 -34.70
CA GLU A 1511 -12.29 5.44 -34.41
C GLU A 1511 -12.39 6.16 -33.07
N GLN A 1512 -11.67 5.66 -32.06
CA GLN A 1512 -11.70 6.31 -30.75
C GLN A 1512 -11.25 7.76 -30.82
N LYS A 1513 -10.47 8.11 -31.85
CA LYS A 1513 -10.02 9.49 -31.97
C LYS A 1513 -11.11 10.43 -32.45
N LYS A 1514 -11.98 9.98 -33.33
CA LYS A 1514 -13.07 10.82 -33.74
C LYS A 1514 -13.99 11.11 -32.58
N TYR A 1515 -14.22 10.09 -31.79
CA TYR A 1515 -15.07 10.28 -30.65
C TYR A 1515 -14.42 11.27 -29.74
N TYR A 1516 -13.12 11.19 -29.54
CA TYR A 1516 -12.43 12.15 -28.72
C TYR A 1516 -12.63 13.52 -29.22
N ASN A 1517 -12.38 13.76 -30.49
CA ASN A 1517 -12.66 15.08 -31.03
C ASN A 1517 -14.05 15.59 -30.74
N ALA A 1518 -15.07 14.80 -30.97
CA ALA A 1518 -16.42 15.26 -30.60
C ALA A 1518 -16.67 15.54 -29.12
N MET A 1519 -16.18 14.66 -28.28
CA MET A 1519 -16.39 14.86 -26.88
C MET A 1519 -15.69 16.13 -26.46
N LYS A 1520 -14.58 16.45 -27.09
CA LYS A 1520 -13.93 17.66 -26.68
C LYS A 1520 -14.78 18.77 -27.14
N LYS A 1521 -15.20 18.80 -28.39
CA LYS A 1521 -16.16 19.80 -28.81
C LYS A 1521 -17.20 20.07 -27.74
N LEU A 1522 -17.78 19.03 -27.15
CA LEU A 1522 -18.71 19.32 -26.01
C LEU A 1522 -18.24 20.36 -24.97
N GLY A 1523 -17.07 20.20 -24.37
CA GLY A 1523 -16.60 21.11 -23.34
C GLY A 1523 -16.45 22.55 -23.80
N SER A 1524 -16.39 22.76 -25.11
CA SER A 1524 -16.21 24.10 -25.66
C SER A 1524 -17.45 24.60 -26.41
N LYS A 1525 -18.58 23.92 -26.25
CA LYS A 1525 -19.80 24.35 -26.93
C LYS A 1525 -20.30 25.69 -26.44
N LYS A 1526 -20.73 26.55 -27.36
CA LYS A 1526 -21.26 27.85 -26.98
C LYS A 1526 -22.70 27.73 -26.48
N PRO A 1527 -23.16 28.70 -25.69
CA PRO A 1527 -24.56 28.67 -25.21
C PRO A 1527 -25.56 28.64 -26.37
N GLN A 1528 -26.57 27.79 -26.26
CA GLN A 1528 -27.57 27.66 -27.32
C GLN A 1528 -28.65 28.73 -27.22
N LYS A 1529 -29.50 28.80 -28.23
CA LYS A 1529 -30.57 29.81 -28.24
C LYS A 1529 -31.51 29.71 -27.05
N PRO A 1530 -31.97 30.87 -26.54
CA PRO A 1530 -32.94 30.81 -25.44
C PRO A 1530 -34.27 30.18 -25.85
N ILE A 1531 -34.86 29.40 -24.95
CA ILE A 1531 -36.12 28.73 -25.24
C ILE A 1531 -37.29 29.72 -25.25
N PRO A 1532 -38.09 29.72 -26.32
CA PRO A 1532 -39.24 30.63 -26.42
C PRO A 1532 -40.24 30.43 -25.29
N ARG A 1533 -40.71 31.52 -24.70
CA ARG A 1533 -41.68 31.44 -23.60
C ARG A 1533 -43.08 31.16 -24.12
N PRO A 1534 -43.73 30.11 -23.60
CA PRO A 1534 -45.10 29.79 -24.00
C PRO A 1534 -46.08 30.89 -23.62
N GLY A 1535 -47.08 31.14 -24.47
CA GLY A 1535 -47.99 32.24 -24.23
C GLY A 1535 -49.35 32.01 -23.61
N ASN A 1536 -49.51 30.99 -22.77
CA ASN A 1536 -50.78 30.80 -22.08
C ASN A 1536 -50.48 31.32 -20.72
N LYS A 1537 -51.11 32.38 -20.25
CA LYS A 1537 -50.69 33.01 -19.01
C LYS A 1537 -50.03 32.08 -18.07
N ILE A 1538 -50.63 30.95 -17.85
CA ILE A 1538 -50.14 29.97 -16.91
C ILE A 1538 -48.79 29.48 -17.24
N GLN A 1539 -48.56 29.20 -18.50
CA GLN A 1539 -47.31 28.58 -18.83
C GLN A 1539 -46.30 29.67 -18.78
N GLY A 1540 -46.63 30.87 -19.15
CA GLY A 1540 -45.72 31.96 -19.00
C GLY A 1540 -45.28 32.02 -17.58
N CYS A 1541 -46.19 31.97 -16.60
CA CYS A 1541 -45.81 31.95 -15.16
C CYS A 1541 -44.92 30.79 -14.77
N ILE A 1542 -45.31 29.57 -15.09
CA ILE A 1542 -44.47 28.42 -14.80
C ILE A 1542 -43.08 28.60 -15.39
N PHE A 1543 -43.00 29.15 -16.60
CA PHE A 1543 -41.72 29.39 -17.26
C PHE A 1543 -40.88 30.34 -16.43
N ASP A 1544 -41.48 31.45 -16.01
CA ASP A 1544 -40.75 32.43 -15.21
C ASP A 1544 -40.17 31.78 -13.97
N LEU A 1545 -40.90 30.87 -13.36
CA LEU A 1545 -40.42 30.21 -12.15
C LEU A 1545 -39.25 29.27 -12.44
N VAL A 1546 -39.43 28.36 -13.39
CA VAL A 1546 -38.38 27.37 -13.68
C VAL A 1546 -37.09 27.96 -14.26
N THR A 1547 -37.17 29.16 -14.82
CA THR A 1547 -35.98 29.81 -15.41
C THR A 1547 -35.19 30.64 -14.39
N ASN A 1548 -35.79 30.99 -13.26
CA ASN A 1548 -35.10 31.76 -12.23
C ASN A 1548 -33.97 30.94 -11.61
N GLN A 1549 -32.87 31.60 -11.27
CA GLN A 1549 -31.74 30.87 -10.72
C GLN A 1549 -32.11 30.23 -9.38
N ALA A 1550 -32.94 30.92 -8.59
CA ALA A 1550 -33.35 30.41 -7.28
C ALA A 1550 -34.00 29.04 -7.39
N PHE A 1551 -34.85 28.83 -8.39
CA PHE A 1551 -35.46 27.52 -8.60
C PHE A 1551 -34.41 26.43 -8.56
N ASP A 1552 -33.34 26.60 -9.32
CA ASP A 1552 -32.26 25.62 -9.35
C ASP A 1552 -31.43 25.55 -8.08
N ILE A 1553 -31.24 26.66 -7.42
CA ILE A 1553 -30.53 26.62 -6.17
C ILE A 1553 -31.34 25.81 -5.18
N SER A 1554 -32.64 25.93 -5.24
CA SER A 1554 -33.46 25.19 -4.33
C SER A 1554 -33.34 23.74 -4.63
N ILE A 1555 -33.36 23.39 -5.90
CA ILE A 1555 -33.31 22.00 -6.23
C ILE A 1555 -31.98 21.44 -5.72
N MET A 1556 -30.94 22.23 -5.78
CA MET A 1556 -29.66 21.77 -5.29
C MET A 1556 -29.63 21.55 -3.81
N VAL A 1557 -30.15 22.49 -3.06
CA VAL A 1557 -30.21 22.25 -1.63
C VAL A 1557 -31.08 21.04 -1.31
N LEU A 1558 -32.14 20.77 -2.06
CA LEU A 1558 -32.92 19.59 -1.77
C LEU A 1558 -32.16 18.32 -2.07
N ILE A 1559 -31.39 18.30 -3.15
CA ILE A 1559 -30.57 17.13 -3.41
C ILE A 1559 -29.61 16.93 -2.28
N CYS A 1560 -29.01 18.02 -1.79
CA CYS A 1560 -28.06 17.91 -0.68
C CYS A 1560 -28.70 17.35 0.59
N LEU A 1561 -29.94 17.72 0.85
CA LEU A 1561 -30.67 17.17 2.00
C LEU A 1561 -31.00 15.70 1.81
N ASN A 1562 -31.27 15.29 0.58
CA ASN A 1562 -31.56 13.88 0.30
C ASN A 1562 -30.33 13.05 0.59
N MET A 1563 -29.16 13.61 0.36
CA MET A 1563 -27.92 12.90 0.64
C MET A 1563 -27.79 12.68 2.13
N VAL A 1564 -28.13 13.67 2.93
CA VAL A 1564 -28.09 13.53 4.38
C VAL A 1564 -29.07 12.47 4.85
N THR A 1565 -30.26 12.43 4.26
CA THR A 1565 -31.21 11.38 4.60
C THR A 1565 -30.65 10.01 4.37
N MET A 1566 -29.77 9.87 3.41
CA MET A 1566 -29.25 8.57 3.09
C MET A 1566 -28.01 8.26 3.86
N MET A 1567 -27.48 9.23 4.56
CA MET A 1567 -26.26 9.04 5.28
C MET A 1567 -26.53 8.69 6.72
N VAL A 1568 -27.76 8.91 7.17
CA VAL A 1568 -28.10 8.64 8.56
C VAL A 1568 -28.54 7.19 8.75
N GLU A 1569 -28.55 6.42 7.67
CA GLU A 1569 -28.94 5.02 7.76
C GLU A 1569 -27.81 4.20 8.35
N LYS A 1570 -28.10 3.43 9.39
CA LYS A 1570 -27.07 2.65 10.07
C LYS A 1570 -27.51 1.22 10.36
N GLU A 1571 -26.56 0.37 10.69
CA GLU A 1571 -26.90 -1.01 11.01
C GLU A 1571 -27.44 -1.09 12.43
N GLY A 1572 -28.70 -1.50 12.56
CA GLY A 1572 -29.32 -1.60 13.87
C GLY A 1572 -30.34 -0.51 14.13
N GLN A 1573 -30.67 0.27 13.10
CA GLN A 1573 -31.69 1.31 13.26
C GLN A 1573 -33.05 0.69 13.53
N SER A 1574 -33.83 1.34 14.39
CA SER A 1574 -35.15 0.80 14.75
C SER A 1574 -36.14 0.89 13.61
N GLN A 1575 -37.24 0.14 13.71
CA GLN A 1575 -38.28 0.22 12.70
C GLN A 1575 -38.79 1.65 12.59
N HIS A 1576 -38.89 2.34 13.73
CA HIS A 1576 -39.30 3.74 13.71
C HIS A 1576 -38.43 4.53 12.74
N MET A 1577 -37.11 4.46 12.91
CA MET A 1577 -36.23 5.17 12.04
C MET A 1577 -36.43 4.68 10.65
N THR A 1578 -36.49 3.38 10.43
CA THR A 1578 -36.62 2.98 9.03
C THR A 1578 -37.87 3.58 8.41
N GLU A 1579 -39.01 3.47 9.05
CA GLU A 1579 -40.22 4.05 8.52
C GLU A 1579 -40.12 5.54 8.22
N VAL A 1580 -39.57 6.29 9.15
CA VAL A 1580 -39.48 7.71 8.95
C VAL A 1580 -38.65 8.00 7.73
N LEU A 1581 -37.54 7.32 7.59
CA LEU A 1581 -36.68 7.61 6.47
C LEU A 1581 -37.39 7.27 5.16
N TYR A 1582 -38.23 6.26 5.15
CA TYR A 1582 -38.95 5.91 3.96
C TYR A 1582 -39.82 7.01 3.54
N TRP A 1583 -40.56 7.60 4.45
CA TRP A 1583 -41.49 8.61 3.99
C TRP A 1583 -40.79 9.89 3.60
N ILE A 1584 -39.62 10.15 4.13
CA ILE A 1584 -38.90 11.32 3.71
C ILE A 1584 -38.49 11.10 2.28
N ASN A 1585 -38.11 9.90 1.95
CA ASN A 1585 -37.65 9.68 0.61
C ASN A 1585 -38.83 9.71 -0.31
N VAL A 1586 -39.99 9.27 0.12
CA VAL A 1586 -41.14 9.37 -0.73
C VAL A 1586 -41.38 10.82 -1.05
N VAL A 1587 -41.26 11.70 -0.08
CA VAL A 1587 -41.53 13.11 -0.31
C VAL A 1587 -40.49 13.69 -1.22
N PHE A 1588 -39.25 13.28 -1.08
CA PHE A 1588 -38.26 13.78 -2.01
C PHE A 1588 -38.57 13.34 -3.40
N ILE A 1589 -38.96 12.10 -3.60
CA ILE A 1589 -39.34 11.68 -4.94
C ILE A 1589 -40.49 12.53 -5.44
N ILE A 1590 -41.53 12.73 -4.66
CA ILE A 1590 -42.64 13.48 -5.16
C ILE A 1590 -42.15 14.83 -5.58
N LEU A 1591 -41.27 15.48 -4.84
CA LEU A 1591 -40.89 16.83 -5.21
C LEU A 1591 -40.08 16.91 -6.46
N PHE A 1592 -39.22 15.96 -6.71
CA PHE A 1592 -38.40 15.97 -7.90
C PHE A 1592 -39.24 15.65 -9.12
N THR A 1593 -40.22 14.78 -8.98
CA THR A 1593 -41.12 14.51 -10.10
C THR A 1593 -41.85 15.81 -10.41
N GLY A 1594 -42.18 16.56 -9.37
CA GLY A 1594 -42.90 17.82 -9.55
C GLY A 1594 -42.14 18.84 -10.38
N GLU A 1595 -40.88 19.08 -10.05
CA GLU A 1595 -40.08 20.04 -10.82
C GLU A 1595 -39.92 19.57 -12.26
N CYS A 1596 -39.92 18.26 -12.47
CA CYS A 1596 -39.79 17.72 -13.83
C CYS A 1596 -41.00 18.04 -14.71
N VAL A 1597 -42.20 17.81 -14.20
CA VAL A 1597 -43.41 18.06 -14.99
C VAL A 1597 -43.62 19.56 -15.18
N LEU A 1598 -43.20 20.37 -14.21
CA LEU A 1598 -43.28 21.83 -14.34
C LEU A 1598 -42.43 22.24 -15.51
N LYS A 1599 -41.20 21.72 -15.57
CA LYS A 1599 -40.34 22.02 -16.71
C LYS A 1599 -41.01 21.60 -18.02
N LEU A 1600 -41.52 20.38 -18.06
CA LEU A 1600 -42.15 19.87 -19.29
C LEU A 1600 -43.32 20.72 -19.81
N ILE A 1601 -44.05 21.37 -18.90
CA ILE A 1601 -45.17 22.21 -19.30
C ILE A 1601 -44.69 23.39 -20.13
N SER A 1602 -43.76 24.15 -19.57
CA SER A 1602 -43.25 25.33 -20.27
C SER A 1602 -42.31 24.98 -21.40
N LEU A 1603 -41.29 24.17 -21.12
CA LEU A 1603 -40.30 23.86 -22.15
C LEU A 1603 -40.84 22.97 -23.25
N ARG A 1604 -41.88 22.19 -22.95
CA ARG A 1604 -42.46 21.27 -23.93
C ARG A 1604 -41.38 20.38 -24.56
N HIS A 1605 -41.28 20.37 -25.89
CA HIS A 1605 -40.29 19.54 -26.55
C HIS A 1605 -38.85 20.03 -26.33
N TYR A 1606 -38.68 21.33 -26.13
CA TYR A 1606 -37.34 21.88 -25.90
C TYR A 1606 -36.68 21.27 -24.67
N TYR A 1607 -37.46 20.64 -23.81
CA TYR A 1607 -36.91 20.03 -22.60
C TYR A 1607 -35.93 18.92 -22.91
N PHE A 1608 -36.07 18.28 -24.06
CA PHE A 1608 -35.24 17.15 -24.33
C PHE A 1608 -34.13 17.54 -25.26
N THR A 1609 -33.87 18.83 -25.35
CA THR A 1609 -32.80 19.32 -26.18
C THR A 1609 -31.70 19.78 -25.28
N VAL A 1610 -31.64 19.25 -24.07
CA VAL A 1610 -30.59 19.59 -23.16
C VAL A 1610 -30.21 18.33 -22.47
N GLY A 1611 -28.95 17.98 -22.52
CA GLY A 1611 -28.51 16.72 -21.98
C GLY A 1611 -28.73 16.52 -20.52
N TRP A 1612 -28.73 17.58 -19.77
CA TRP A 1612 -28.85 17.42 -18.35
C TRP A 1612 -30.27 17.12 -18.03
N ASN A 1613 -31.19 17.69 -18.77
CA ASN A 1613 -32.59 17.47 -18.53
C ASN A 1613 -32.95 16.04 -18.80
N ILE A 1614 -32.35 15.43 -19.79
CA ILE A 1614 -32.61 14.05 -20.03
C ILE A 1614 -32.07 13.17 -18.92
N PHE A 1615 -30.93 13.50 -18.36
CA PHE A 1615 -30.41 12.73 -17.25
C PHE A 1615 -31.39 12.81 -16.12
N ASP A 1616 -31.93 13.97 -15.86
CA ASP A 1616 -32.89 14.11 -14.80
C ASP A 1616 -34.12 13.30 -15.03
N PHE A 1617 -34.67 13.26 -16.23
CA PHE A 1617 -35.80 12.42 -16.53
C PHE A 1617 -35.49 10.98 -16.25
N VAL A 1618 -34.36 10.53 -16.73
CA VAL A 1618 -34.02 9.17 -16.53
C VAL A 1618 -34.01 8.92 -15.03
N VAL A 1619 -33.39 9.77 -14.25
CA VAL A 1619 -33.29 9.52 -12.83
C VAL A 1619 -34.67 9.49 -12.21
N VAL A 1620 -35.53 10.44 -12.53
CA VAL A 1620 -36.89 10.40 -12.03
C VAL A 1620 -37.50 9.04 -12.27
N ILE A 1621 -37.55 8.56 -13.49
CA ILE A 1621 -38.23 7.30 -13.73
C ILE A 1621 -37.58 6.20 -12.96
N ILE A 1622 -36.27 6.13 -13.05
CA ILE A 1622 -35.56 5.11 -12.32
C ILE A 1622 -35.98 5.12 -10.89
N SER A 1623 -36.03 6.25 -10.23
CA SER A 1623 -36.36 6.31 -8.81
C SER A 1623 -37.71 5.67 -8.48
N ILE A 1624 -38.75 6.09 -9.18
CA ILE A 1624 -40.06 5.52 -8.96
C ILE A 1624 -40.05 4.03 -9.18
N VAL A 1625 -39.47 3.62 -10.29
CA VAL A 1625 -39.49 2.21 -10.60
C VAL A 1625 -38.88 1.53 -9.44
N GLY A 1626 -37.73 1.98 -9.01
CA GLY A 1626 -37.04 1.40 -7.89
C GLY A 1626 -37.89 1.26 -6.68
N MET A 1627 -38.42 2.35 -6.15
CA MET A 1627 -39.34 2.24 -5.03
C MET A 1627 -40.32 1.12 -5.24
N PHE A 1628 -41.15 1.21 -6.27
CA PHE A 1628 -42.18 0.18 -6.43
C PHE A 1628 -41.64 -1.23 -6.43
N LEU A 1629 -40.64 -1.48 -7.25
CA LEU A 1629 -40.14 -2.83 -7.39
C LEU A 1629 -39.58 -3.35 -6.11
N ALA A 1630 -38.87 -2.54 -5.38
CA ALA A 1630 -38.25 -3.00 -4.16
C ALA A 1630 -39.32 -3.30 -3.16
N ASP A 1631 -40.34 -2.46 -3.08
CA ASP A 1631 -41.45 -2.75 -2.17
C ASP A 1631 -42.03 -4.14 -2.44
N LEU A 1632 -42.07 -4.55 -3.70
CA LEU A 1632 -42.61 -5.86 -4.06
C LEU A 1632 -41.69 -7.00 -3.64
N ILE A 1633 -40.41 -6.90 -3.98
CA ILE A 1633 -39.44 -7.94 -3.63
C ILE A 1633 -39.47 -8.23 -2.13
N GLU A 1634 -39.60 -7.19 -1.32
CA GLU A 1634 -39.63 -7.36 0.13
C GLU A 1634 -40.87 -8.13 0.60
N THR A 1635 -41.99 -7.94 -0.08
CA THR A 1635 -43.23 -8.59 0.31
C THR A 1635 -43.50 -9.88 -0.48
N TYR A 1636 -43.84 -9.74 -1.76
CA TYR A 1636 -44.17 -10.91 -2.58
C TYR A 1636 -43.02 -11.89 -2.75
N PHE A 1637 -41.87 -11.42 -3.22
CA PHE A 1637 -40.75 -12.33 -3.49
C PHE A 1637 -39.85 -12.58 -2.29
N VAL A 1638 -38.80 -13.39 -2.48
CA VAL A 1638 -37.84 -13.62 -1.40
C VAL A 1638 -36.41 -13.41 -1.90
N SER A 1639 -35.99 -12.15 -2.00
CA SER A 1639 -34.63 -11.85 -2.46
C SER A 1639 -34.03 -10.64 -1.76
N PRO A 1640 -33.44 -10.84 -0.57
CA PRO A 1640 -32.80 -9.74 0.16
C PRO A 1640 -31.61 -9.17 -0.61
N THR A 1641 -30.85 -10.02 -1.30
CA THR A 1641 -29.73 -9.57 -2.10
C THR A 1641 -30.20 -8.59 -3.16
N LEU A 1642 -31.21 -8.98 -3.91
CA LEU A 1642 -31.73 -8.11 -4.94
C LEU A 1642 -32.39 -6.87 -4.40
N PHE A 1643 -32.97 -6.89 -3.22
CA PHE A 1643 -33.51 -5.68 -2.64
C PHE A 1643 -32.43 -4.68 -2.58
N ARG A 1644 -31.29 -5.08 -2.11
CA ARG A 1644 -30.23 -4.14 -1.97
C ARG A 1644 -29.82 -3.62 -3.30
N VAL A 1645 -29.52 -4.49 -4.22
CA VAL A 1645 -29.03 -4.08 -5.53
C VAL A 1645 -30.00 -3.19 -6.28
N ILE A 1646 -31.28 -3.36 -6.02
CA ILE A 1646 -32.25 -2.52 -6.71
C ILE A 1646 -32.23 -1.15 -6.08
N ARG A 1647 -32.15 -1.09 -4.77
CA ARG A 1647 -32.20 0.18 -4.09
C ARG A 1647 -30.96 0.98 -4.27
N LEU A 1648 -30.01 0.51 -5.09
CA LEU A 1648 -28.84 1.31 -5.39
C LEU A 1648 -29.23 2.45 -6.31
N ALA A 1649 -30.46 2.41 -6.82
CA ALA A 1649 -30.95 3.45 -7.73
C ALA A 1649 -31.05 4.83 -7.10
N ARG A 1650 -31.46 4.89 -5.83
CA ARG A 1650 -31.66 6.19 -5.15
C ARG A 1650 -30.46 7.15 -5.23
N ILE A 1651 -29.26 6.60 -5.38
CA ILE A 1651 -28.06 7.44 -5.42
C ILE A 1651 -27.99 8.21 -6.73
N GLY A 1652 -28.85 7.88 -7.68
CA GLY A 1652 -28.89 8.63 -8.93
C GLY A 1652 -29.33 10.06 -8.67
N ARG A 1653 -30.30 10.25 -7.79
CA ARG A 1653 -30.77 11.60 -7.44
C ARG A 1653 -29.61 12.40 -6.87
N ILE A 1654 -28.74 11.75 -6.12
CA ILE A 1654 -27.60 12.41 -5.51
C ILE A 1654 -26.55 12.81 -6.55
N LEU A 1655 -26.38 12.02 -7.59
CA LEU A 1655 -25.42 12.34 -8.66
C LEU A 1655 -25.77 13.62 -9.45
N ARG A 1656 -27.01 14.07 -9.32
CA ARG A 1656 -27.40 15.31 -10.00
C ARG A 1656 -26.64 16.51 -9.45
N LEU A 1657 -25.89 16.32 -8.35
CA LEU A 1657 -25.09 17.41 -7.76
C LEU A 1657 -23.96 17.92 -8.65
N VAL A 1658 -23.38 17.05 -9.47
CA VAL A 1658 -22.22 17.44 -10.29
C VAL A 1658 -22.55 18.59 -11.25
N LYS A 1659 -23.80 18.69 -11.68
CA LYS A 1659 -24.21 19.78 -12.56
C LYS A 1659 -23.97 21.13 -11.90
N GLY A 1660 -24.35 21.24 -10.63
CA GLY A 1660 -24.18 22.51 -9.91
C GLY A 1660 -22.75 22.91 -9.65
N ALA A 1661 -21.88 21.95 -9.37
CA ALA A 1661 -20.50 22.27 -9.05
C ALA A 1661 -19.61 22.22 -10.29
N LYS A 1662 -19.16 23.39 -10.74
CA LYS A 1662 -18.33 23.45 -11.94
C LYS A 1662 -16.99 22.76 -11.78
N GLY A 1663 -16.35 22.92 -10.62
CA GLY A 1663 -15.05 22.33 -10.39
C GLY A 1663 -15.10 20.82 -10.49
N ILE A 1664 -16.12 20.21 -9.90
CA ILE A 1664 -16.27 18.76 -9.96
C ILE A 1664 -16.57 18.30 -11.39
N ARG A 1665 -17.51 18.95 -12.05
CA ARG A 1665 -17.90 18.49 -13.39
C ARG A 1665 -16.74 18.58 -14.40
N THR A 1666 -15.85 19.56 -14.27
CA THR A 1666 -14.71 19.68 -15.19
C THR A 1666 -13.81 18.46 -15.12
N LEU A 1667 -13.50 18.02 -13.90
CA LEU A 1667 -12.66 16.85 -13.71
C LEU A 1667 -13.37 15.60 -14.24
N LEU A 1668 -14.68 15.53 -14.06
CA LEU A 1668 -15.44 14.40 -14.57
C LEU A 1668 -15.39 14.37 -16.08
N PHE A 1669 -15.45 15.54 -16.72
CA PHE A 1669 -15.36 15.64 -18.17
C PHE A 1669 -13.99 15.17 -18.61
N ALA A 1670 -12.96 15.55 -17.85
CA ALA A 1670 -11.61 15.07 -18.16
C ALA A 1670 -11.57 13.55 -18.10
N LEU A 1671 -12.15 12.95 -17.08
CA LEU A 1671 -12.21 11.49 -16.99
C LEU A 1671 -12.95 10.89 -18.18
N MET A 1672 -14.02 11.53 -18.62
CA MET A 1672 -14.80 11.02 -19.76
C MET A 1672 -13.94 10.97 -21.01
N MET A 1673 -13.14 12.00 -21.24
CA MET A 1673 -12.25 12.02 -22.40
C MET A 1673 -11.19 10.93 -22.29
N SER A 1674 -10.71 10.67 -21.08
CA SER A 1674 -9.68 9.64 -20.87
C SER A 1674 -10.20 8.22 -20.98
N LEU A 1675 -11.52 8.03 -20.95
CA LEU A 1675 -12.09 6.66 -20.97
C LEU A 1675 -11.69 5.76 -22.16
N PRO A 1676 -11.66 6.28 -23.41
CA PRO A 1676 -11.24 5.37 -24.48
C PRO A 1676 -9.82 4.83 -24.31
N ALA A 1677 -8.88 5.67 -23.92
CA ALA A 1677 -7.51 5.21 -23.69
C ALA A 1677 -7.45 4.20 -22.56
N LEU A 1678 -8.18 4.45 -21.48
CA LEU A 1678 -8.21 3.53 -20.35
C LEU A 1678 -8.78 2.19 -20.76
N PHE A 1679 -9.74 2.19 -21.67
CA PHE A 1679 -10.34 0.95 -22.17
C PHE A 1679 -9.29 0.00 -22.74
N ASN A 1680 -8.44 0.50 -23.64
CA ASN A 1680 -7.41 -0.33 -24.27
C ASN A 1680 -6.41 -0.89 -23.26
N ILE A 1681 -5.98 -0.05 -22.33
CA ILE A 1681 -5.06 -0.50 -21.30
C ILE A 1681 -5.73 -1.58 -20.47
N GLY A 1682 -7.01 -1.39 -20.16
CA GLY A 1682 -7.75 -2.39 -19.40
C GLY A 1682 -7.81 -3.70 -20.14
N LEU A 1683 -8.06 -3.67 -21.44
CA LEU A 1683 -8.09 -4.89 -22.23
C LEU A 1683 -6.75 -5.60 -22.21
N LEU A 1684 -5.67 -4.84 -22.35
CA LEU A 1684 -4.34 -5.45 -22.31
C LEU A 1684 -4.11 -6.11 -20.94
N LEU A 1685 -4.52 -5.43 -19.88
CA LEU A 1685 -4.35 -5.97 -18.55
C LEU A 1685 -5.11 -7.27 -18.40
N PHE A 1686 -6.35 -7.30 -18.91
CA PHE A 1686 -7.15 -8.50 -18.81
C PHE A 1686 -6.47 -9.64 -19.55
N LEU A 1687 -5.97 -9.42 -20.76
CA LEU A 1687 -5.24 -10.48 -21.48
C LEU A 1687 -4.06 -11.04 -20.69
N VAL A 1688 -3.20 -10.14 -20.21
CA VAL A 1688 -2.04 -10.56 -19.44
C VAL A 1688 -2.48 -11.30 -18.19
N MET A 1689 -3.49 -10.76 -17.51
CA MET A 1689 -3.99 -11.39 -16.30
C MET A 1689 -4.53 -12.77 -16.61
N PHE A 1690 -5.27 -12.92 -17.72
CA PHE A 1690 -5.81 -14.21 -18.13
C PHE A 1690 -4.69 -15.23 -18.34
N ILE A 1691 -3.64 -14.82 -19.06
CA ILE A 1691 -2.52 -15.72 -19.30
C ILE A 1691 -1.87 -16.14 -18.00
N TYR A 1692 -1.67 -15.17 -17.10
CA TYR A 1692 -1.03 -15.48 -15.83
C TYR A 1692 -1.88 -16.45 -15.03
N ALA A 1693 -3.20 -16.27 -15.05
CA ALA A 1693 -4.10 -17.14 -14.33
C ALA A 1693 -4.04 -18.55 -14.86
N ILE A 1694 -4.02 -18.69 -16.18
CA ILE A 1694 -3.88 -20.04 -16.74
C ILE A 1694 -2.57 -20.67 -16.26
N PHE A 1695 -1.47 -19.89 -16.31
CA PHE A 1695 -0.19 -20.43 -15.85
C PHE A 1695 -0.24 -20.85 -14.38
N GLY A 1696 -0.87 -20.06 -13.53
CA GLY A 1696 -1.00 -20.38 -12.12
C GLY A 1696 -1.81 -21.63 -11.88
N MET A 1697 -2.96 -21.73 -12.53
CA MET A 1697 -3.78 -22.93 -12.38
C MET A 1697 -2.95 -24.17 -12.65
N SER A 1698 -2.15 -24.14 -13.72
CA SER A 1698 -1.31 -25.29 -14.06
C SER A 1698 -0.20 -25.59 -13.07
N ASN A 1699 0.49 -24.56 -12.57
CA ASN A 1699 1.65 -24.81 -11.70
C ASN A 1699 1.45 -24.60 -10.21
N PHE A 1700 0.71 -23.57 -9.82
CA PHE A 1700 0.57 -23.25 -8.39
C PHE A 1700 -0.59 -23.92 -7.68
N ALA A 1701 -1.36 -24.73 -8.37
CA ALA A 1701 -2.43 -25.49 -7.69
C ALA A 1701 -1.79 -26.60 -6.88
N TYR A 1702 -2.45 -27.05 -5.82
CA TYR A 1702 -1.96 -28.16 -4.97
C TYR A 1702 -0.77 -27.80 -4.07
N VAL A 1703 -0.43 -26.52 -3.94
CA VAL A 1703 0.64 -26.12 -3.03
C VAL A 1703 0.15 -26.00 -1.60
N LYS A 1704 1.06 -26.02 -0.64
CA LYS A 1704 0.69 -25.90 0.77
C LYS A 1704 -0.08 -24.61 1.03
N LYS A 1705 -1.24 -24.71 1.67
CA LYS A 1705 -2.05 -23.53 1.93
C LYS A 1705 -1.56 -22.79 3.15
N GLU A 1706 -0.64 -21.85 2.94
CA GLU A 1706 -0.14 -21.05 4.05
C GLU A 1706 -0.02 -19.60 3.61
N ASP A 1707 0.16 -18.70 4.57
CA ASP A 1707 0.29 -17.27 4.27
C ASP A 1707 -0.87 -16.75 3.42
N GLY A 1708 -0.56 -16.18 2.25
CA GLY A 1708 -1.60 -15.62 1.40
C GLY A 1708 -2.50 -16.61 0.72
N ILE A 1709 -2.02 -17.83 0.52
CA ILE A 1709 -2.82 -18.86 -0.13
C ILE A 1709 -3.69 -19.55 0.90
N ASN A 1710 -5.01 -19.43 0.75
CA ASN A 1710 -5.93 -20.07 1.67
C ASN A 1710 -7.03 -20.78 0.91
N ASP A 1711 -8.14 -21.05 1.58
CA ASP A 1711 -9.23 -21.72 0.93
C ASP A 1711 -10.04 -20.91 -0.02
N MET A 1712 -9.91 -19.62 -0.02
CA MET A 1712 -10.76 -18.89 -0.89
C MET A 1712 -9.92 -18.07 -1.81
N PHE A 1713 -8.64 -17.95 -1.51
CA PHE A 1713 -7.75 -17.21 -2.36
C PHE A 1713 -6.59 -18.09 -2.73
N ASN A 1714 -6.82 -19.00 -3.66
CA ASN A 1714 -5.80 -19.92 -4.09
C ASN A 1714 -5.71 -19.82 -5.56
N PHE A 1715 -5.05 -20.76 -6.19
CA PHE A 1715 -4.91 -20.76 -7.62
C PHE A 1715 -5.46 -22.05 -8.10
N GLU A 1716 -6.59 -22.48 -7.58
CA GLU A 1716 -7.13 -23.77 -7.93
C GLU A 1716 -8.12 -23.70 -9.03
N THR A 1717 -8.90 -22.65 -9.11
CA THR A 1717 -9.83 -22.50 -10.20
C THR A 1717 -9.51 -21.22 -10.92
N PHE A 1718 -10.23 -20.92 -11.97
CA PHE A 1718 -9.99 -19.71 -12.72
C PHE A 1718 -10.39 -18.55 -11.90
N GLY A 1719 -11.57 -18.60 -11.34
CA GLY A 1719 -12.03 -17.54 -10.51
C GLY A 1719 -11.09 -17.19 -9.41
N ASN A 1720 -10.74 -18.15 -8.58
CA ASN A 1720 -9.90 -17.88 -7.45
C ASN A 1720 -8.61 -17.27 -7.95
N SER A 1721 -8.10 -17.80 -9.02
CA SER A 1721 -6.88 -17.32 -9.61
C SER A 1721 -6.93 -15.86 -9.97
N MET A 1722 -7.98 -15.43 -10.62
CA MET A 1722 -8.02 -14.04 -11.10
C MET A 1722 -8.18 -13.03 -9.98
N ILE A 1723 -8.80 -13.44 -8.90
CA ILE A 1723 -8.95 -12.59 -7.75
C ILE A 1723 -7.59 -12.26 -7.19
N CYS A 1724 -6.81 -13.30 -6.96
CA CYS A 1724 -5.47 -13.12 -6.47
C CYS A 1724 -4.72 -12.23 -7.41
N LEU A 1725 -4.91 -12.42 -8.68
CA LEU A 1725 -4.06 -11.64 -9.55
C LEU A 1725 -4.46 -10.21 -9.61
N PHE A 1726 -5.72 -9.89 -9.36
CA PHE A 1726 -6.15 -8.52 -9.28
C PHE A 1726 -5.49 -7.87 -8.11
N GLN A 1727 -5.52 -8.51 -6.97
CA GLN A 1727 -4.85 -7.99 -5.83
C GLN A 1727 -3.46 -7.60 -6.21
N ILE A 1728 -2.68 -8.53 -6.74
CA ILE A 1728 -1.30 -8.27 -7.05
C ILE A 1728 -1.09 -7.26 -8.14
N THR A 1729 -2.11 -6.89 -8.88
CA THR A 1729 -1.88 -5.88 -9.89
C THR A 1729 -1.46 -4.62 -9.20
N THR A 1730 -1.94 -4.38 -7.99
CA THR A 1730 -1.56 -3.21 -7.24
C THR A 1730 -0.46 -3.57 -6.27
N SER A 1731 0.29 -4.62 -6.58
CA SER A 1731 1.39 -5.04 -5.72
C SER A 1731 0.98 -5.21 -4.27
N ALA A 1732 -0.19 -5.77 -4.02
CA ALA A 1732 -0.63 -5.94 -2.64
C ALA A 1732 -0.75 -7.40 -2.22
N GLY A 1733 -0.05 -7.76 -1.16
CA GLY A 1733 -0.08 -9.12 -0.65
C GLY A 1733 0.69 -10.09 -1.55
N TRP A 1734 1.47 -9.53 -2.47
CA TRP A 1734 2.24 -10.38 -3.39
C TRP A 1734 3.23 -11.23 -2.61
N ASP A 1735 3.83 -10.63 -1.59
CA ASP A 1735 4.79 -11.34 -0.75
C ASP A 1735 4.17 -12.55 -0.06
N GLY A 1736 2.94 -12.40 0.42
CA GLY A 1736 2.26 -13.50 1.10
C GLY A 1736 2.02 -14.71 0.23
N LEU A 1737 1.59 -14.48 -1.01
CA LEU A 1737 1.33 -15.56 -1.95
C LEU A 1737 2.63 -16.31 -2.27
N LEU A 1738 3.70 -15.53 -2.43
CA LEU A 1738 5.02 -16.03 -2.76
C LEU A 1738 5.65 -17.00 -1.76
N ALA A 1739 5.44 -16.75 -0.47
CA ALA A 1739 6.06 -17.58 0.57
C ALA A 1739 5.64 -19.06 0.50
N PRO A 1740 4.30 -19.31 0.23
CA PRO A 1740 3.98 -20.75 0.16
C PRO A 1740 4.72 -21.42 -0.99
N ILE A 1741 4.82 -20.71 -2.11
CA ILE A 1741 5.48 -21.20 -3.31
C ILE A 1741 6.97 -21.46 -3.14
N LEU A 1742 7.63 -20.62 -2.37
CA LEU A 1742 9.08 -20.71 -2.15
C LEU A 1742 9.62 -21.98 -1.51
N ASN A 1743 8.94 -22.54 -0.52
CA ASN A 1743 9.45 -23.74 0.15
C ASN A 1743 9.23 -25.01 -0.65
N SER A 1744 10.33 -25.61 -1.11
CA SER A 1744 10.29 -26.84 -1.89
C SER A 1744 10.87 -28.07 -1.19
N LYS A 1745 11.21 -27.94 0.09
CA LYS A 1745 11.79 -29.08 0.80
C LYS A 1745 11.26 -29.28 2.22
N PRO A 1746 11.35 -30.59 2.71
CA PRO A 1746 10.86 -30.76 4.08
C PRO A 1746 11.80 -30.10 5.08
N PRO A 1747 11.31 -29.79 6.27
CA PRO A 1747 9.92 -30.10 6.66
C PRO A 1747 8.88 -29.06 6.25
N ASP A 1748 9.29 -28.07 5.49
CA ASP A 1748 8.36 -27.03 5.05
C ASP A 1748 7.23 -27.59 4.19
N CYS A 1749 7.57 -28.51 3.29
CA CYS A 1749 6.56 -29.11 2.42
C CYS A 1749 6.80 -30.60 2.26
N ASP A 1750 5.75 -31.34 1.91
CA ASP A 1750 5.85 -32.77 1.72
C ASP A 1750 5.60 -33.16 0.25
N PRO A 1751 6.57 -33.87 -0.31
CA PRO A 1751 6.54 -34.35 -1.70
C PRO A 1751 5.45 -35.37 -2.03
N LYS A 1752 5.17 -36.25 -1.08
CA LYS A 1752 4.21 -37.34 -1.25
C LYS A 1752 2.75 -37.10 -0.87
N LYS A 1753 2.36 -35.85 -0.66
CA LYS A 1753 0.99 -35.58 -0.25
C LYS A 1753 0.06 -36.26 -1.24
N VAL A 1754 -0.93 -36.96 -0.69
CA VAL A 1754 -1.91 -37.73 -1.47
C VAL A 1754 -2.81 -36.95 -2.43
N HIS A 1755 -3.33 -35.80 -2.02
CA HIS A 1755 -4.20 -35.06 -2.90
C HIS A 1755 -5.32 -35.99 -3.39
N PRO A 1756 -6.11 -36.56 -2.40
CA PRO A 1756 -7.12 -37.49 -2.90
C PRO A 1756 -8.04 -36.88 -3.94
N GLY A 1757 -8.33 -37.69 -4.96
CA GLY A 1757 -9.16 -37.29 -6.09
C GLY A 1757 -8.30 -36.62 -7.15
N SER A 1758 -7.00 -36.52 -6.87
CA SER A 1758 -6.05 -35.91 -7.80
C SER A 1758 -4.84 -36.80 -8.04
N SER A 1759 -4.47 -36.93 -9.30
CA SER A 1759 -3.30 -37.71 -9.72
C SER A 1759 -2.00 -37.12 -9.19
N VAL A 1760 -1.94 -35.79 -9.12
CA VAL A 1760 -0.75 -35.08 -8.66
C VAL A 1760 -0.38 -35.44 -7.22
N GLU A 1761 0.92 -35.57 -6.98
CA GLU A 1761 1.43 -35.92 -5.66
C GLU A 1761 2.38 -34.88 -5.06
N GLY A 1762 2.13 -34.52 -3.81
CA GLY A 1762 2.95 -33.56 -3.08
C GLY A 1762 2.46 -32.12 -3.14
N ASP A 1763 2.79 -31.36 -2.10
CA ASP A 1763 2.39 -29.96 -2.00
C ASP A 1763 3.56 -29.00 -2.19
N CYS A 1764 4.70 -29.54 -2.60
CA CYS A 1764 5.90 -28.71 -2.83
C CYS A 1764 5.71 -27.73 -3.99
N GLY A 1765 6.39 -26.59 -3.90
CA GLY A 1765 6.33 -25.56 -4.92
C GLY A 1765 7.71 -25.26 -5.46
N ASN A 1766 7.78 -24.74 -6.68
CA ASN A 1766 9.06 -24.43 -7.30
C ASN A 1766 9.50 -22.99 -7.07
N PRO A 1767 10.61 -22.82 -6.36
CA PRO A 1767 11.14 -21.49 -6.05
C PRO A 1767 11.53 -20.67 -7.26
N SER A 1768 12.20 -21.28 -8.23
CA SER A 1768 12.61 -20.54 -9.42
C SER A 1768 11.41 -20.03 -10.21
N VAL A 1769 10.41 -20.90 -10.37
CA VAL A 1769 9.20 -20.54 -11.10
C VAL A 1769 8.40 -19.46 -10.36
N GLY A 1770 8.29 -19.59 -9.05
CA GLY A 1770 7.54 -18.65 -8.25
C GLY A 1770 8.07 -17.23 -8.24
N ILE A 1771 9.38 -17.06 -8.13
CA ILE A 1771 9.96 -15.73 -8.12
C ILE A 1771 9.71 -15.03 -9.45
N PHE A 1772 9.90 -15.76 -10.55
CA PHE A 1772 9.69 -15.21 -11.88
C PHE A 1772 8.23 -14.87 -12.17
N TYR A 1773 7.33 -15.75 -11.72
CA TYR A 1773 5.90 -15.57 -11.96
C TYR A 1773 5.36 -14.31 -11.30
N PHE A 1774 5.81 -14.05 -10.07
CA PHE A 1774 5.38 -12.89 -9.34
C PHE A 1774 6.15 -11.65 -9.69
N VAL A 1775 7.45 -11.75 -9.85
CA VAL A 1775 8.19 -10.54 -10.10
C VAL A 1775 7.79 -9.97 -11.44
N SER A 1776 7.69 -10.83 -12.42
CA SER A 1776 7.37 -10.34 -13.73
C SER A 1776 6.03 -9.68 -13.74
N TYR A 1777 5.08 -10.17 -12.97
CA TYR A 1777 3.75 -9.61 -13.01
C TYR A 1777 3.76 -8.26 -12.40
N ILE A 1778 4.45 -8.11 -11.29
CA ILE A 1778 4.38 -6.81 -10.69
C ILE A 1778 5.12 -5.84 -11.58
N ILE A 1779 6.19 -6.19 -12.26
CA ILE A 1779 6.83 -5.26 -13.13
C ILE A 1779 5.93 -4.91 -14.28
N ILE A 1780 5.29 -5.89 -14.88
CA ILE A 1780 4.47 -5.61 -16.03
C ILE A 1780 3.41 -4.64 -15.62
N SER A 1781 2.68 -4.95 -14.57
CA SER A 1781 1.68 -4.08 -14.01
C SER A 1781 2.13 -2.65 -13.89
N PHE A 1782 3.33 -2.47 -13.38
CA PHE A 1782 3.85 -1.14 -13.17
C PHE A 1782 4.03 -0.49 -14.49
N LEU A 1783 4.52 -1.22 -15.46
CA LEU A 1783 4.81 -0.52 -16.68
C LEU A 1783 3.54 -0.30 -17.43
N VAL A 1784 2.51 -1.11 -17.26
CA VAL A 1784 1.29 -0.89 -18.00
C VAL A 1784 0.34 -0.05 -17.20
N VAL A 1785 -0.36 -0.66 -16.26
CA VAL A 1785 -1.41 0.08 -15.61
C VAL A 1785 -0.92 1.36 -14.96
N VAL A 1786 0.13 1.32 -14.16
CA VAL A 1786 0.54 2.53 -13.42
C VAL A 1786 1.06 3.62 -14.34
N ASN A 1787 2.09 3.32 -15.13
CA ASN A 1787 2.69 4.35 -15.98
C ASN A 1787 1.77 4.86 -17.10
N MET A 1788 0.94 4.00 -17.67
CA MET A 1788 0.00 4.45 -18.70
C MET A 1788 -1.12 5.30 -18.11
N TYR A 1789 -1.67 4.87 -16.98
CA TYR A 1789 -2.73 5.64 -16.33
C TYR A 1789 -2.26 7.04 -16.08
N ILE A 1790 -1.11 7.17 -15.45
CA ILE A 1790 -0.55 8.49 -15.15
C ILE A 1790 -0.47 9.33 -16.42
N ALA A 1791 0.14 8.80 -17.48
CA ALA A 1791 0.29 9.59 -18.67
C ALA A 1791 -1.01 10.09 -19.20
N VAL A 1792 -2.00 9.24 -19.28
CA VAL A 1792 -3.29 9.62 -19.82
C VAL A 1792 -3.91 10.71 -18.97
N ILE A 1793 -3.85 10.53 -17.66
CA ILE A 1793 -4.45 11.53 -16.81
C ILE A 1793 -3.75 12.84 -17.03
N LEU A 1794 -2.44 12.83 -17.09
CA LEU A 1794 -1.72 14.09 -17.20
C LEU A 1794 -2.06 14.76 -18.47
N GLU A 1795 -2.20 13.99 -19.53
CA GLU A 1795 -2.46 14.58 -20.80
C GLU A 1795 -3.80 15.21 -20.83
N ASN A 1796 -4.79 14.53 -20.29
CA ASN A 1796 -6.15 15.06 -20.41
C ASN A 1796 -6.48 16.12 -19.40
N PHE A 1797 -5.94 16.03 -18.20
CA PHE A 1797 -6.14 17.06 -17.22
C PHE A 1797 -5.78 18.34 -17.89
N SER A 1798 -4.60 18.34 -18.48
CA SER A 1798 -4.26 19.56 -19.13
C SER A 1798 -5.31 19.96 -20.10
N VAL A 1799 -5.61 19.11 -21.07
CA VAL A 1799 -6.61 19.44 -22.09
C VAL A 1799 -7.87 20.06 -21.49
N ALA A 1800 -8.45 19.40 -20.49
CA ALA A 1800 -9.69 19.89 -19.89
C ALA A 1800 -9.55 21.30 -19.33
N THR A 1801 -8.52 21.53 -18.51
CA THR A 1801 -8.31 22.86 -17.93
C THR A 1801 -8.07 23.92 -19.00
N GLU A 1802 -7.35 23.56 -20.06
CA GLU A 1802 -7.11 24.50 -21.16
C GLU A 1802 -8.42 24.86 -21.86
N GLY B 20 -6.27 -29.82 -3.60
CA GLY B 20 -6.57 -30.52 -2.37
C GLY B 20 -7.61 -31.58 -2.60
N CYS B 21 -8.47 -31.79 -1.61
CA CYS B 21 -9.47 -32.82 -1.72
C CYS B 21 -10.56 -32.41 -2.70
N VAL B 22 -10.90 -33.31 -3.61
CA VAL B 22 -11.96 -33.09 -4.58
C VAL B 22 -12.86 -34.31 -4.59
N GLU B 23 -14.13 -34.12 -4.27
CA GLU B 23 -15.06 -35.23 -4.21
C GLU B 23 -15.41 -35.66 -5.62
N VAL B 24 -15.00 -36.86 -6.00
CA VAL B 24 -15.12 -37.36 -7.36
C VAL B 24 -15.90 -38.67 -7.32
N ASP B 25 -16.77 -38.90 -8.29
CA ASP B 25 -17.65 -40.05 -8.29
C ASP B 25 -16.95 -41.26 -8.86
N SER B 26 -17.27 -42.44 -8.32
CA SER B 26 -16.88 -43.75 -8.79
C SER B 26 -17.36 -43.96 -10.21
N GLU B 27 -16.68 -44.78 -10.99
CA GLU B 27 -17.32 -45.35 -12.16
C GLU B 27 -18.42 -46.29 -11.72
N THR B 28 -19.19 -46.78 -12.68
CA THR B 28 -20.30 -47.64 -12.34
C THR B 28 -20.37 -48.89 -13.17
N GLU B 29 -19.24 -49.40 -13.63
CA GLU B 29 -19.26 -50.55 -14.53
C GLU B 29 -17.93 -51.27 -14.44
N ALA B 30 -17.97 -52.47 -13.90
CA ALA B 30 -16.77 -53.28 -13.84
C ALA B 30 -16.74 -54.26 -14.99
N VAL B 31 -15.55 -54.79 -15.26
CA VAL B 31 -15.36 -55.82 -16.27
C VAL B 31 -15.23 -57.14 -15.56
N TYR B 32 -16.00 -58.12 -15.99
CA TYR B 32 -15.88 -59.44 -15.40
C TYR B 32 -14.45 -59.94 -15.50
N GLY B 33 -13.94 -60.48 -14.40
CA GLY B 33 -12.63 -61.09 -14.38
C GLY B 33 -11.49 -60.14 -14.11
N MET B 34 -11.70 -58.84 -14.23
CA MET B 34 -10.65 -57.86 -14.05
C MET B 34 -10.75 -57.23 -12.66
N THR B 35 -9.97 -56.18 -12.43
CA THR B 35 -9.97 -55.43 -11.19
C THR B 35 -10.78 -54.15 -11.34
N PHE B 36 -11.34 -53.70 -10.21
CA PHE B 36 -12.17 -52.52 -10.22
C PHE B 36 -12.07 -51.81 -8.89
N LYS B 37 -12.04 -50.49 -8.95
CA LYS B 37 -11.86 -49.64 -7.78
C LYS B 37 -13.12 -48.83 -7.54
N ILE B 38 -13.58 -48.83 -6.30
CA ILE B 38 -14.77 -48.09 -5.92
C ILE B 38 -14.34 -46.83 -5.19
N LEU B 39 -14.76 -45.68 -5.69
CA LEU B 39 -14.34 -44.41 -5.14
C LEU B 39 -15.38 -43.88 -4.18
N CYS B 40 -14.92 -43.46 -3.00
CA CYS B 40 -15.79 -42.82 -2.02
C CYS B 40 -14.94 -41.75 -1.36
N ILE B 41 -15.20 -40.50 -1.70
CA ILE B 41 -14.41 -39.37 -1.22
C ILE B 41 -15.33 -38.39 -0.52
N SER B 42 -14.93 -37.95 0.67
CA SER B 42 -15.73 -37.04 1.47
C SER B 42 -14.80 -36.02 2.12
N CYS B 43 -14.66 -34.86 1.50
CA CYS B 43 -13.76 -33.87 2.04
C CYS B 43 -14.35 -33.22 3.28
N LYS B 44 -13.49 -32.74 4.15
CA LYS B 44 -13.91 -31.88 5.24
C LYS B 44 -14.22 -30.51 4.68
N ARG B 45 -15.21 -29.84 5.25
CA ARG B 45 -15.56 -28.52 4.74
C ARG B 45 -14.39 -27.56 4.87
N ARG B 46 -13.72 -27.59 6.00
CA ARG B 46 -12.52 -26.79 6.23
C ARG B 46 -11.34 -27.74 6.28
N SER B 47 -10.33 -27.47 5.47
CA SER B 47 -9.19 -28.37 5.34
C SER B 47 -8.35 -28.42 6.59
N GLU B 48 -8.24 -27.30 7.29
CA GLU B 48 -7.34 -27.23 8.42
C GLU B 48 -7.87 -27.92 9.66
N THR B 49 -9.12 -28.36 9.62
CA THR B 49 -9.72 -28.97 10.79
C THR B 49 -9.07 -30.30 11.11
N ASN B 50 -9.33 -30.78 12.32
CA ASN B 50 -8.70 -31.98 12.85
C ASN B 50 -9.76 -33.04 13.10
N ALA B 51 -9.52 -34.27 12.65
CA ALA B 51 -10.59 -35.26 12.64
C ALA B 51 -10.04 -36.65 12.93
N GLU B 52 -10.97 -37.56 13.20
CA GLU B 52 -10.69 -38.97 13.33
C GLU B 52 -11.86 -39.74 12.72
N THR B 53 -11.57 -40.61 11.77
CA THR B 53 -12.57 -41.13 10.84
C THR B 53 -12.50 -42.64 10.77
N PHE B 54 -13.63 -43.27 10.45
CA PHE B 54 -13.64 -44.69 10.16
C PHE B 54 -14.88 -45.00 9.36
N THR B 55 -14.97 -46.22 8.85
CA THR B 55 -15.86 -46.52 7.73
C THR B 55 -16.61 -47.81 7.96
N GLU B 56 -17.81 -47.89 7.42
CA GLU B 56 -18.54 -49.13 7.30
C GLU B 56 -19.11 -49.19 5.89
N TRP B 57 -18.86 -50.28 5.18
CA TRP B 57 -19.37 -50.43 3.82
C TRP B 57 -20.44 -51.50 3.84
N THR B 58 -21.62 -51.16 3.33
CA THR B 58 -22.71 -52.10 3.23
C THR B 58 -23.05 -52.33 1.77
N PHE B 59 -23.52 -53.53 1.46
CA PHE B 59 -23.73 -53.90 0.08
C PHE B 59 -24.94 -54.79 -0.05
N ARG B 60 -25.83 -54.46 -0.98
CA ARG B 60 -26.93 -55.34 -1.34
C ARG B 60 -26.74 -55.76 -2.79
N GLN B 61 -26.87 -57.06 -3.03
CA GLN B 61 -26.73 -57.56 -4.38
C GLN B 61 -27.93 -57.10 -5.21
N LYS B 62 -27.74 -57.04 -6.52
CA LYS B 62 -28.87 -56.71 -7.39
C LYS B 62 -29.94 -57.78 -7.23
N GLY B 63 -31.20 -57.35 -7.31
CA GLY B 63 -32.27 -58.29 -7.10
C GLY B 63 -32.42 -58.75 -5.68
N THR B 64 -31.87 -58.02 -4.73
CA THR B 64 -31.97 -58.36 -3.33
C THR B 64 -32.25 -57.11 -2.53
N GLU B 65 -33.00 -57.25 -1.44
CA GLU B 65 -33.37 -56.09 -0.63
C GLU B 65 -33.03 -56.30 0.85
N GLU B 66 -31.77 -56.04 1.18
CA GLU B 66 -31.27 -55.78 2.52
C GLU B 66 -29.81 -55.42 2.36
N PHE B 67 -29.32 -54.49 3.17
CA PHE B 67 -27.95 -54.05 3.04
C PHE B 67 -27.11 -54.77 4.09
N VAL B 68 -26.16 -55.56 3.63
CA VAL B 68 -25.28 -56.32 4.50
C VAL B 68 -23.93 -55.62 4.57
N LYS B 69 -23.45 -55.34 5.77
CA LYS B 69 -22.12 -54.77 5.90
C LYS B 69 -21.10 -55.81 5.50
N ILE B 70 -20.02 -55.36 4.87
CA ILE B 70 -18.99 -56.24 4.38
C ILE B 70 -17.66 -55.99 5.07
N LEU B 71 -17.34 -54.74 5.39
CA LEU B 71 -16.06 -54.43 5.97
C LEU B 71 -16.16 -53.19 6.83
N ARG B 72 -15.21 -53.06 7.75
CA ARG B 72 -15.08 -51.89 8.59
C ARG B 72 -13.61 -51.54 8.72
N TYR B 73 -13.25 -50.31 8.39
CA TYR B 73 -11.86 -49.88 8.47
C TYR B 73 -11.67 -48.82 9.54
N GLU B 74 -10.82 -49.10 10.52
CA GLU B 74 -10.55 -48.14 11.58
C GLU B 74 -9.07 -48.16 11.97
N ASN B 75 -8.51 -47.02 12.38
CA ASN B 75 -7.10 -46.93 12.82
C ASN B 75 -6.13 -47.87 12.08
N GLU B 76 -6.03 -47.73 10.77
CA GLU B 76 -5.09 -48.53 9.97
C GLU B 76 -5.26 -50.06 10.02
N VAL B 77 -6.45 -50.55 10.28
CA VAL B 77 -6.68 -52.00 10.23
C VAL B 77 -7.98 -52.29 9.50
N LEU B 78 -7.93 -53.17 8.51
CA LEU B 78 -9.13 -53.50 7.74
C LEU B 78 -9.77 -54.77 8.23
N GLN B 79 -11.01 -54.68 8.68
CA GLN B 79 -11.75 -55.85 9.10
C GLN B 79 -12.70 -56.26 7.99
N LEU B 80 -12.64 -57.51 7.59
CA LEU B 80 -13.59 -58.04 6.63
C LEU B 80 -14.56 -58.97 7.31
N GLU B 81 -15.78 -58.98 6.81
CA GLU B 81 -16.74 -59.95 7.28
C GLU B 81 -16.46 -61.30 6.64
N GLU B 82 -17.31 -62.27 6.93
CA GLU B 82 -17.05 -63.63 6.50
C GLU B 82 -17.63 -63.93 5.13
N ASP B 83 -18.29 -62.98 4.49
CA ASP B 83 -19.06 -63.32 3.29
C ASP B 83 -18.15 -63.77 2.17
N GLU B 84 -18.48 -64.93 1.61
CA GLU B 84 -17.64 -65.55 0.59
C GLU B 84 -17.54 -64.71 -0.67
N ARG B 85 -18.43 -63.76 -0.87
CA ARG B 85 -18.33 -62.92 -2.04
C ARG B 85 -17.10 -62.04 -2.00
N PHE B 86 -16.54 -61.80 -0.82
CA PHE B 86 -15.48 -60.83 -0.69
C PHE B 86 -14.24 -61.33 0.04
N GLU B 87 -14.24 -62.54 0.57
CA GLU B 87 -13.05 -63.04 1.23
C GLU B 87 -11.90 -63.07 0.25
N GLY B 88 -10.79 -62.46 0.64
CA GLY B 88 -9.59 -62.54 -0.14
C GLY B 88 -9.61 -61.80 -1.45
N ARG B 89 -10.62 -60.96 -1.68
CA ARG B 89 -10.67 -60.27 -2.95
C ARG B 89 -11.09 -58.81 -2.86
N VAL B 90 -10.98 -58.19 -1.69
CA VAL B 90 -11.09 -56.75 -1.52
C VAL B 90 -9.86 -56.28 -0.77
N VAL B 91 -9.30 -55.14 -1.13
CA VAL B 91 -8.22 -54.54 -0.40
C VAL B 91 -8.47 -53.05 -0.29
N TRP B 92 -7.65 -52.39 0.51
CA TRP B 92 -7.83 -51.00 0.83
C TRP B 92 -7.06 -50.13 -0.15
N ASN B 93 -7.70 -49.10 -0.67
CA ASN B 93 -7.03 -48.04 -1.40
C ASN B 93 -7.37 -46.68 -0.82
N GLY B 94 -7.62 -46.60 0.46
CA GLY B 94 -7.97 -45.31 1.01
C GLY B 94 -6.77 -44.55 1.49
N SER B 95 -6.95 -43.77 2.55
CA SER B 95 -5.85 -42.95 3.02
C SER B 95 -5.04 -43.76 4.00
N ARG B 96 -3.73 -43.70 3.81
CA ARG B 96 -2.80 -44.58 4.50
C ARG B 96 -2.14 -43.88 5.66
N GLY B 97 -2.19 -44.49 6.84
CA GLY B 97 -1.45 -43.99 7.98
C GLY B 97 -1.84 -42.59 8.35
N THR B 98 -3.12 -42.33 8.53
CA THR B 98 -3.44 -40.97 8.94
C THR B 98 -4.44 -40.89 10.08
N LYS B 99 -5.39 -41.81 10.22
CA LYS B 99 -6.47 -41.68 11.20
C LYS B 99 -7.35 -40.47 10.90
N ASP B 100 -7.11 -39.82 9.75
CA ASP B 100 -7.94 -38.74 9.24
C ASP B 100 -8.13 -38.97 7.74
N LEU B 101 -9.16 -39.73 7.38
CA LEU B 101 -9.11 -40.46 6.12
C LEU B 101 -9.36 -39.57 4.91
N GLN B 102 -10.55 -39.04 4.76
CA GLN B 102 -10.91 -38.24 3.59
C GLN B 102 -10.86 -38.98 2.25
N ASP B 103 -10.52 -40.26 2.23
CA ASP B 103 -10.52 -41.02 0.99
C ASP B 103 -10.68 -42.47 1.34
N LEU B 104 -11.79 -43.06 0.95
CA LEU B 104 -12.26 -44.33 1.48
C LEU B 104 -12.61 -45.24 0.32
N SER B 105 -11.64 -45.91 -0.25
CA SER B 105 -12.00 -46.66 -1.43
C SER B 105 -11.64 -48.13 -1.27
N ILE B 106 -12.26 -48.91 -2.13
CA ILE B 106 -12.15 -50.36 -2.09
C ILE B 106 -11.67 -50.83 -3.44
N PHE B 107 -10.71 -51.74 -3.44
CA PHE B 107 -10.22 -52.35 -4.65
C PHE B 107 -10.73 -53.77 -4.69
N ILE B 108 -11.51 -54.09 -5.72
CA ILE B 108 -11.95 -55.45 -5.93
C ILE B 108 -10.94 -56.12 -6.83
N THR B 109 -10.34 -57.19 -6.36
CA THR B 109 -9.50 -58.02 -7.21
C THR B 109 -10.32 -59.21 -7.70
N ASN B 110 -10.26 -59.48 -9.00
CA ASN B 110 -10.99 -60.58 -9.60
C ASN B 110 -12.50 -60.40 -9.40
N VAL B 111 -13.02 -59.39 -10.10
CA VAL B 111 -14.45 -59.08 -10.09
C VAL B 111 -15.27 -60.30 -10.46
N THR B 112 -16.36 -60.53 -9.73
CA THR B 112 -17.33 -61.57 -10.03
C THR B 112 -18.69 -60.94 -10.26
N TYR B 113 -19.53 -61.58 -11.08
CA TYR B 113 -20.88 -61.06 -11.33
C TYR B 113 -21.62 -60.83 -10.02
N ASN B 114 -21.18 -61.49 -8.95
CA ASN B 114 -21.81 -61.34 -7.64
C ASN B 114 -21.69 -59.94 -7.06
N HIS B 115 -20.61 -59.23 -7.38
CA HIS B 115 -20.37 -57.91 -6.80
C HIS B 115 -21.32 -56.83 -7.34
N SER B 116 -22.13 -57.16 -8.34
CA SER B 116 -23.08 -56.20 -8.88
C SER B 116 -24.15 -55.84 -7.85
N GLY B 117 -24.48 -54.55 -7.77
CA GLY B 117 -25.48 -54.10 -6.81
C GLY B 117 -25.27 -52.71 -6.28
N ASP B 118 -25.77 -52.44 -5.08
CA ASP B 118 -25.66 -51.10 -4.49
C ASP B 118 -24.74 -51.07 -3.29
N TYR B 119 -23.86 -50.07 -3.22
CA TYR B 119 -22.90 -49.97 -2.12
C TYR B 119 -23.09 -48.70 -1.30
N GLU B 120 -23.10 -48.83 0.02
CA GLU B 120 -23.19 -47.65 0.87
C GLU B 120 -21.88 -47.42 1.60
N CYS B 121 -21.30 -46.24 1.44
CA CYS B 121 -20.03 -45.93 2.05
C CYS B 121 -20.32 -45.04 3.25
N HIS B 122 -20.58 -45.65 4.39
CA HIS B 122 -20.87 -44.90 5.59
C HIS B 122 -19.57 -44.36 6.14
N VAL B 123 -19.53 -43.06 6.39
CA VAL B 123 -18.38 -42.42 6.99
C VAL B 123 -18.78 -41.86 8.33
N TYR B 124 -18.05 -42.22 9.36
CA TYR B 124 -18.24 -41.66 10.69
C TYR B 124 -17.04 -40.79 10.99
N ARG B 125 -17.28 -39.53 11.26
CA ARG B 125 -16.21 -38.57 11.49
C ARG B 125 -16.36 -37.91 12.85
N LEU B 126 -15.24 -37.75 13.53
CA LEU B 126 -15.17 -37.10 14.83
C LEU B 126 -14.22 -35.92 14.69
N LEU B 127 -14.75 -34.71 14.74
CA LEU B 127 -13.91 -33.54 14.62
C LEU B 127 -13.54 -33.02 15.99
N PHE B 128 -12.29 -32.62 16.16
CA PHE B 128 -11.81 -32.07 17.41
C PHE B 128 -11.65 -30.57 17.30
N PHE B 129 -12.36 -29.84 18.15
CA PHE B 129 -12.30 -28.39 18.15
C PHE B 129 -11.76 -27.91 19.48
N GLU B 130 -11.79 -26.59 19.71
CA GLU B 130 -11.15 -25.99 20.87
C GLU B 130 -11.60 -26.64 22.17
N ASN B 131 -12.88 -26.60 22.46
CA ASN B 131 -13.45 -27.35 23.56
C ASN B 131 -14.74 -27.99 23.12
N TYR B 132 -14.73 -28.64 21.97
CA TYR B 132 -15.95 -29.00 21.26
C TYR B 132 -15.61 -30.17 20.38
N GLU B 133 -16.50 -31.16 20.32
CA GLU B 133 -16.30 -32.32 19.49
C GLU B 133 -17.59 -32.68 18.80
N HIS B 134 -17.51 -32.93 17.51
CA HIS B 134 -18.69 -33.18 16.68
C HIS B 134 -18.65 -34.61 16.19
N ASN B 135 -19.81 -35.22 16.10
CA ASN B 135 -19.93 -36.58 15.58
C ASN B 135 -20.62 -36.51 14.23
N THR B 136 -19.84 -36.43 13.17
CA THR B 136 -20.40 -36.28 11.84
C THR B 136 -20.61 -37.65 11.22
N SER B 137 -21.65 -37.77 10.42
CA SER B 137 -21.89 -38.98 9.67
C SER B 137 -22.38 -38.62 8.29
N VAL B 138 -21.87 -39.32 7.28
CA VAL B 138 -22.22 -39.06 5.89
C VAL B 138 -22.26 -40.38 5.14
N VAL B 139 -23.14 -40.47 4.16
CA VAL B 139 -23.40 -41.72 3.46
C VAL B 139 -23.32 -41.49 1.96
N LYS B 140 -22.68 -42.43 1.26
CA LYS B 140 -22.52 -42.32 -0.17
C LYS B 140 -23.15 -43.52 -0.86
N LYS B 141 -23.67 -43.30 -2.06
CA LYS B 141 -24.40 -44.31 -2.81
C LYS B 141 -23.66 -44.59 -4.10
N ILE B 142 -23.35 -45.86 -4.35
CA ILE B 142 -22.67 -46.28 -5.57
C ILE B 142 -23.40 -47.50 -6.09
N HIS B 143 -23.86 -47.43 -7.34
CA HIS B 143 -24.57 -48.52 -7.96
C HIS B 143 -23.74 -49.03 -9.12
N ILE B 144 -23.31 -50.28 -9.04
CA ILE B 144 -22.41 -50.80 -10.06
C ILE B 144 -23.04 -52.03 -10.69
N GLU B 145 -22.63 -52.30 -11.92
CA GLU B 145 -23.11 -53.43 -12.70
C GLU B 145 -21.93 -54.09 -13.38
N VAL B 146 -21.85 -55.40 -13.32
CA VAL B 146 -20.74 -56.14 -13.86
C VAL B 146 -21.06 -56.52 -15.30
N VAL B 147 -20.12 -56.30 -16.20
CA VAL B 147 -20.35 -56.66 -17.59
C VAL B 147 -19.21 -57.53 -18.10
N ASP B 148 -19.38 -58.06 -19.30
CA ASP B 148 -18.42 -58.94 -19.93
C ASP B 148 -17.32 -58.19 -20.68
N LYS B 149 -17.58 -56.96 -21.08
CA LYS B 149 -16.62 -56.19 -21.85
C LYS B 149 -16.78 -54.71 -21.58
N ALA B 150 -15.67 -54.00 -21.45
CA ALA B 150 -15.71 -52.55 -21.32
C ALA B 150 -16.14 -51.93 -22.64
N ASN B 151 -17.08 -50.99 -22.57
CA ASN B 151 -17.60 -50.31 -23.74
C ASN B 151 -17.40 -48.81 -23.63
N ARG B 152 -17.05 -48.17 -24.75
CA ARG B 152 -16.74 -46.75 -24.73
C ARG B 152 -17.98 -45.93 -24.39
N ASP B 153 -17.75 -44.83 -23.68
CA ASP B 153 -18.80 -43.94 -23.25
C ASP B 153 -19.48 -43.28 -24.43
N MET B 154 -20.75 -42.96 -24.25
CA MET B 154 -21.49 -42.29 -25.30
C MET B 154 -20.71 -41.07 -25.72
N ALA B 155 -20.29 -40.24 -24.77
CA ALA B 155 -19.60 -39.00 -25.11
C ALA B 155 -18.38 -39.22 -26.00
N SER B 156 -17.47 -40.09 -25.60
CA SER B 156 -16.27 -40.30 -26.40
C SER B 156 -16.64 -40.55 -27.85
N ILE B 157 -17.48 -41.54 -28.11
CA ILE B 157 -17.87 -41.89 -29.47
C ILE B 157 -18.50 -40.73 -30.22
N VAL B 158 -19.48 -40.08 -29.61
CA VAL B 158 -20.14 -38.94 -30.25
C VAL B 158 -19.14 -37.81 -30.52
N SER B 159 -18.27 -37.52 -29.56
CA SER B 159 -17.32 -36.43 -29.71
C SER B 159 -16.37 -36.74 -30.85
N GLU B 160 -16.03 -38.00 -31.02
CA GLU B 160 -15.15 -38.41 -32.09
C GLU B 160 -15.83 -38.26 -33.45
N ILE B 161 -17.08 -38.71 -33.59
CA ILE B 161 -17.71 -38.48 -34.89
C ILE B 161 -17.93 -37.00 -35.12
N MET B 162 -18.32 -36.20 -34.13
CA MET B 162 -18.55 -34.79 -34.38
C MET B 162 -17.25 -34.07 -34.68
N MET B 163 -16.11 -34.65 -34.29
CA MET B 163 -14.83 -34.02 -34.59
C MET B 163 -14.52 -34.11 -36.07
N TYR B 164 -14.67 -35.30 -36.65
CA TYR B 164 -14.34 -35.48 -38.06
C TYR B 164 -15.26 -34.67 -38.96
N VAL B 165 -16.55 -34.62 -38.63
CA VAL B 165 -17.48 -33.88 -39.49
C VAL B 165 -17.08 -32.41 -39.55
N LEU B 166 -16.71 -31.83 -38.41
CA LEU B 166 -16.30 -30.45 -38.43
C LEU B 166 -15.09 -30.24 -39.32
N ILE B 167 -14.15 -31.17 -39.27
CA ILE B 167 -12.99 -31.06 -40.15
C ILE B 167 -13.43 -31.11 -41.60
N VAL B 168 -14.27 -32.07 -41.94
CA VAL B 168 -14.68 -32.25 -43.33
C VAL B 168 -15.57 -31.09 -43.77
N VAL B 169 -16.43 -30.62 -42.88
CA VAL B 169 -17.29 -29.49 -43.24
C VAL B 169 -16.44 -28.27 -43.53
N LEU B 170 -15.54 -27.91 -42.62
CA LEU B 170 -14.67 -26.76 -42.80
C LEU B 170 -13.85 -26.89 -44.06
N THR B 171 -13.22 -28.05 -44.19
CA THR B 171 -12.37 -28.30 -45.35
C THR B 171 -13.16 -28.14 -46.64
N ILE B 172 -14.42 -28.59 -46.64
CA ILE B 172 -15.31 -28.31 -47.76
C ILE B 172 -15.51 -26.82 -47.92
N TRP B 173 -15.77 -26.11 -46.82
CA TRP B 173 -16.05 -24.69 -46.92
C TRP B 173 -14.85 -23.95 -47.47
N LEU B 174 -13.64 -24.36 -47.09
CA LEU B 174 -12.46 -23.72 -47.65
C LEU B 174 -12.37 -23.95 -49.14
N VAL B 175 -12.25 -25.21 -49.56
CA VAL B 175 -11.95 -25.49 -50.95
C VAL B 175 -13.08 -25.01 -51.85
N ALA B 176 -14.32 -25.13 -51.38
CA ALA B 176 -15.43 -24.57 -52.14
C ALA B 176 -15.26 -23.07 -52.31
N GLU B 177 -14.85 -22.38 -51.25
CA GLU B 177 -14.58 -20.96 -51.39
C GLU B 177 -13.43 -20.71 -52.33
N MET B 178 -12.45 -21.61 -52.34
CA MET B 178 -11.24 -21.38 -53.12
C MET B 178 -11.54 -21.34 -54.61
N ILE B 179 -12.31 -22.32 -55.10
CA ILE B 179 -12.55 -22.33 -56.54
C ILE B 179 -13.51 -21.22 -56.94
N TYR B 180 -14.54 -20.95 -56.13
CA TYR B 180 -15.46 -19.87 -56.44
C TYR B 180 -14.73 -18.58 -56.73
N CYS B 181 -13.72 -18.27 -55.92
CA CYS B 181 -12.92 -17.05 -56.13
C CYS B 181 -11.82 -17.22 -57.17
N TYR B 182 -11.34 -18.44 -57.37
CA TYR B 182 -10.32 -18.69 -58.39
C TYR B 182 -10.88 -18.40 -59.77
N LYS B 183 -12.14 -18.75 -59.99
CA LYS B 183 -12.78 -18.48 -61.28
C LYS B 183 -12.86 -16.97 -61.49
N LYS B 184 -13.18 -16.23 -60.43
CA LYS B 184 -13.23 -14.77 -60.51
C LYS B 184 -11.85 -14.24 -60.88
N ILE B 185 -10.80 -14.77 -60.25
CA ILE B 185 -9.44 -14.34 -60.56
C ILE B 185 -9.14 -14.60 -62.02
N ALA B 186 -9.54 -15.76 -62.54
CA ALA B 186 -9.28 -16.10 -63.93
C ALA B 186 -9.97 -15.11 -64.83
N ALA B 187 -11.24 -14.79 -64.52
CA ALA B 187 -11.99 -13.83 -65.31
C ALA B 187 -11.28 -12.48 -65.32
N ALA B 188 -10.83 -12.03 -64.16
CA ALA B 188 -10.13 -10.75 -64.08
C ALA B 188 -8.88 -10.75 -64.94
N THR B 189 -8.09 -11.82 -64.85
CA THR B 189 -6.88 -11.93 -65.65
C THR B 189 -7.22 -11.84 -67.13
N GLU B 190 -8.25 -12.57 -67.55
CA GLU B 190 -8.66 -12.55 -68.95
C GLU B 190 -9.07 -11.16 -69.41
N THR B 191 -9.82 -10.45 -68.57
CA THR B 191 -10.25 -9.09 -68.93
C THR B 191 -9.05 -8.13 -69.01
N ALA B 192 -8.08 -8.31 -68.13
CA ALA B 192 -6.90 -7.45 -68.14
C ALA B 192 -6.02 -7.73 -69.35
N SER C 29 3.53 4.72 39.63
CA SER C 29 2.47 5.25 40.47
C SER C 29 1.14 5.28 39.75
N MET C 30 0.07 4.92 40.45
CA MET C 30 -1.26 4.92 39.83
C MET C 30 -1.99 6.24 40.08
N GLU C 31 -2.87 6.64 39.17
CA GLU C 31 -3.57 7.92 39.30
C GLU C 31 -4.67 7.87 40.37
N VAL C 32 -4.27 7.76 41.64
CA VAL C 32 -5.25 7.72 42.73
C VAL C 32 -5.38 9.08 43.41
N THR C 33 -6.60 9.58 43.51
CA THR C 33 -6.83 10.88 44.13
C THR C 33 -7.56 10.78 45.46
N VAL C 34 -6.88 11.10 46.55
CA VAL C 34 -7.50 11.03 47.88
C VAL C 34 -7.12 12.27 48.67
N PRO C 35 -8.03 12.76 49.53
CA PRO C 35 -7.55 13.91 50.31
C PRO C 35 -6.75 13.43 51.50
N ALA C 36 -5.51 13.93 51.62
CA ALA C 36 -4.66 13.48 52.73
C ALA C 36 -5.26 13.87 54.07
N THR C 37 -6.11 14.89 54.09
CA THR C 37 -6.74 15.37 55.32
C THR C 37 -8.23 15.53 55.08
N LEU C 38 -9.03 15.18 56.08
CA LEU C 38 -10.43 15.58 56.05
C LEU C 38 -10.93 15.69 57.49
N ASN C 39 -11.61 16.80 57.71
CA ASN C 39 -12.06 17.20 59.04
C ASN C 39 -13.59 17.11 59.08
N VAL C 40 -14.13 16.47 60.11
CA VAL C 40 -15.57 16.30 60.16
C VAL C 40 -16.08 16.50 61.59
N LEU C 41 -17.30 17.02 61.68
CA LEU C 41 -17.90 17.34 62.97
C LEU C 41 -18.48 16.10 63.64
N ASN C 42 -18.08 15.88 64.89
CA ASN C 42 -18.46 14.70 65.67
C ASN C 42 -19.96 14.49 65.65
N GLY C 43 -20.38 13.24 65.48
CA GLY C 43 -21.78 12.89 65.44
C GLY C 43 -22.40 12.94 64.06
N SER C 44 -21.70 13.52 63.08
CA SER C 44 -22.17 13.71 61.72
C SER C 44 -21.69 12.57 60.82
N ASP C 45 -22.20 12.57 59.59
CA ASP C 45 -21.83 11.57 58.60
C ASP C 45 -20.77 12.14 57.67
N ALA C 46 -19.75 11.33 57.37
CA ALA C 46 -18.60 11.75 56.59
C ALA C 46 -18.41 10.81 55.41
N ARG C 47 -18.04 11.37 54.26
CA ARG C 47 -17.75 10.58 53.07
C ARG C 47 -16.25 10.68 52.77
N LEU C 48 -15.62 9.53 52.55
CA LEU C 48 -14.18 9.46 52.38
C LEU C 48 -13.84 9.17 50.93
N PRO C 49 -13.49 10.16 50.13
CA PRO C 49 -13.39 9.92 48.68
C PRO C 49 -12.10 9.24 48.25
N CYS C 50 -12.25 8.09 47.58
CA CYS C 50 -11.15 7.43 46.89
C CYS C 50 -11.52 7.27 45.44
N THR C 51 -10.83 7.99 44.56
CA THR C 51 -11.17 7.96 43.14
C THR C 51 -9.94 7.66 42.30
N PHE C 52 -10.06 6.72 41.37
CA PHE C 52 -8.94 6.38 40.50
C PHE C 52 -9.25 6.62 39.04
N ASN C 53 -8.22 6.79 38.23
CA ASN C 53 -8.44 6.95 36.80
C ASN C 53 -7.68 5.86 36.05
N SER C 54 -7.55 4.68 36.67
CA SER C 54 -6.82 3.59 36.04
C SER C 54 -7.41 3.37 34.67
N CYS C 55 -6.58 3.37 33.65
CA CYS C 55 -7.09 3.31 32.29
C CYS C 55 -7.90 2.05 31.94
N TYR C 56 -7.47 0.89 32.42
CA TYR C 56 -8.15 -0.35 32.06
C TYR C 56 -9.55 -0.46 32.65
N THR C 57 -10.44 -1.12 31.93
CA THR C 57 -11.83 -1.26 32.39
C THR C 57 -11.94 -2.13 33.64
N VAL C 58 -12.97 -1.89 34.45
CA VAL C 58 -13.14 -2.65 35.68
C VAL C 58 -13.85 -3.97 35.46
N ASN C 59 -13.17 -5.08 35.72
CA ASN C 59 -13.80 -6.39 35.64
C ASN C 59 -14.12 -6.73 37.07
N HIS C 60 -15.38 -7.06 37.36
CA HIS C 60 -15.77 -7.25 38.75
C HIS C 60 -14.94 -8.34 39.42
N LYS C 61 -14.68 -9.42 38.70
CA LYS C 61 -13.91 -10.51 39.29
C LYS C 61 -12.45 -10.12 39.48
N GLN C 62 -11.86 -9.47 38.49
CA GLN C 62 -10.47 -9.06 38.64
C GLN C 62 -10.31 -7.97 39.70
N PHE C 63 -11.25 -7.03 39.75
CA PHE C 63 -11.08 -5.83 40.56
C PHE C 63 -11.17 -6.16 42.05
N SER C 64 -10.24 -5.61 42.82
CA SER C 64 -10.01 -5.81 44.26
C SER C 64 -9.95 -4.45 44.94
N LEU C 65 -10.72 -4.16 45.98
CA LEU C 65 -10.54 -2.96 46.78
C LEU C 65 -10.52 -3.31 48.24
N ASN C 66 -9.48 -2.91 48.94
CA ASN C 66 -9.37 -3.26 50.35
C ASN C 66 -9.12 -2.02 51.18
N TRP C 67 -9.94 -1.85 52.22
CA TRP C 67 -9.99 -0.64 53.02
C TRP C 67 -9.55 -0.90 54.45
N THR C 68 -8.54 -0.14 54.88
CA THR C 68 -7.97 -0.30 56.23
C THR C 68 -8.01 0.99 57.04
N TYR C 69 -7.68 0.91 58.33
CA TYR C 69 -7.67 2.08 59.20
C TYR C 69 -6.59 1.99 60.29
N GLN C 70 -5.95 3.12 60.61
CA GLN C 70 -4.92 3.14 61.65
C GLN C 70 -5.29 4.04 62.81
N GLU C 71 -5.35 3.48 64.01
CA GLU C 71 -5.65 4.30 65.19
C GLU C 71 -4.58 5.34 65.36
N CYS C 72 -3.34 4.90 65.52
CA CYS C 72 -2.22 5.83 65.63
C CYS C 72 -1.55 5.87 64.27
N ASN C 73 -0.70 6.85 64.03
CA ASN C 73 -0.12 6.99 62.68
C ASN C 73 0.53 5.70 62.19
N ASN C 74 1.29 5.03 63.04
CA ASN C 74 1.99 3.81 62.64
C ASN C 74 1.42 2.57 63.33
N CYS C 75 0.09 2.52 63.49
CA CYS C 75 -0.53 1.35 64.12
C CYS C 75 -0.78 0.24 63.12
N SER C 76 -1.50 -0.80 63.54
CA SER C 76 -1.77 -1.93 62.67
C SER C 76 -2.73 -1.59 61.54
N GLU C 77 -2.56 -2.22 60.40
CA GLU C 77 -3.48 -1.98 59.28
C GLU C 77 -4.78 -2.69 59.56
N GLU C 78 -5.71 -1.99 60.19
CA GLU C 78 -6.98 -2.60 60.56
C GLU C 78 -7.94 -2.64 59.38
N MET C 79 -7.80 -3.64 58.53
CA MET C 79 -8.68 -3.79 57.39
C MET C 79 -10.13 -3.79 57.80
N PHE C 80 -10.96 -3.06 57.07
CA PHE C 80 -12.39 -3.13 57.35
C PHE C 80 -13.28 -3.32 56.14
N LEU C 81 -12.75 -3.34 54.92
CA LEU C 81 -13.64 -3.44 53.75
C LEU C 81 -13.02 -4.18 52.55
N GLN C 82 -13.29 -5.47 52.41
CA GLN C 82 -12.81 -6.24 51.26
C GLN C 82 -13.68 -6.08 50.01
N PHE C 83 -13.21 -6.60 48.87
CA PHE C 83 -14.02 -6.57 47.66
C PHE C 83 -13.88 -7.88 46.89
N ARG C 84 -14.99 -8.60 46.73
CA ARG C 84 -14.96 -9.87 46.00
C ARG C 84 -16.13 -9.87 45.04
N MET C 85 -16.08 -9.03 44.00
CA MET C 85 -17.17 -8.90 43.02
C MET C 85 -18.36 -8.19 43.67
N LYS C 86 -18.23 -7.87 44.95
CA LYS C 86 -19.29 -7.18 45.68
C LYS C 86 -18.67 -6.53 46.90
N ILE C 87 -19.44 -5.72 47.60
CA ILE C 87 -18.91 -5.02 48.76
C ILE C 87 -18.86 -5.95 49.95
N ILE C 88 -17.65 -6.24 50.42
CA ILE C 88 -17.49 -7.13 51.58
C ILE C 88 -17.04 -6.32 52.78
N ASN C 89 -17.92 -6.16 53.76
CA ASN C 89 -17.59 -5.35 54.93
C ASN C 89 -17.14 -6.23 56.09
N LEU C 90 -15.93 -6.00 56.59
CA LEU C 90 -15.44 -6.75 57.75
C LEU C 90 -16.33 -6.46 58.94
N LYS C 91 -17.05 -5.35 58.93
CA LYS C 91 -18.04 -5.05 59.96
C LYS C 91 -17.36 -4.96 61.32
N LEU C 92 -16.44 -4.00 61.44
CA LEU C 92 -15.56 -3.95 62.60
C LEU C 92 -16.30 -3.55 63.86
N GLU C 93 -15.78 -4.03 65.00
CA GLU C 93 -16.50 -3.63 66.19
C GLU C 93 -16.11 -2.22 66.62
N ARG C 94 -14.95 -1.69 66.28
CA ARG C 94 -14.71 -0.26 66.44
C ARG C 94 -15.55 0.58 65.49
N PHE C 95 -16.12 -0.04 64.46
CA PHE C 95 -16.98 0.60 63.47
C PHE C 95 -18.33 -0.07 63.32
N GLN C 96 -19.10 -0.21 64.40
CA GLN C 96 -20.13 -1.25 64.58
C GLN C 96 -20.97 -1.41 63.31
N ASP C 97 -21.82 -0.46 62.95
CA ASP C 97 -22.55 -0.53 61.70
C ASP C 97 -22.75 0.85 61.06
N ARG C 98 -21.83 1.78 61.30
CA ARG C 98 -21.90 3.08 60.65
C ARG C 98 -21.14 3.13 59.33
N VAL C 99 -20.50 2.04 58.95
CA VAL C 99 -19.72 2.00 57.72
C VAL C 99 -20.53 1.40 56.58
N GLU C 100 -20.67 2.16 55.50
CA GLU C 100 -21.14 1.61 54.22
C GLU C 100 -20.34 2.21 53.09
N PHE C 101 -20.31 1.48 51.98
CA PHE C 101 -19.63 1.97 50.79
C PHE C 101 -20.44 3.04 50.09
N SER C 102 -19.74 4.02 49.49
CA SER C 102 -20.28 5.27 49.00
C SER C 102 -19.89 5.55 47.54
N GLY C 103 -19.99 4.61 46.62
CA GLY C 103 -19.57 4.85 45.26
C GLY C 103 -20.14 3.81 44.32
N ASN C 104 -19.77 3.93 43.06
CA ASN C 104 -19.96 2.84 42.12
C ASN C 104 -18.63 2.65 41.41
N PRO C 105 -17.86 1.61 41.75
CA PRO C 105 -16.49 1.51 41.20
C PRO C 105 -16.44 1.41 39.70
N SER C 106 -17.48 0.87 39.07
CA SER C 106 -17.37 0.88 37.63
C SER C 106 -17.47 2.28 37.06
N LYS C 107 -17.79 3.27 37.89
CA LYS C 107 -17.53 4.66 37.55
C LYS C 107 -16.33 5.22 38.29
N TYR C 108 -15.45 4.36 38.78
CA TYR C 108 -14.10 4.71 39.21
C TYR C 108 -14.06 5.53 40.48
N ASP C 109 -15.17 5.72 41.17
CA ASP C 109 -15.15 6.31 42.50
C ASP C 109 -15.48 5.22 43.51
N VAL C 110 -14.58 5.01 44.47
CA VAL C 110 -14.60 3.95 45.45
C VAL C 110 -14.70 4.52 46.86
N SER C 111 -15.18 5.74 47.01
CA SER C 111 -15.17 6.35 48.34
C SER C 111 -15.99 5.53 49.33
N VAL C 112 -15.74 5.82 50.61
CA VAL C 112 -16.39 5.14 51.70
C VAL C 112 -17.07 6.18 52.60
N MET C 113 -18.22 5.79 53.15
CA MET C 113 -19.07 6.68 53.92
C MET C 113 -19.17 6.19 55.35
N LEU C 114 -18.99 7.10 56.29
CA LEU C 114 -19.07 6.83 57.72
C LEU C 114 -20.21 7.66 58.32
N ARG C 115 -21.15 6.98 58.96
CA ARG C 115 -22.21 7.68 59.66
C ARG C 115 -21.78 8.00 61.08
N ASN C 116 -22.26 9.13 61.58
CA ASN C 116 -22.09 9.51 62.98
C ASN C 116 -20.62 9.42 63.41
N VAL C 117 -19.81 10.32 62.85
CA VAL C 117 -18.39 10.32 63.17
C VAL C 117 -18.19 10.63 64.64
N GLN C 118 -17.19 10.00 65.25
CA GLN C 118 -16.86 10.08 66.66
C GLN C 118 -15.32 10.17 66.81
N PRO C 119 -14.81 10.72 67.91
CA PRO C 119 -13.34 10.91 68.01
C PRO C 119 -12.44 9.67 67.97
N GLU C 120 -12.89 8.45 68.30
CA GLU C 120 -11.93 7.38 68.00
C GLU C 120 -11.82 7.12 66.52
N ASP C 121 -12.80 7.57 65.72
CA ASP C 121 -12.70 7.45 64.28
C ASP C 121 -11.56 8.29 63.75
N GLU C 122 -11.03 9.22 64.55
CA GLU C 122 -9.83 9.94 64.19
C GLU C 122 -8.70 8.94 63.92
N GLY C 123 -7.98 9.17 62.83
CA GLY C 123 -6.90 8.28 62.47
C GLY C 123 -6.76 8.23 60.96
N ILE C 124 -6.02 7.24 60.50
CA ILE C 124 -5.65 7.10 59.10
C ILE C 124 -6.61 6.11 58.46
N TYR C 125 -7.14 6.48 57.30
CA TYR C 125 -7.92 5.58 56.46
C TYR C 125 -7.17 5.41 55.15
N ASN C 126 -7.17 4.19 54.61
CA ASN C 126 -6.38 3.86 53.44
C ASN C 126 -7.15 2.99 52.46
N CYS C 127 -7.16 3.40 51.19
CA CYS C 127 -7.78 2.65 50.09
C CYS C 127 -6.69 2.13 49.18
N TYR C 128 -6.71 0.83 48.90
CA TYR C 128 -5.67 0.19 48.10
C TYR C 128 -6.28 -0.43 46.85
N ILE C 129 -5.83 -0.01 45.68
CA ILE C 129 -6.49 -0.46 44.44
C ILE C 129 -5.71 -1.45 43.63
N MET C 130 -6.44 -2.31 42.94
CA MET C 130 -5.86 -3.32 42.07
C MET C 130 -6.73 -3.22 40.83
N ASN C 131 -6.12 -3.13 39.67
CA ASN C 131 -6.93 -3.04 38.47
C ASN C 131 -6.50 -4.02 37.39
N PRO C 132 -6.79 -5.29 37.57
CA PRO C 132 -6.46 -6.27 36.52
C PRO C 132 -7.35 -5.89 35.33
N PRO C 133 -6.88 -6.07 34.10
CA PRO C 133 -5.57 -6.67 33.85
C PRO C 133 -4.38 -5.84 34.34
N ASP C 134 -4.55 -4.55 34.55
CA ASP C 134 -3.40 -3.73 34.93
C ASP C 134 -2.61 -4.29 36.11
N ARG C 135 -1.30 -4.41 35.92
CA ARG C 135 -0.36 -4.93 36.90
C ARG C 135 -0.13 -4.12 38.18
N HIS C 136 -0.06 -2.80 38.04
CA HIS C 136 0.22 -1.92 39.17
C HIS C 136 -0.84 -1.91 40.26
N ARG C 137 -0.37 -1.82 41.51
CA ARG C 137 -1.25 -1.80 42.69
C ARG C 137 -1.26 -0.41 43.30
N GLY C 138 -2.46 0.14 43.45
CA GLY C 138 -2.60 1.50 43.91
C GLY C 138 -2.75 1.61 45.40
N HIS C 139 -2.68 2.85 45.89
CA HIS C 139 -2.72 3.17 47.30
C HIS C 139 -3.34 4.54 47.51
N GLY C 140 -4.31 4.61 48.42
CA GLY C 140 -4.87 5.88 48.86
C GLY C 140 -4.67 6.04 50.36
N LYS C 141 -4.37 7.28 50.78
CA LYS C 141 -4.18 7.61 52.18
C LYS C 141 -5.02 8.84 52.52
N ILE C 142 -5.96 8.68 53.44
CA ILE C 142 -6.77 9.77 53.96
C ILE C 142 -6.65 9.78 55.49
N HIS C 143 -6.27 10.93 56.03
CA HIS C 143 -6.30 11.17 57.47
C HIS C 143 -7.57 11.93 57.82
N LEU C 144 -8.49 11.25 58.49
CA LEU C 144 -9.73 11.88 58.92
C LEU C 144 -9.53 12.47 60.31
N GLN C 145 -9.90 13.75 60.46
CA GLN C 145 -9.94 14.41 61.74
C GLN C 145 -11.39 14.68 62.09
N VAL C 146 -11.69 14.62 63.39
CA VAL C 146 -13.03 14.73 63.92
C VAL C 146 -13.13 16.03 64.71
N LEU C 147 -14.13 16.85 64.38
CA LEU C 147 -14.36 18.08 65.12
C LEU C 147 -15.15 17.80 66.40
N MET C 148 -15.56 18.85 67.09
CA MET C 148 -16.14 18.70 68.41
C MET C 148 -17.44 19.49 68.58
C1 NAG D . 5.64 -25.26 22.42
C2 NAG D . 6.23 -25.77 23.72
C3 NAG D . 5.25 -26.67 24.45
C4 NAG D . 3.90 -25.98 24.60
C5 NAG D . 3.42 -25.48 23.25
C6 NAG D . 2.15 -24.68 23.32
C7 NAG D . 8.57 -26.31 24.20
C8 NAG D . 9.75 -27.14 23.83
N2 NAG D . 7.47 -26.49 23.47
O3 NAG D . 5.77 -26.97 25.73
O4 NAG D . 2.95 -26.93 25.10
O5 NAG D . 4.42 -24.62 22.68
O6 NAG D . 2.29 -23.42 22.69
O7 NAG D . 8.62 -25.49 25.12
C1 NAG D . 2.42 -26.51 26.38
C2 NAG D . 1.08 -27.20 26.55
C3 NAG D . 0.46 -26.80 27.88
C4 NAG D . 1.42 -27.14 29.01
C5 NAG D . 2.78 -26.50 28.76
C6 NAG D . 3.82 -26.92 29.77
C7 NAG D . 0.17 -27.60 24.33
C8 NAG D . -0.82 -27.16 23.28
N2 NAG D . 0.18 -26.89 25.45
O3 NAG D . -0.77 -27.50 28.05
O4 NAG D . 0.89 -26.66 30.23
O5 NAG D . 3.29 -26.87 27.46
O6 NAG D . 3.48 -26.49 31.07
O7 NAG D . 0.91 -28.55 24.15
C1 NAG E . 26.69 -21.64 23.29
C2 NAG E . 28.08 -21.13 23.65
C3 NAG E . 28.68 -22.06 24.69
C4 NAG E . 27.73 -22.27 25.87
C5 NAG E . 26.33 -22.62 25.40
C6 NAG E . 25.31 -22.66 26.53
C7 NAG E . 28.98 -21.76 21.39
C8 NAG E . 29.77 -23.03 21.42
N2 NAG E . 28.98 -21.01 22.50
O3 NAG E . 29.91 -21.49 25.16
O4 NAG E . 28.24 -23.34 26.67
O5 NAG E . 25.89 -21.65 24.46
O6 NAG E . 25.22 -21.38 27.15
O7 NAG E . 28.38 -21.41 20.39
C1 NAG E . 28.54 -22.88 28.00
C2 NAG E . 28.71 -24.09 28.91
C3 NAG E . 29.74 -23.81 30.01
C4 NAG E . 29.72 -22.36 30.47
C5 NAG E . 29.78 -21.38 29.30
C6 NAG E . 31.08 -20.56 29.34
C7 NAG E . 26.56 -25.24 28.91
C8 NAG E . 25.19 -25.23 29.49
N2 NAG E . 27.43 -24.42 29.50
O3 NAG E . 31.05 -24.13 29.51
O4 NAG E . 28.53 -22.12 31.24
O5 NAG E . 29.71 -22.07 28.05
O6 NAG E . 32.21 -21.39 29.09
O7 NAG E . 26.86 -25.94 27.95
C1 NAG F . 21.29 -36.81 21.35
C2 NAG F . 22.22 -36.80 20.13
C3 NAG F . 23.20 -37.98 20.19
C4 NAG F . 23.90 -38.04 21.53
C5 NAG F . 22.84 -38.10 22.63
C6 NAG F . 23.40 -38.18 24.03
C7 NAG F . 20.62 -37.80 18.56
C8 NAG F . 19.93 -37.65 17.24
N2 NAG F . 21.47 -36.84 18.89
O3 NAG F . 24.16 -37.85 19.15
O4 NAG F . 24.72 -39.20 21.61
O5 NAG F . 22.05 -36.90 22.55
O6 NAG F . 22.75 -39.21 24.77
O7 NAG F . 20.40 -38.78 19.28
C1 NAG G . -34.55 -24.00 29.98
C2 NAG G . -35.48 -25.12 30.44
C3 NAG G . -36.89 -24.60 30.59
C4 NAG G . -36.92 -23.39 31.51
C5 NAG G . -35.92 -22.33 31.03
C6 NAG G . -35.78 -21.17 32.00
C7 NAG G . -34.94 -27.43 29.87
C8 NAG G . -34.97 -28.49 28.80
N2 NAG G . -35.43 -26.24 29.53
O3 NAG G . -37.72 -25.63 31.11
O4 NAG G . -38.23 -22.82 31.53
O5 NAG G . -34.62 -22.90 30.89
O6 NAG G . -36.74 -20.14 31.74
O7 NAG G . -34.46 -27.65 30.98
CAA Y01 H . 24.18 -5.02 -11.07
CBA Y01 H . 23.58 -6.18 -11.95
CAB Y01 H . 24.33 -6.28 -13.33
CAN Y01 H . 23.57 -7.53 -11.19
CAJ Y01 H . 24.87 -8.36 -11.42
CAO Y01 H . 25.65 -8.50 -10.08
CBB Y01 H . 26.64 -9.69 -10.01
CAC Y01 H . 28.02 -9.08 -9.87
CBE Y01 H . 26.27 -10.53 -8.74
CAP Y01 H . 24.63 -10.46 -8.53
CAQ Y01 H . 24.18 -11.95 -8.18
CBG Y01 H . 25.34 -12.45 -7.73
CBI Y01 H . 26.50 -11.84 -8.83
CAE Y01 H . 26.27 -12.39 -10.24
CAU Y01 H . 27.90 -12.17 -8.31
CAS Y01 H . 28.06 -13.69 -7.84
CBF Y01 H . 26.81 -14.23 -6.84
CBD Y01 H . 25.44 -13.99 -7.47
CAK Y01 H . 24.25 -14.40 -6.53
CAI Y01 H . 24.52 -15.73 -5.78
CAZ Y01 H . 25.67 -16.49 -6.42
CAV Y01 H . 25.82 -17.92 -5.81
CBH Y01 H . 27.03 -15.69 -6.39
CAD Y01 H . 27.98 -16.39 -7.42
CAT Y01 H . 27.74 -15.71 -5.01
CAR Y01 H . 27.69 -17.11 -4.24
CBC Y01 H . 26.30 -17.82 -4.32
OAW Y01 H . 26.41 -19.11 -3.81
CAY Y01 H . 25.49 -19.44 -2.85
OAG Y01 H . 24.40 -18.94 -2.85
CAM Y01 H . 25.87 -20.47 -1.76
CAL Y01 H . 24.64 -21.19 -1.15
CAX Y01 H . 25.03 -22.39 -0.29
OAH Y01 H . 24.16 -23.25 0.01
OAF Y01 H . 26.20 -22.52 0.11
C1 CLR I . 23.55 19.82 -4.11
C2 CLR I . 24.37 20.58 -5.15
C3 CLR I . 23.71 21.90 -5.54
C4 CLR I . 23.58 22.79 -4.30
C5 CLR I . 22.89 22.02 -3.21
C6 CLR I . 21.83 22.56 -2.57
C7 CLR I . 21.55 22.27 -1.11
C8 CLR I . 22.09 20.91 -0.72
C9 CLR I . 22.34 20.01 -1.93
C10 CLR I . 23.37 20.64 -2.85
C11 CLR I . 22.77 18.60 -1.53
C12 CLR I . 21.91 17.96 -0.45
C13 CLR I . 21.74 18.90 0.73
C14 CLR I . 21.15 20.20 0.24
C15 CLR I . 20.78 20.95 1.51
C16 CLR I . 20.41 19.83 2.50
C17 CLR I . 20.73 18.51 1.80
C18 CLR I . 23.08 19.13 1.41
C19 CLR I . 24.71 20.74 -2.12
C20 CLR I . 21.17 17.40 2.75
C21 CLR I . 20.70 16.03 2.26
C22 CLR I . 20.69 17.66 4.18
C23 CLR I . 19.53 16.74 4.58
C24 CLR I . 19.79 16.11 5.94
C25 CLR I . 18.66 15.17 6.33
C26 CLR I . 17.44 15.94 6.82
C27 CLR I . 18.29 14.24 5.18
O1 CLR I . 24.50 22.56 -6.51
C1 LPE J . 32.04 -17.04 -9.63
O1 LPE J . 31.18 -16.68 -10.70
C2 LPE J . 31.30 -17.97 -8.68
O2H LPE J . 31.33 -19.30 -9.21
C3 LPE J . 32.01 -17.95 -7.33
C11 LPE J . 30.31 -15.60 -10.33
C12 LPE J . 29.51 -15.15 -11.54
O3 LPE J . 31.77 -19.13 -6.59
P LPE J . 30.97 -19.09 -5.20
O31 LPE J . 31.21 -17.75 -4.54
O32 LPE J . 29.56 -19.59 -5.44
O33 LPE J . 31.72 -20.21 -4.35
C31 LPE J . 31.74 -21.53 -4.88
C32 LPE J . 31.75 -22.55 -3.75
N LPE J . 32.97 -23.36 -3.81
C1N LPE J . 32.93 -24.30 -2.69
C2N LPE J . 33.05 -24.10 -5.07
C3N LPE J . 34.15 -22.49 -3.65
C13 LPE J . 30.27 -14.10 -12.35
C14 LPE J . 29.41 -13.55 -13.47
C15 LPE J . 29.09 -12.07 -13.24
C16 LPE J . 29.77 -11.21 -14.29
C17 LPE J . 28.89 -10.04 -14.71
C18 LPE J . 27.54 -10.50 -15.21
C19 LPE J . 26.45 -9.59 -14.68
C1 LPE K . 16.67 -19.73 -7.81
O1 LPE K . 16.39 -18.39 -8.23
C2 LPE K . 16.01 -19.97 -6.45
O2H LPE K . 14.66 -20.39 -6.65
C3 LPE K . 16.75 -21.03 -5.64
C11 LPE K . 16.26 -18.25 -9.64
C12 LPE K . 15.13 -17.26 -9.92
O3 LPE K . 16.95 -22.20 -6.42
P LPE K . 16.04 -23.52 -6.26
O31 LPE K . 16.94 -24.71 -6.39
O32 LPE K . 15.18 -23.38 -5.02
O33 LPE K . 15.06 -23.45 -7.53
C31 LPE K . 14.61 -24.63 -8.19
C32 LPE K . 13.43 -25.22 -7.41
N LPE K . 13.33 -26.67 -7.65
C13 LPE K . 15.62 -16.03 -10.67
C14 LPE K . 14.50 -15.42 -11.49
C15 LPE K . 14.50 -13.90 -11.39
C16 LPE K . 14.21 -13.25 -12.73
C17 LPE K . 13.04 -12.27 -12.64
C18 LPE K . 13.13 -11.23 -13.74
C19 LPE K . 11.78 -10.62 -14.09
C20 LPE K . 11.80 -10.02 -15.49
C21 LPE K . 10.91 -8.79 -15.57
C22 LPE K . 10.12 -8.72 -16.87
CAA 1PW L . 11.28 -6.46 -23.17
CAJ 1PW L . 10.78 -7.12 -21.90
CAL 1PW L . 11.27 -6.48 -20.64
CAN 1PW L . 10.30 -5.51 -19.99
CAP 1PW L . 10.94 -4.24 -19.46
CAR 1PW L . 12.40 -4.39 -19.07
CAT 1PW L . 12.62 -4.57 -17.58
CAU 1PW L . 12.83 -3.27 -16.82
CAS 1PW L . 11.94 -3.12 -15.62
CAQ 1PW L . 11.56 -1.69 -15.29
CAO 1PW L . 10.75 -1.52 -14.03
CAM 1PW L . 11.37 -2.15 -12.80
CAK 1PW L . 11.00 -1.45 -11.49
CAH 1PW L . 10.02 -2.21 -10.67
CAI 1PW L . 8.88 -1.73 -10.19
CAZ 1PW L . 7.67 -2.54 -9.86
OAE 1PW L . 7.94 -3.92 -10.10
CBA 1PW L . 7.18 -2.37 -8.42
CAV 1PW L . 5.86 -1.62 -8.34
OAX 1PW L . 5.94 -0.67 -7.26
PBB 1PW L . 4.58 0.09 -6.80
OAF 1PW L . 4.80 0.45 -5.34
OAG 1PW L . 4.45 1.30 -7.68
OAD 1PW L . 3.47 -0.92 -6.98
C1 LPE M . 21.98 -12.82 -13.74
O1 LPE M . 23.04 -11.93 -14.10
C2 LPE M . 22.41 -14.27 -13.98
O2H LPE M . 22.83 -14.44 -15.35
C3 LPE M . 23.54 -14.63 -13.02
C11 LPE M . 22.71 -10.58 -13.75
C12 LPE M . 21.72 -10.01 -14.75
O3 LPE M . 24.26 -15.75 -13.50
P LPE M . 25.84 -15.60 -13.77
O31 LPE M . 26.23 -16.49 -14.93
O32 LPE M . 26.10 -14.11 -13.85
O33 LPE M . 26.47 -16.20 -12.42
C31 LPE M . 26.01 -17.47 -11.94
C32 LPE M . 27.07 -18.14 -11.07
N LPE M . 27.62 -19.34 -11.72
C1N LPE M . 26.53 -20.19 -12.22
C2N LPE M . 28.46 -18.95 -12.86
C3N LPE M . 28.42 -20.09 -10.75
C13 LPE M . 22.44 -9.28 -15.88
C14 LPE M . 21.94 -9.74 -17.24
C1 PCW N . 22.55 -21.28 -7.40
C2 PCW N . 21.94 -19.90 -7.26
C3 PCW N . 22.56 -19.20 -6.06
C4 PCW N . 23.59 -25.39 -5.43
C5 PCW N . 25.12 -25.32 -5.54
C6 PCW N . 24.78 -24.93 -3.14
C7 PCW N . 26.54 -26.34 -3.94
C8 PCW N . 26.67 -23.98 -4.30
C11 PCW N . 20.70 -18.54 -4.49
C12 PCW N . 19.65 -17.53 -4.12
C13 PCW N . 18.51 -17.61 -5.13
C14 PCW N . 18.56 -16.47 -6.13
C15 PCW N . 17.48 -15.46 -5.83
C16 PCW N . 17.40 -14.40 -6.91
C17 PCW N . 16.00 -13.85 -6.96
C18 PCW N . 16.00 -12.33 -7.01
C19 PCW N . 16.32 -11.90 -8.40
C20 PCW N . 15.75 -10.82 -8.91
C21 PCW N . 14.77 -9.98 -8.13
C22 PCW N . 14.28 -8.87 -9.03
C23 PCW N . 14.68 -7.51 -8.48
C24 PCW N . 14.40 -6.40 -9.47
C25 PCW N . 15.09 -5.12 -9.02
C26 PCW N . 14.61 -3.90 -9.79
C27 PCW N . 15.44 -2.67 -9.43
C28 PCW N . 15.36 -1.61 -10.50
C31 PCW N . 20.99 -18.44 -8.85
C32 PCW N . 21.06 -16.97 -9.18
C33 PCW N . 20.26 -16.69 -10.44
C34 PCW N . 19.89 -15.23 -10.56
C35 PCW N . 21.05 -14.35 -10.10
C36 PCW N . 20.51 -13.13 -9.37
C37 PCW N . 21.03 -11.86 -10.02
C38 PCW N . 19.94 -10.81 -10.08
C39 PCW N . 19.23 -10.95 -11.40
C40 PCW N . 18.45 -9.99 -11.84
C41 PCW N . 18.25 -8.75 -10.99
C42 PCW N . 17.55 -7.68 -11.83
C43 PCW N . 16.47 -8.26 -12.73
C44 PCW N . 16.41 -7.50 -14.04
C45 PCW N . 14.97 -7.35 -14.54
C46 PCW N . 14.01 -7.08 -13.39
C47 PCW N . 13.73 -5.60 -13.26
N PCW N . 25.76 -25.13 -4.24
O2 PCW N . 22.18 -19.15 -8.44
O3 PCW N . 21.65 -18.24 -5.55
O11 PCW N . 20.77 -19.61 -3.89
O31 PCW N . 19.92 -19.04 -8.92
O1P PCW N . 21.50 -23.39 -4.38
O2P PCW N . 23.74 -22.18 -4.97
O3P PCW N . 21.80 -22.18 -6.58
O4P PCW N . 23.05 -24.29 -6.16
P PCW N . 22.53 -22.98 -5.39
C1 LPE O . 5.33 -19.70 -15.92
O1 LPE O . 6.30 -18.74 -16.27
C2 LPE O . 5.92 -21.10 -15.88
O2H LPE O . 4.85 -22.03 -15.97
C3 LPE O . 6.89 -21.34 -17.05
C11 LPE O . 5.95 -17.45 -15.79
C12 LPE O . 4.67 -17.00 -16.48
O3 LPE O . 7.99 -22.12 -16.60
P LPE O . 8.32 -23.54 -17.27
O31 LPE O . 9.67 -23.99 -16.77
O32 LPE O . 8.04 -23.49 -18.76
O33 LPE O . 7.20 -24.50 -16.63
C31 LPE O . 7.59 -25.50 -15.70
C32 LPE O . 6.34 -26.04 -15.06
N LPE O . 6.44 -27.49 -14.90
C1N LPE O . 7.59 -27.80 -14.04
C2N LPE O . 5.21 -28.00 -14.30
C3N LPE O . 6.63 -28.11 -16.21
C13 LPE O . 4.93 -15.78 -17.32
C14 LPE O . 3.74 -15.51 -18.23
C15 LPE O . 4.20 -15.04 -19.59
C16 LPE O . 4.14 -13.52 -19.69
C17 LPE O . 2.94 -13.09 -20.52
C18 LPE O . 3.37 -12.17 -21.65
C19 LPE O . 2.51 -10.92 -21.69
C20 LPE O . 3.17 -9.86 -22.56
C21 LPE O . 2.19 -8.83 -23.09
C22 LPE O . 2.91 -7.52 -23.41
C1 LPE P . 5.71 -9.42 -29.08
O1 LPE P . 4.74 -10.01 -28.22
C2 LPE P . 5.01 -8.51 -30.07
O2H LPE P . 4.95 -7.21 -29.52
C3 LPE P . 5.81 -8.49 -31.35
C11 LPE P . 4.89 -9.64 -26.86
C12 LPE P . 5.91 -10.59 -26.24
O3 LPE P . 5.28 -7.59 -32.32
P LPE P . 5.56 -6.01 -32.29
O31 LPE P . 6.90 -5.82 -31.67
O32 LPE P . 4.36 -5.38 -31.65
O33 LPE P . 5.58 -5.61 -33.83
C31 LPE P . 5.78 -4.27 -34.26
C32 LPE P . 4.44 -3.55 -34.30
N LPE P . 4.13 -2.89 -35.58
C1N LPE P . 2.71 -2.55 -35.57
C2N LPE P . 4.97 -1.70 -35.69
C3N LPE P . 4.35 -3.75 -36.75
C13 LPE P . 5.21 -11.84 -25.71
C14 LPE P . 5.94 -13.08 -26.23
C15 LPE P . 6.01 -14.16 -25.16
C16 LPE P . 6.40 -13.58 -23.81
C17 LPE P . 7.39 -14.49 -23.11
C18 LPE P . 6.72 -15.79 -22.67
C19 LPE P . 7.59 -16.56 -21.69
C20 LPE P . 7.96 -17.91 -22.26
C21 LPE P . 8.02 -18.97 -21.15
C22 LPE P . 6.63 -19.38 -20.71
C1 PCW Q . -18.68 6.30 16.41
C2 PCW Q . -17.93 7.47 15.80
C3 PCW Q . -17.59 8.46 16.90
C4 PCW Q . -16.99 1.94 17.35
C5 PCW Q . -15.55 1.56 17.70
C6 PCW Q . -14.17 0.13 19.03
C7 PCW Q . -15.92 1.38 20.06
C8 PCW Q . -16.46 -0.46 18.63
C11 PCW Q . -15.84 10.16 17.39
C12 PCW Q . -15.08 11.38 16.93
C13 PCW Q . -14.39 11.08 15.61
C14 PCW Q . -14.78 12.12 14.58
C15 PCW Q . -13.63 13.09 14.33
C16 PCW Q . -13.29 13.13 12.87
C17 PCW Q . -11.82 13.50 12.68
C18 PCW Q . -11.64 14.51 11.57
C19 PCW Q . -11.36 13.78 10.28
C20 PCW Q . -10.55 14.30 9.37
C21 PCW Q . -9.89 15.64 9.61
C22 PCW Q . -8.40 15.53 9.31
C23 PCW Q . -8.08 16.00 7.90
C24 PCW Q . -7.42 17.38 7.92
C25 PCW Q . -6.66 17.64 6.62
C26 PCW Q . -7.61 17.70 5.43
C31 PCW Q . -16.67 7.21 13.79
C32 PCW Q . -15.34 7.40 13.12
C33 PCW Q . -15.39 8.74 12.42
C34 PCW Q . -15.33 8.54 10.92
C35 PCW Q . -13.88 8.49 10.47
C36 PCW Q . -13.53 9.81 9.82
C37 PCW Q . -13.44 9.62 8.32
C38 PCW Q . -12.55 10.69 7.70
C39 PCW Q . -11.26 10.05 7.26
C40 PCW Q . -10.49 10.66 6.37
C41 PCW Q . -10.89 11.99 5.76
C42 PCW Q . -10.37 12.08 4.33
C43 PCW Q . -9.93 13.49 3.99
N PCW Q . -15.53 0.66 18.85
O2 PCW Q . -16.74 6.97 15.22
O3 PCW Q . -16.60 9.38 16.44
O11 PCW Q . -15.81 9.81 18.56
O31 PCW Q . -17.70 7.23 13.15
O1P PCW Q . -19.50 3.79 17.41
O2P PCW Q . -17.82 4.15 19.36
O3P PCW Q . -17.85 5.69 17.39
O4P PCW Q . -17.06 3.33 17.11
P PCW Q . -18.14 4.21 17.89
C1 PCW R . -18.41 19.50 -18.19
C2 PCW R . -19.50 18.58 -18.68
C3 PCW R . -19.53 18.58 -20.21
C4 PCW R . -15.16 21.56 -18.98
C5 PCW R . -14.42 22.84 -18.57
C6 PCW R . -12.86 24.49 -19.27
C7 PCW R . -13.65 22.89 -20.86
C8 PCW R . -15.10 24.64 -20.04
C11 PCW R . -21.74 17.63 -20.91
C12 PCW R . -22.70 16.79 -20.09
C13 PCW R . -24.14 16.96 -20.57
C14 PCW R . -25.08 16.23 -19.61
C15 PCW R . -24.69 14.76 -19.49
C16 PCW R . -25.07 14.20 -18.13
C17 PCW R . -24.60 12.76 -18.00
C18 PCW R . -24.46 12.35 -16.55
C19 PCW R . -23.39 13.19 -15.90
C20 PCW R . -22.99 12.93 -14.67
C21 PCW R . -23.60 11.79 -13.89
C22 PCW R . -22.50 10.84 -13.43
C23 PCW R . -21.66 11.47 -12.32
C24 PCW R . -20.72 10.43 -11.73
C25 PCW R . -20.25 10.84 -10.34
C26 PCW R . -19.50 9.69 -9.67
C27 PCW R . -19.22 10.00 -8.22
C31 PCW R . -20.22 16.83 -17.20
C32 PCW R . -20.57 15.36 -17.09
C33 PCW R . -19.29 14.56 -16.94
C34 PCW R . -19.60 13.09 -16.73
C35 PCW R . -18.31 12.28 -16.68
C36 PCW R . -18.56 10.83 -16.29
C37 PCW R . -17.25 10.06 -16.23
C38 PCW R . -17.48 8.62 -15.81
C39 PCW R . -18.41 7.94 -16.79
N PCW R . -14.02 23.70 -19.69
O2 PCW R . -19.24 17.26 -18.18
O3 PCW R . -20.31 17.48 -20.68
O11 PCW R . -22.13 18.43 -21.75
O31 PCW R . -20.74 17.63 -16.45
O1P PCW R . -17.05 21.66 -16.82
O2P PCW R . -18.32 23.34 -18.36
O3P PCW R . -18.69 20.85 -18.55
O4P PCW R . -16.52 21.83 -19.30
P PCW R . -17.65 22.00 -18.16
C1 PCW S . -24.52 15.95 -24.79
C1 PCW S . -24.59 15.95 -24.91
C2 PCW S . -24.57 14.60 -24.06
C2 PCW S . -24.63 14.63 -24.14
C3 PCW S . -25.82 13.87 -24.49
C3 PCW S . -25.92 13.90 -24.49
C4 PCW S . -27.03 18.91 -26.89
C4 PCW S . -26.86 19.38 -26.59
C5 PCW S . -28.20 18.06 -26.41
C5 PCW S . -27.90 18.31 -26.89
C6 PCW S . -29.38 16.66 -27.98
C6 PCW S . -29.07 20.19 -27.83
C7 PCW S . -27.09 16.13 -27.48
C7 PCW S . -28.07 18.58 -29.25
C8 PCW S . -28.79 15.81 -25.85
C8 PCW S . -29.98 17.95 -27.97
C11 PCW S . -27.33 12.64 -22.95
C11 PCW S . -27.38 12.66 -22.92
C12 PCW S . -26.92 11.94 -21.69
C12 PCW S . -26.97 11.96 -21.66
C13 PCW S . -28.13 11.85 -20.81
C13 PCW S . -28.17 11.89 -20.73
C14 PCW S . -28.47 10.41 -20.53
C14 PCW S . -28.54 10.45 -20.45
C15 PCW S . -27.27 9.68 -19.97
C15 PCW S . -27.31 9.68 -19.99
C16 PCW S . -27.75 8.36 -19.41
C16 PCW S . -27.75 8.35 -19.43
C17 PCW S . -27.29 8.20 -17.97
C17 PCW S . -27.32 8.21 -17.97
C18 PCW S . -28.47 7.81 -17.11
C18 PCW S . -28.50 7.79 -17.12
C19 PCW S . -28.40 6.34 -16.82
C19 PCW S . -28.39 6.31 -16.83
C20 PCW S . -28.16 5.89 -15.60
C20 PCW S . -28.14 5.89 -15.60
C21 PCW S . -27.95 6.81 -14.44
C21 PCW S . -27.96 6.85 -14.46
C22 PCW S . -28.55 6.18 -13.20
C22 PCW S . -28.56 6.24 -13.21
C23 PCW S . -27.54 5.32 -12.48
C23 PCW S . -27.55 5.40 -12.47
C24 PCW S . -27.83 5.30 -11.00
C24 PCW S . -27.89 5.31 -10.99
C25 PCW S . -27.16 4.07 -10.38
C25 PCW S . -27.19 4.10 -10.38
C26 PCW S . -26.01 4.48 -9.49
C26 PCW S . -26.02 4.54 -9.52
C27 PCW S . -25.02 3.34 -9.30
C27 PCW S . -25.09 3.37 -9.21
C31 PCW S . -22.68 13.20 -23.21
C31 PCW S . -22.72 13.35 -23.36
C32 PCW S . -22.54 11.73 -22.93
C32 PCW S . -22.54 11.90 -23.02
C33 PCW S . -23.29 11.38 -21.67
C33 PCW S . -23.29 11.61 -21.73
C34 PCW S . -22.42 10.95 -20.52
C34 PCW S . -22.44 10.91 -20.69
C35 PCW S . -23.34 10.36 -19.47
C35 PCW S . -23.35 10.37 -19.60
C36 PCW S . -22.76 9.13 -18.80
C36 PCW S . -22.74 9.20 -18.87
C37 PCW S . -23.60 8.81 -17.57
C37 PCW S . -23.57 8.88 -17.64
C38 PCW S . -23.08 7.56 -16.87
C38 PCW S . -23.05 7.63 -16.94
C39 PCW S . -23.19 7.72 -15.38
C39 PCW S . -23.23 7.76 -15.45
N PCW S . -28.34 16.67 -26.94
N PCW S . -28.77 18.77 -27.98
O2 PCW S . -23.44 13.74 -24.35
O2 PCW S . -23.54 13.79 -24.50
O3 PCW S . -26.69 13.86 -23.38
O3 PCW S . -26.73 13.89 -23.33
O11 PCW S . -28.23 12.20 -23.62
O11 PCW S . -28.29 12.22 -23.60
O31 PCW S . -22.10 13.94 -22.45
O31 PCW S . -22.16 14.19 -22.68
O1P PCW S . -24.17 18.75 -24.30
O1P PCW S . -24.06 18.74 -24.23
O2P PCW S . -26.55 19.12 -23.84
O2P PCW S . -26.55 19.11 -23.83
O3P PCW S . -25.63 16.81 -24.50
O3P PCW S . -25.64 16.82 -24.49
O4P PCW S . -25.80 18.77 -26.14
O4P PCW S . -25.68 18.75 -26.11
P PCW S . -25.55 18.40 -24.61
P PCW S . -25.47 18.42 -24.57
C1 LPE T . -15.01 3.63 -24.89
O1 LPE T . -15.87 3.61 -23.76
C2 LPE T . -15.80 4.08 -26.12
O2H LPE T . -16.24 5.43 -25.96
C3 LPE T . -14.93 4.00 -27.36
C11 LPE T . -15.45 2.66 -22.79
C12 LPE T . -16.03 3.03 -21.43
O3 LPE T . -14.40 2.68 -27.48
P LPE T . -14.99 1.66 -28.56
O31 LPE T . -15.63 0.51 -27.81
O32 LPE T . -15.76 2.45 -29.58
O33 LPE T . -13.69 1.08 -29.29
C31 LPE T . -13.80 0.56 -30.60
C32 LPE T . -12.76 1.24 -31.47
N LPE T . -12.15 0.25 -32.37
C1N LPE T . -11.69 -0.91 -31.61
C2N LPE T . -13.13 -0.16 -33.37
C3N LPE T . -11.00 0.88 -33.05
C13 LPE T . -15.76 1.94 -20.41
C14 LPE T . -14.28 1.85 -20.10
C15 LPE T . -14.03 1.62 -18.61
C16 LPE T . -12.83 0.70 -18.41
C17 LPE T . -11.81 1.35 -17.48
C18 LPE T . -10.97 0.28 -16.79
C19 LPE T . -9.54 0.77 -16.55
C1 LPE U . -19.67 10.84 -27.97
O1 LPE U . -20.47 10.60 -26.83
C2 LPE U . -20.56 11.17 -29.17
O2H LPE U . -20.68 12.60 -29.24
C3 LPE U . -19.92 10.60 -30.44
C11 LPE U . -20.53 9.21 -26.51
C12 LPE U . -20.12 9.02 -25.06
O3 LPE U . -20.17 11.43 -31.57
P LPE U . -20.51 10.79 -33.01
O31 LPE U . -21.51 9.68 -32.80
O32 LPE U . -20.83 11.92 -33.95
O33 LPE U . -19.11 10.14 -33.48
C31 LPE U . -18.91 9.83 -34.85
C32 LPE U . -19.18 8.34 -35.08
N LPE U . -19.81 8.12 -36.39
C1N LPE U . -20.11 6.68 -36.54
C2N LPE U . -21.06 8.88 -36.49
C3N LPE U . -18.89 8.52 -37.45
C13 LPE U . -19.17 7.84 -24.93
C14 LPE U . -19.61 6.92 -23.79
C15 LPE U . -19.77 7.70 -22.50
C16 LPE U . -20.40 6.82 -21.43
C17 LPE U . -19.40 5.81 -20.91
C18 LPE U . -20.09 4.71 -20.12
C19 LPE U . -20.03 4.99 -18.62
C1 LPE V . -13.52 -13.87 -11.96
O1 LPE V . -12.88 -12.70 -12.47
C2 LPE V . -14.19 -13.49 -10.64
O2H LPE V . -15.49 -12.94 -10.92
C3 LPE V . -14.33 -14.71 -9.75
C11 LPE V . -13.24 -12.43 -13.82
C12 LPE V . -13.87 -11.05 -13.94
O3 LPE V . -15.55 -15.43 -9.95
P LPE V . -16.23 -16.07 -8.65
O31 LPE V . -15.11 -16.45 -7.71
O32 LPE V . -17.32 -15.14 -8.19
O33 LPE V . -16.92 -17.43 -9.16
C31 LPE V . -18.14 -17.88 -8.57
C32 LPE V . -17.90 -18.45 -7.17
N LPE V . -17.58 -19.89 -7.16
C1N LPE V . -18.06 -20.49 -5.92
C2N LPE V . -18.25 -20.58 -8.28
C3N LPE V . -16.13 -20.08 -7.23
C13 LPE V . -12.87 -9.96 -14.33
C14 LPE V . -11.76 -9.77 -13.31
C15 LPE V . -11.19 -8.35 -13.36
C16 LPE V . -10.75 -7.97 -14.77
C17 LPE V . -10.31 -6.52 -14.83
C18 LPE V . -9.86 -6.13 -16.23
C19 LPE V . -9.50 -4.65 -16.28
C1 LPE W . -15.96 -19.92 -11.29
O1 LPE W . -16.03 -18.65 -11.92
C2 LPE W . -14.52 -20.43 -11.30
O2H LPE W . -13.60 -19.42 -10.88
C3 LPE W . -14.43 -21.63 -10.37
C11 LPE W . -17.18 -18.54 -12.75
C12 LPE W . -16.81 -17.77 -14.02
O3 LPE W . -15.06 -22.73 -11.01
P LPE W . -16.16 -23.63 -10.23
O31 LPE W . -17.53 -23.12 -10.60
O32 LPE W . -15.79 -25.07 -10.47
O33 LPE W . -15.89 -23.26 -8.70
C31 LPE W . -15.93 -24.25 -7.69
C32 LPE W . -17.38 -24.60 -7.38
N LPE W . -17.48 -25.97 -6.89
C1N LPE W . -18.87 -26.21 -6.47
C2N LPE W . -17.12 -26.92 -7.94
C3N LPE W . -16.59 -26.13 -5.73
C13 LPE W . -15.67 -16.80 -13.77
C14 LPE W . -15.12 -16.26 -15.08
C15 LPE W . -16.06 -15.20 -15.64
C16 LPE W . -15.26 -14.19 -16.47
C17 LPE W . -16.14 -13.55 -17.53
C18 LPE W . -15.33 -12.59 -18.39
C19 LPE W . -15.49 -11.15 -17.91
C1 LPE X . -13.30 -16.12 -21.88
O1 LPE X . -12.44 -15.02 -22.13
C2 LPE X . -13.33 -16.42 -20.40
O2H LPE X . -14.17 -15.47 -19.74
C3 LPE X . -13.90 -17.81 -20.18
C11 LPE X . -11.90 -15.04 -23.44
C12 LPE X . -10.39 -14.96 -23.34
O3 LPE X . -13.94 -18.10 -18.80
P LPE X . -15.01 -19.18 -18.25
O31 LPE X . -15.32 -20.13 -19.36
O32 LPE X . -16.12 -18.43 -17.55
O33 LPE X . -14.17 -19.97 -17.14
C31 LPE X . -14.84 -20.50 -16.00
C32 LPE X . -15.56 -21.78 -16.42
N LPE X . -15.67 -22.66 -15.26
C1N LPE X . -16.07 -23.99 -15.72
C2N LPE X . -14.40 -22.76 -14.55
C3N LPE X . -16.72 -22.15 -14.36
C13 LPE X . -9.80 -14.23 -24.54
C14 LPE X . -8.68 -13.31 -24.09
C15 LPE X . -8.89 -11.90 -24.64
C16 LPE X . -9.42 -10.95 -23.58
C17 LPE X . -10.79 -10.39 -23.96
C18 LPE X . -10.75 -9.72 -25.32
C19 LPE X . -12.17 -9.46 -25.83
C1 LPE Y . -20.96 16.66 -0.51
O1 LPE Y . -20.12 15.99 0.41
C2 LPE Y . -20.28 17.91 -1.01
O2H LPE Y . -19.72 17.65 -2.29
C3 LPE Y . -21.30 19.04 -1.12
C11 LPE Y . -20.70 15.97 1.71
C12 LPE Y . -20.13 14.79 2.50
O3 LPE Y . -20.69 20.22 -1.66
P LPE Y . -21.04 20.66 -3.17
O31 LPE Y . -19.91 20.20 -4.06
O32 LPE Y . -22.44 20.22 -3.46
O33 LPE Y . -21.01 22.26 -3.09
C31 LPE Y . -21.01 23.06 -4.27
C32 LPE Y . -22.41 23.13 -4.86
N LPE Y . -22.97 24.49 -4.80
C1N LPE Y . -23.46 24.76 -3.45
C2N LPE Y . -21.93 25.47 -5.16
C3N LPE Y . -24.08 24.61 -5.74
C13 LPE Y . -19.22 15.26 3.61
C14 LPE Y . -19.28 14.33 4.82
C15 LPE Y . -18.10 13.37 4.83
C16 LPE Y . -17.26 13.54 6.09
C17 LPE Y . -17.32 12.32 6.98
C18 LPE Y . -16.41 12.48 8.20
C19 LPE Y . -17.20 12.94 9.42
CAA Y01 Z . 23.61 3.26 3.45
CBA Y01 Z . 23.12 4.64 3.01
CAB Y01 Z . 23.46 4.88 1.55
CAN Y01 Z . 23.71 5.73 3.89
CAJ Y01 Z . 23.41 5.62 5.38
CAO Y01 Z . 24.01 4.38 6.04
CBB Y01 Z . 23.71 4.23 7.54
CAC Y01 Z . 22.20 4.10 7.77
CBE Y01 Z . 24.50 3.07 8.15
CAP Y01 Z . 26.03 3.22 7.93
CAQ Y01 Z . 26.72 2.34 8.99
CBG Y01 Z . 25.56 1.75 9.79
CBI Y01 Z . 24.44 2.80 9.67
CAE Y01 Z . 24.75 4.08 10.45
CAU Y01 Z . 23.16 2.14 10.20
CAS Y01 Z . 23.35 1.61 11.63
CBF Y01 Z . 24.53 0.65 11.80
CBD Y01 Z . 25.83 1.25 11.21
CAK Y01 Z . 26.98 0.23 11.23
CAI Y01 Z . 26.99 -0.60 12.47
CAZ Y01 Z . 25.96 -0.76 13.28
CAV Y01 Z . 25.85 -2.00 14.16
CBH Y01 Z . 24.75 0.17 13.26
CAD Y01 Z . 25.04 1.36 14.20
CAT Y01 Z . 23.49 -0.58 13.74
CAR Y01 Z . 23.43 -2.05 13.33
CBC Y01 Z . 24.65 -2.81 13.80
OAW Y01 Z . 24.37 -3.74 14.90
CAY Y01 Z . 24.22 -3.26 16.15
OAG Y01 Z . 24.63 -3.84 17.13
CAM Y01 Z . 23.41 -2.00 16.21
CAL Y01 Z . 23.20 -1.42 17.59
CAX Y01 Z . 22.23 -0.26 17.66
OAH Y01 Z . 22.46 0.76 16.95
OAF Y01 Z . 21.24 -0.35 18.43
CAA Y01 AA . 29.15 -2.78 14.87
CBA Y01 AA . 29.56 -3.67 16.03
CAB Y01 AA . 30.30 -4.90 15.52
CAN Y01 AA . 28.36 -4.06 16.87
CAJ Y01 AA . 28.67 -4.91 18.11
CAO Y01 AA . 29.60 -4.23 19.10
CBB Y01 AA . 29.92 -5.05 20.37
CAC Y01 AA . 30.87 -4.28 21.28
CBE Y01 AA . 28.62 -5.46 21.09
CAP Y01 AA . 28.88 -6.29 22.37
CAQ Y01 AA . 27.67 -6.06 23.30
CBG Y01 AA . 26.71 -5.25 22.45
CBI Y01 AA . 27.63 -4.37 21.58
CAE Y01 AA . 28.37 -3.31 22.40
CAU Y01 AA . 26.74 -3.71 20.52
CAS Y01 AA . 25.59 -2.93 21.15
CBF Y01 AA . 24.72 -3.75 22.11
CBD Y01 AA . 25.57 -4.50 23.14
CAK Y01 AA . 24.69 -5.47 23.95
CAI Y01 AA . 23.37 -4.89 24.32
CAZ Y01 AA . 22.88 -3.75 23.85
CAV Y01 AA . 21.57 -3.20 24.38
CBH Y01 AA . 23.57 -2.93 22.77
CAD Y01 AA . 24.10 -1.63 23.40
CAT Y01 AA . 22.53 -2.58 21.69
CAR Y01 AA . 21.22 -1.99 22.25
CBC Y01 AA . 20.62 -2.90 23.28
OAW Y01 AA . 19.46 -2.25 23.87
CAY Y01 AA . 18.50 -1.80 23.07
OAG Y01 AA . 18.51 -1.94 21.86
CAM Y01 AA . 17.40 -1.09 23.82
CAL Y01 AA . 16.30 -0.49 22.99
CAX Y01 AA . 15.27 0.30 23.77
OAH Y01 AA . 14.61 -0.30 24.66
OAF Y01 AA . 15.11 1.52 23.50
CAA Y01 BA . 14.44 -19.81 -31.05
CBA Y01 BA . 13.50 -18.76 -31.59
CAB Y01 BA . 12.20 -19.38 -32.07
CAN Y01 BA . 14.16 -17.95 -32.71
CAJ Y01 BA . 13.31 -16.85 -33.31
CAO Y01 BA . 12.81 -15.82 -32.30
CBB Y01 BA . 11.89 -14.72 -32.86
CAC Y01 BA . 11.21 -13.96 -31.71
CBE Y01 BA . 12.67 -13.78 -33.81
CAP Y01 BA . 13.32 -14.55 -35.00
CAQ Y01 BA . 13.44 -13.52 -36.16
CBG Y01 BA . 13.01 -12.20 -35.53
CBI Y01 BA . 11.93 -12.62 -34.51
CAE Y01 BA . 10.65 -13.12 -35.20
CAU Y01 BA . 11.63 -11.37 -33.66
CAS Y01 BA . 11.22 -10.18 -34.53
CBF Y01 BA . 12.24 -9.82 -35.62
CBD Y01 BA . 12.63 -11.06 -36.46
CAK Y01 BA . 13.79 -10.72 -37.40
CAI Y01 BA . 13.65 -9.36 -38.03
CAZ Y01 BA . 12.81 -8.41 -37.64
CAV Y01 BA . 12.94 -7.01 -38.17
CBH Y01 BA . 11.79 -8.64 -36.52
CAD Y01 BA . 10.42 -8.92 -37.17
CAT Y01 BA . 11.69 -7.35 -35.66
CAR Y01 BA . 12.94 -6.45 -35.66
CBC Y01 BA . 13.30 -6.04 -37.08
OAW Y01 BA . 12.66 -4.77 -37.39
CAY Y01 BA . 12.97 -4.18 -38.55
OAG Y01 BA . 13.71 -4.66 -39.38
CAM Y01 BA . 12.29 -2.84 -38.70
CAL Y01 BA . 11.37 -2.70 -39.89
CAX Y01 BA . 10.71 -1.34 -40.03
OAH Y01 BA . 9.46 -1.28 -40.01
OAF Y01 BA . 11.46 -0.34 -40.16
CAA Y01 CA . 7.34 -26.01 -39.58
CBA Y01 CA . 7.95 -25.26 -40.75
CAB Y01 CA . 7.13 -25.48 -42.01
CAN Y01 CA . 9.40 -25.68 -40.96
CAJ Y01 CA . 10.14 -24.94 -42.07
CAO Y01 CA . 10.34 -23.45 -41.80
CBB Y01 CA . 11.17 -22.69 -42.85
CAC Y01 CA . 10.50 -22.77 -44.22
CBE Y01 CA . 11.43 -21.24 -42.40
CAP Y01 CA . 12.13 -21.17 -41.02
CAQ Y01 CA . 12.91 -19.83 -40.98
CBG Y01 CA . 12.46 -19.13 -42.27
CBI Y01 CA . 12.27 -20.28 -43.28
CAE Y01 CA . 13.61 -20.95 -43.65
CAU Y01 CA . 11.59 -19.68 -44.50
CAS Y01 CA . 12.39 -18.52 -45.08
CBF Y01 CA . 12.68 -17.40 -44.07
CBD Y01 CA . 13.30 -17.96 -42.77
CAK Y01 CA . 13.38 -16.85 -41.72
CAI Y01 CA . 13.82 -15.54 -42.27
CAZ Y01 CA . 13.93 -15.25 -43.56
CAV Y01 CA . 14.49 -13.93 -44.01
CBH Y01 CA . 13.51 -16.22 -44.66
CAD Y01 CA . 14.78 -16.73 -45.38
CAT Y01 CA . 12.62 -15.45 -45.67
CAR Y01 CA . 13.21 -14.11 -46.12
CBC Y01 CA . 13.55 -13.24 -44.95
OAW Y01 CA . 14.15 -11.97 -45.38
CAY Y01 CA . 15.43 -11.93 -45.81
OAG Y01 CA . 16.15 -10.95 -45.69
CAM Y01 CA . 15.88 -13.20 -46.51
CAL Y01 CA . 17.31 -13.22 -47.02
CAX Y01 CA . 18.37 -13.11 -45.95
OAH Y01 CA . 18.39 -12.08 -45.24
OAF Y01 CA . 19.18 -14.06 -45.82
C1 LPE DA . 7.34 -19.35 -55.58
O1 LPE DA . 7.32 -20.13 -54.40
C2 LPE DA . 8.76 -18.92 -55.89
O2H LPE DA . 9.27 -19.83 -56.88
C3 LPE DA . 8.84 -17.47 -56.40
C11 LPE DA . 7.25 -21.53 -54.70
C12 LPE DA . 7.49 -22.32 -53.44
O3 LPE DA . 7.74 -17.03 -57.22
P LPE DA . 6.57 -16.13 -56.57
O31 LPE DA . 5.31 -16.40 -57.31
O32 LPE DA . 6.56 -16.32 -55.11
O33 LPE DA . 7.08 -14.61 -56.67
C31 LPE DA . 6.67 -13.66 -57.63
C32 LPE DA . 7.35 -14.04 -58.93
N LPE DA . 6.37 -14.03 -60.01
C1N LPE DA . 7.16 -13.97 -61.25
C2N LPE DA . 5.56 -15.24 -60.10
C3N LPE DA . 5.56 -12.83 -60.01
C13 LPE DA . 8.85 -21.99 -52.83
C14 LPE DA . 8.87 -22.40 -51.36
C15 LPE DA . 9.00 -23.92 -51.22
C16 LPE DA . 10.31 -24.31 -50.54
C17 LPE DA . 10.58 -23.46 -49.30
C18 LPE DA . 11.89 -23.82 -48.63
C19 LPE DA . 12.18 -22.89 -47.46
C1 LPE EA . 11.45 -18.56 -50.52
O1 LPE EA . 11.64 -19.83 -49.91
C2 LPE EA . 11.63 -18.71 -52.02
O2H LPE EA . 10.39 -19.05 -52.63
C3 LPE EA . 12.14 -17.41 -52.63
C11 LPE EA . 12.82 -20.47 -50.40
O3 LPE EA . 12.15 -16.32 -51.71
P LPE EA . 12.61 -14.90 -52.28
O31 LPE EA . 13.91 -15.13 -53.00
O32 LPE EA . 11.49 -14.30 -53.08
O33 LPE EA . 12.90 -13.99 -50.98
C31 LPE EA . 14.01 -13.10 -50.94
C32 LPE EA . 13.76 -11.85 -51.78
N LPE EA . 14.95 -11.41 -52.53
C1N LPE EA . 15.07 -9.95 -52.46
C2N LPE EA . 16.18 -11.99 -51.96
C3N LPE EA . 14.83 -11.80 -53.94
C1 LPE FA . 8.08 -13.40 -51.99
O1 LPE FA . 8.44 -14.70 -52.45
C2 LPE FA . 7.54 -12.50 -53.12
O2H LPE FA . 7.97 -12.98 -54.39
C3 LPE FA . 6.03 -12.48 -53.07
C11 LPE FA . 8.24 -15.68 -51.45
C12 LPE FA . 7.62 -16.92 -52.10
O3 LPE FA . 5.55 -11.21 -53.52
P LPE FA . 4.35 -10.42 -52.77
O31 LPE FA . 3.61 -11.36 -51.86
O32 LPE FA . 4.94 -9.15 -52.20
O33 LPE FA . 3.35 -10.03 -53.96
C31 LPE FA . 2.01 -9.63 -53.66
C32 LPE FA . 1.05 -10.30 -54.63
N LPE FA . -0.05 -11.00 -53.95
C1N LPE FA . -0.36 -12.24 -54.65
C2N LPE FA . 0.29 -11.35 -52.56
C3N LPE FA . -1.24 -10.14 -53.96
C13 LPE FA . 7.51 -18.06 -51.10
C14 LPE FA . 6.06 -18.35 -50.75
C15 LPE FA . 5.63 -19.69 -51.31
C16 LPE FA . 4.34 -20.17 -50.66
C17 LPE FA . 4.63 -21.16 -49.54
C18 LPE FA . 3.70 -22.37 -49.64
C19 LPE FA . 4.23 -23.52 -48.79
C1 LPE GA . 4.86 -23.19 -59.33
O1 LPE GA . 5.29 -22.79 -58.04
C2 LPE GA . 6.08 -23.52 -60.18
O2H LPE GA . 6.24 -24.93 -60.31
C3 LPE GA . 5.90 -22.92 -61.56
C11 LPE GA . 6.37 -21.86 -58.10
O3 LPE GA . 7.18 -22.51 -61.98
P LPE GA . 7.95 -23.28 -63.15
O31 LPE GA . 9.43 -23.13 -62.88
O32 LPE GA . 7.34 -24.66 -63.32
O33 LPE GA . 7.57 -22.40 -64.43
C31 LPE GA . 8.17 -22.62 -65.72
C32 LPE GA . 9.22 -21.55 -65.99
N LPE GA . 8.70 -20.41 -66.77
C1N LPE GA . 7.79 -20.87 -67.82
C2N LPE GA . 7.97 -19.48 -65.88
C3N LPE GA . 9.83 -19.71 -67.40
C1 PCW HA . -25.61 8.84 -24.16
C2 PCW HA . -26.47 7.69 -23.65
C3 PCW HA . -27.71 7.56 -24.52
C4 PCW HA . -26.00 11.65 -27.04
C5 PCW HA . -25.24 12.18 -28.25
C6 PCW HA . -27.40 11.70 -29.29
C7 PCW HA . -25.85 13.20 -30.32
C8 PCW HA . -25.37 10.86 -30.25
C11 PCW HA . -29.72 8.89 -25.20
C12 PCW HA . -30.83 7.92 -24.91
C13 PCW HA . -31.17 7.99 -23.43
C14 PCW HA . -31.10 6.60 -22.80
C15 PCW HA . -29.99 6.54 -21.77
C16 PCW HA . -29.81 5.13 -21.24
C17 PCW HA . -31.10 4.61 -20.63
C18 PCW HA . -30.86 4.15 -19.20
C19 PCW HA . -29.82 3.06 -19.21
C20 PCW HA . -29.65 2.27 -18.15
C21 PCW HA . -30.48 2.45 -16.91
C22 PCW HA . -29.56 2.58 -15.70
C23 PCW HA . -29.39 1.24 -15.00
C24 PCW HA . -29.79 1.34 -13.53
C25 PCW HA . -28.72 0.75 -12.62
C26 PCW HA . -29.32 0.28 -11.30
C27 PCW HA . -28.28 -0.49 -10.49
C31 PCW HA . -24.74 6.38 -22.65
C32 PCW HA . -25.15 6.08 -21.22
C33 PCW HA . -25.47 4.61 -21.10
C34 PCW HA . -26.07 4.32 -19.72
C35 PCW HA . -24.99 4.01 -18.71
C36 PCW HA . -25.33 2.73 -17.95
C37 PCW HA . -25.29 2.97 -16.44
C38 PCW HA . -25.27 1.65 -15.68
C39 PCW HA . -24.76 1.87 -14.27
N PCW HA . -25.97 11.98 -29.51
O2 PCW HA . -25.75 6.46 -23.69
O3 PCW HA . -28.46 8.77 -24.50
O11 PCW HA . -29.89 9.79 -26.00
O31 PCW HA . -23.57 6.53 -22.93
O1P PCW HA . -26.48 8.81 -27.26
O2P PCW HA . -23.90 8.96 -27.57
O3P PCW HA . -24.89 8.45 -25.32
O4P PCW HA . -25.17 10.74 -26.32
P PCW HA . -25.13 9.19 -26.72
C1 PCW IA . -40.30 15.59 -29.68
C2 PCW IA . -39.61 14.28 -29.28
C3 PCW IA . -38.18 14.20 -29.84
C4 PCW IA . -40.53 18.83 -33.48
C5 PCW IA . -39.77 20.15 -33.65
C6 PCW IA . -39.73 22.34 -34.64
C7 PCW IA . -40.73 20.51 -35.83
C8 PCW IA . -41.81 21.42 -33.89
C11 PCW IA . -35.88 15.04 -29.40
C12 PCW IA . -34.92 13.88 -29.30
C13 PCW IA . -34.77 13.47 -27.83
C14 PCW IA . -35.05 11.99 -27.66
C15 PCW IA . -34.04 11.34 -26.74
C16 PCW IA . -34.60 11.20 -25.33
C17 PCW IA . -35.94 10.50 -25.33
C18 PCW IA . -35.86 9.15 -24.63
C19 PCW IA . -35.22 9.33 -23.27
C20 PCW IA . -35.35 8.40 -22.33
C21 PCW IA . -36.14 7.13 -22.62
C22 PCW IA . -35.61 6.02 -21.74
C23 PCW IA . -35.78 6.39 -20.27
C24 PCW IA . -36.10 5.16 -19.43
C25 PCW IA . -34.90 4.24 -19.36
C26 PCW IA . -34.60 3.83 -17.92
C27 PCW IA . -35.52 2.71 -17.47
C31 PCW IA . -39.60 12.82 -27.37
C32 PCW IA . -40.88 12.03 -27.33
C33 PCW IA . -41.42 12.01 -25.91
C34 PCW IA . -41.39 10.60 -25.34
C35 PCW IA . -40.31 10.47 -24.28
C36 PCW IA . -39.87 9.03 -24.13
C37 PCW IA . -40.95 8.20 -23.46
C38 PCW IA . -40.34 7.17 -22.51
C39 PCW IA . -41.22 7.04 -21.29
N PCW IA . -40.51 21.10 -34.50
O2 PCW IA . -39.59 14.19 -27.86
O3 PCW IA . -37.26 14.89 -28.99
O11 PCW IA . -35.51 16.12 -29.84
O31 PCW IA . -38.55 12.32 -26.98
O1P PCW IA . -41.78 16.41 -32.05
O2P PCW IA . -39.55 15.66 -33.18
O3P PCW IA . -39.62 16.27 -30.73
O4P PCW IA . -39.90 18.06 -32.46
P PCW IA . -40.29 16.52 -32.17
C P5S JA . -44.38 18.70 -31.74
N P5S JA . -43.60 17.14 -30.05
O P5S JA . -43.24 19.08 -31.87
C1 P5S JA . -46.34 18.78 -22.59
C2 P5S JA . -45.61 17.89 -23.58
C3 P5S JA . -46.44 17.76 -24.86
CA P5S JA . -44.79 17.85 -30.57
CB P5S JA . -45.41 18.74 -29.49
OG P5S JA . -44.69 18.69 -28.26
P12 P5S JA . -45.08 17.63 -27.11
O13 P5S JA . -46.05 16.64 -27.63
O15 P5S JA . -43.75 16.87 -26.64
O16 P5S JA . -45.76 18.44 -25.90
C17 P5S JA . -48.06 18.03 -20.98
O18 P5S JA . -49.16 18.40 -20.62
O19 P5S JA . -47.65 18.28 -22.34
C20 P5S JA . -47.12 17.32 -20.04
C21 P5S JA . -47.88 16.78 -18.83
C22 P5S JA . -46.99 15.82 -18.05
C23 P5S JA . -46.71 14.56 -18.87
C24 P5S JA . -46.22 13.44 -17.98
C25 P5S JA . -44.77 13.67 -17.56
O37 P5S JA . -45.41 16.59 -23.01
C38 P5S JA . -44.37 15.84 -23.69
C39 P5S JA . -44.63 14.44 -24.14
C40 P5S JA . -43.83 13.49 -23.27
C41 P5S JA . -44.44 13.41 -21.88
C42 P5S JA . -43.79 12.28 -21.09
C43 P5S JA . -44.09 10.94 -21.76
C44 P5S JA . -43.86 9.79 -20.80
C45 P5S JA . -44.46 10.08 -19.43
C46 P5S JA . -43.63 9.44 -18.32
O47 P5S JA . -43.29 16.37 -23.89
OXT P5S JA . -45.26 19.06 -32.66
C1 LPE KA . -12.48 -20.78 -44.06
O1 LPE KA . -12.78 -21.93 -43.28
C2 LPE KA . -13.60 -19.76 -43.93
O2H LPE KA . -13.21 -18.76 -43.00
C3 LPE KA . -13.85 -19.14 -45.29
C11 LPE KA . -11.59 -22.56 -42.80
O3 LPE KA . -14.31 -17.79 -45.21
P LPE KA . -13.92 -16.83 -46.43
O31 LPE KA . -12.92 -15.81 -45.98
O32 LPE KA . -13.56 -17.75 -47.57
O33 LPE KA . -15.25 -16.03 -46.82
C31 LPE KA . -15.45 -15.56 -48.14
C32 LPE KA . -14.31 -14.64 -48.56
N LPE KA . -14.01 -14.76 -49.98
C1N LPE KA . -15.25 -14.70 -50.77
C2N LPE KA . -13.13 -13.67 -50.41
C3N LPE KA . -13.35 -16.04 -50.15
C1 NAG LA . -4.57 -49.93 -4.50
C2 NAG LA . -3.16 -49.39 -4.47
C3 NAG LA . -2.29 -50.17 -5.44
C4 NAG LA . -2.39 -51.67 -5.15
C5 NAG LA . -3.85 -52.10 -5.07
C6 NAG LA . -4.00 -53.52 -4.60
C7 NAG LA . -3.46 -47.04 -3.90
C8 NAG LA . -3.39 -45.62 -4.39
N2 NAG LA . -3.14 -47.97 -4.79
O3 NAG LA . -0.94 -49.75 -5.32
O4 NAG LA . -1.73 -52.40 -6.18
O5 NAG LA . -4.56 -51.28 -4.13
O6 NAG LA . -2.76 -54.22 -4.71
O7 NAG LA . -3.82 -47.30 -2.77
C1 NAG MA . -10.09 -65.13 -10.91
C2 NAG MA . -8.88 -65.44 -11.79
C3 NAG MA . -9.15 -66.68 -12.63
C4 NAG MA . -9.57 -67.84 -11.74
C5 NAG MA . -10.76 -67.42 -10.88
C6 NAG MA . -11.19 -68.49 -9.90
C7 NAG MA . -7.97 -63.20 -12.19
C8 NAG MA . -7.69 -62.14 -13.21
N2 NAG MA . -8.54 -64.32 -12.64
O3 NAG MA . -7.97 -67.02 -13.36
O4 NAG MA . -9.94 -68.97 -12.53
O5 NAG MA . -10.41 -66.27 -10.11
O6 NAG MA . -11.78 -69.59 -10.56
O7 NAG MA . -7.70 -63.05 -11.01
C1 NAG NA . -21.93 -66.08 -6.32
C2 NAG NA . -21.04 -67.26 -5.95
C3 NAG NA . -21.81 -68.56 -6.18
C4 NAG NA . -23.13 -68.53 -5.46
C5 NAG NA . -23.91 -67.26 -5.78
C6 NAG NA . -25.16 -67.09 -4.95
C7 NAG NA . -18.60 -67.25 -6.14
C8 NAG NA . -17.43 -67.23 -7.08
N2 NAG NA . -19.81 -67.24 -6.71
O3 NAG NA . -21.02 -69.64 -5.72
O4 NAG NA . -23.92 -69.65 -5.85
O5 NAG NA . -23.10 -66.10 -5.52
O6 NAG NA . -25.85 -65.91 -5.31
O7 NAG NA . -18.47 -67.30 -4.93
C1 NAG OA . -20.68 -41.06 17.56
C2 NAG OA . -20.99 -42.21 16.60
C3 NAG OA . -20.93 -43.52 17.38
C4 NAG OA . -19.63 -43.62 18.16
C5 NAG OA . -19.39 -42.33 18.95
C6 NAG OA . -18.05 -42.27 19.65
C7 NAG OA . -22.90 -42.92 15.19
C8 NAG OA . -24.25 -42.52 14.68
N2 NAG OA . -22.30 -42.02 16.00
O3 NAG OA . -21.06 -44.64 16.51
O4 NAG OA . -19.71 -44.71 19.07
O5 NAG OA . -19.42 -41.21 18.06
O6 NAG OA . -17.85 -40.96 20.16
O7 NAG OA . -22.39 -43.98 14.90
C1 LPE PA . -7.84 -24.76 -55.15
O1 LPE PA . -8.96 -25.38 -54.53
C2 LPE PA . -8.27 -24.24 -56.52
O2H LPE PA . -8.32 -22.81 -56.50
C3 LPE PA . -7.26 -24.69 -57.56
C11 LPE PA . -8.91 -26.80 -54.66
O3 LPE PA . -7.75 -24.33 -58.84
P LPE PA . -7.95 -25.44 -60.00
O31 LPE PA . -9.28 -25.18 -60.65
O32 LPE PA . -7.63 -26.80 -59.45
O33 LPE PA . -6.78 -25.03 -61.03
C31 LPE PA . -7.05 -24.88 -62.42
C32 LPE PA . -5.75 -25.12 -63.17
N LPE PA . -6.00 -25.93 -64.36
C1N LPE PA . -6.97 -25.26 -65.23
C2N LPE PA . -4.74 -26.13 -65.09
C3N LPE PA . -6.53 -27.25 -63.97
C1 NAG QA . -6.39 -6.64 50.12
C2 NAG QA . -5.75 -7.78 49.34
C3 NAG QA . -4.29 -7.92 49.75
C4 NAG QA . -3.57 -6.59 49.51
C5 NAG QA . -4.31 -5.47 50.26
C6 NAG QA . -3.73 -4.11 50.01
C7 NAG QA . -7.11 -9.65 48.55
C8 NAG QA . -7.78 -10.94 48.91
N2 NAG QA . -6.46 -9.03 49.54
O3 NAG QA . -3.67 -8.96 49.02
O4 NAG QA . -2.23 -6.67 49.97
O5 NAG QA . -5.68 -5.43 49.85
O6 NAG QA . -2.73 -3.79 50.97
O7 NAG QA . -7.16 -9.19 47.41
#